data_7JI8
# 
_entry.id   7JI8 
# 
_audit_conform.dict_name       mmcif_pdbx.dic 
_audit_conform.dict_version    5.380 
_audit_conform.dict_location   http://mmcif.pdb.org/dictionaries/ascii/mmcif_pdbx.dic 
# 
loop_
_database_2.database_id 
_database_2.database_code 
_database_2.pdbx_database_accession 
_database_2.pdbx_DOI 
PDB   7JI8         pdb_00007ji8 10.2210/pdb7ji8/pdb 
WWPDB D_1000250823 ?            ?                   
# 
_pdbx_database_status.status_code                     REL 
_pdbx_database_status.status_code_sf                  REL 
_pdbx_database_status.status_code_mr                  ? 
_pdbx_database_status.entry_id                        7JI8 
_pdbx_database_status.recvd_initial_deposition_date   2020-07-22 
_pdbx_database_status.SG_entry                        N 
_pdbx_database_status.deposit_site                    RCSB 
_pdbx_database_status.process_site                    RCSB 
_pdbx_database_status.status_code_cs                  ? 
_pdbx_database_status.status_code_nmr_data            ? 
_pdbx_database_status.methods_development_category    ? 
_pdbx_database_status.pdb_format_compatible           Y 
# 
loop_
_audit_author.name 
_audit_author.pdbx_ordinal 
_audit_author.identifier_ORCID 
'Simmons, C.R.'      1 0000-0002-2290-6132 
'MacCulloch, T.'     2 0000-0001-5875-3361 
'Stephanopoulos, N.' 3 0000-0001-7859-410X 
'Yan, H.'            4 0000-0001-7397-9852 
# 
_citation.abstract                  ? 
_citation.abstract_id_CAS           ? 
_citation.book_id_ISBN              ? 
_citation.book_publisher            ? 
_citation.book_publisher_city       ? 
_citation.book_title                ? 
_citation.coordinate_linkage        ? 
_citation.country                   UK 
_citation.database_id_Medline       ? 
_citation.details                   ? 
_citation.id                        primary 
_citation.journal_abbrev            'Nat Commun' 
_citation.journal_id_ASTM           ? 
_citation.journal_id_CSD            ? 
_citation.journal_id_ISSN           2041-1723 
_citation.journal_full              ? 
_citation.journal_issue             ? 
_citation.journal_volume            13 
_citation.language                  ? 
_citation.page_first                3112 
_citation.page_last                 3112 
_citation.title                     'The influence of Holliday junction sequence and dynamics on DNA crystal self-assembly.' 
_citation.year                      2022 
_citation.database_id_CSD           ? 
_citation.pdbx_database_id_DOI      10.1038/s41467-022-30779-6 
_citation.pdbx_database_id_PubMed   35662248 
_citation.unpublished_flag          ? 
# 
loop_
_citation_author.citation_id 
_citation_author.name 
_citation_author.ordinal 
_citation_author.identifier_ORCID 
primary 'Simmons, C.R.'      1  ?                   
primary 'MacCulloch, T.'     2  ?                   
primary 'Krepl, M.'          3  0000-0002-9833-4281 
primary 'Matthies, M.'       4  ?                   
primary 'Buchberger, A.'     5  ?                   
primary 'Crawford, I.'       6  ?                   
primary 'Sponer, J.'         7  0000-0001-6558-6186 
primary 'Sulc, P.'           8  0000-0003-1565-6769 
primary 'Stephanopoulos, N.' 9  0000-0001-7859-410X 
primary 'Yan, H.'            10 0000-0001-7397-9852 
# 
_cell.angle_alpha                  90.000 
_cell.angle_alpha_esd              ? 
_cell.angle_beta                   90.000 
_cell.angle_beta_esd               ? 
_cell.angle_gamma                  120.000 
_cell.angle_gamma_esd              ? 
_cell.entry_id                     7JI8 
_cell.details                      ? 
_cell.formula_units_Z              ? 
_cell.length_a                     113.109 
_cell.length_a_esd                 ? 
_cell.length_b                     113.109 
_cell.length_b_esd                 ? 
_cell.length_c                     50.385 
_cell.length_c_esd                 ? 
_cell.volume                       ? 
_cell.volume_esd                   ? 
_cell.Z_PDB                        9 
_cell.reciprocal_angle_alpha       ? 
_cell.reciprocal_angle_beta        ? 
_cell.reciprocal_angle_gamma       ? 
_cell.reciprocal_angle_alpha_esd   ? 
_cell.reciprocal_angle_beta_esd    ? 
_cell.reciprocal_angle_gamma_esd   ? 
_cell.reciprocal_length_a          ? 
_cell.reciprocal_length_b          ? 
_cell.reciprocal_length_c          ? 
_cell.reciprocal_length_a_esd      ? 
_cell.reciprocal_length_b_esd      ? 
_cell.reciprocal_length_c_esd      ? 
_cell.pdbx_unique_axis             ? 
# 
_symmetry.entry_id                         7JI8 
_symmetry.cell_setting                     ? 
_symmetry.Int_Tables_number                146 
_symmetry.space_group_name_Hall            ? 
_symmetry.space_group_name_H-M             'H 3' 
_symmetry.pdbx_full_space_group_name_H-M   ? 
# 
loop_
_entity.id 
_entity.type 
_entity.src_method 
_entity.pdbx_description 
_entity.formula_weight 
_entity.pdbx_number_of_molecules 
_entity.pdbx_ec 
_entity.pdbx_mutation 
_entity.pdbx_fragment 
_entity.details 
1 polymer     syn 
;DNA (5'-D(*GP*AP*AP*CP*GP*AP*CP*AP*CP*AP*GP*A)-3')
;
3689.446 1 ? ? ? ? 
2 polymer     syn 
;DNA (5'-D(P*CP*GP*GP*CP*GP*AP*CP*TP*C)-3')
;
2716.787 1 ? ? ? ? 
3 polymer     syn 
;DNA (5'-D(P*TP*CP*TP*CP*CP*G)-3')
;
1760.179 1 ? ? ? ? 
4 polymer     syn 
;DNA (5'-D(*TP*CP*GP*AP*GP*TP*CP*GP*GP*TP*GP*TP*CP*GP*T)-3')
;
4631.993 1 ? ? ? ? 
5 non-polymer syn 'CACODYLATE ION'                                              136.989  1 ? ? ? ? 
# 
loop_
_entity_poly.entity_id 
_entity_poly.type 
_entity_poly.nstd_linkage 
_entity_poly.nstd_monomer 
_entity_poly.pdbx_seq_one_letter_code 
_entity_poly.pdbx_seq_one_letter_code_can 
_entity_poly.pdbx_strand_id 
_entity_poly.pdbx_target_identifier 
1 polydeoxyribonucleotide no no '(DG)(DA)(DA)(DC)(DG)(DA)(DC)(DA)(DC)(DA)(DG)(DA)'             GAACGACACAGA    A ? 
2 polydeoxyribonucleotide no no '(DC)(DG)(DG)(DC)(DG)(DA)(DC)(DT)(DC)'                         CGGCGACTC       B ? 
3 polydeoxyribonucleotide no no '(DT)(DC)(DT)(DC)(DC)(DG)'                                     TCTCCG          C ? 
4 polydeoxyribonucleotide no no '(DT)(DC)(DG)(DA)(DG)(DT)(DC)(DG)(DG)(DT)(DG)(DT)(DC)(DG)(DT)' TCGAGTCGGTGTCGT D ? 
# 
loop_
_entity_poly_seq.entity_id 
_entity_poly_seq.num 
_entity_poly_seq.mon_id 
_entity_poly_seq.hetero 
1 1  DG n 
1 2  DA n 
1 3  DA n 
1 4  DC n 
1 5  DG n 
1 6  DA n 
1 7  DC n 
1 8  DA n 
1 9  DC n 
1 10 DA n 
1 11 DG n 
1 12 DA n 
2 1  DC n 
2 2  DG n 
2 3  DG n 
2 4  DC n 
2 5  DG n 
2 6  DA n 
2 7  DC n 
2 8  DT n 
2 9  DC n 
3 1  DT n 
3 2  DC n 
3 3  DT n 
3 4  DC n 
3 5  DC n 
3 6  DG n 
4 1  DT n 
4 2  DC n 
4 3  DG n 
4 4  DA n 
4 5  DG n 
4 6  DT n 
4 7  DC n 
4 8  DG n 
4 9  DG n 
4 10 DT n 
4 11 DG n 
4 12 DT n 
4 13 DC n 
4 14 DG n 
4 15 DT n 
# 
loop_
_pdbx_entity_src_syn.entity_id 
_pdbx_entity_src_syn.pdbx_src_id 
_pdbx_entity_src_syn.pdbx_alt_source_flag 
_pdbx_entity_src_syn.pdbx_beg_seq_num 
_pdbx_entity_src_syn.pdbx_end_seq_num 
_pdbx_entity_src_syn.organism_scientific 
_pdbx_entity_src_syn.organism_common_name 
_pdbx_entity_src_syn.ncbi_taxonomy_id 
_pdbx_entity_src_syn.details 
1 1 sample 1 12 'synthetic construct' ? 32630 ? 
2 1 sample 1 9  'synthetic construct' ? 32630 ? 
3 1 sample 1 6  'synthetic construct' ? 32630 ? 
4 1 sample 1 15 'synthetic construct' ? 32630 ? 
# 
loop_
_struct_ref.id 
_struct_ref.db_name 
_struct_ref.db_code 
_struct_ref.pdbx_db_accession 
_struct_ref.pdbx_db_isoform 
_struct_ref.entity_id 
_struct_ref.pdbx_seq_one_letter_code 
_struct_ref.pdbx_align_begin 
1 PDB 7JI8 7JI8 ? 1 ? 1 
2 PDB 7JI8 7JI8 ? 2 ? 1 
3 PDB 7JI8 7JI8 ? 3 ? 1 
4 PDB 7JI8 7JI8 ? 4 ? 1 
# 
loop_
_struct_ref_seq.align_id 
_struct_ref_seq.ref_id 
_struct_ref_seq.pdbx_PDB_id_code 
_struct_ref_seq.pdbx_strand_id 
_struct_ref_seq.seq_align_beg 
_struct_ref_seq.pdbx_seq_align_beg_ins_code 
_struct_ref_seq.seq_align_end 
_struct_ref_seq.pdbx_seq_align_end_ins_code 
_struct_ref_seq.pdbx_db_accession 
_struct_ref_seq.db_align_beg 
_struct_ref_seq.pdbx_db_align_beg_ins_code 
_struct_ref_seq.db_align_end 
_struct_ref_seq.pdbx_db_align_end_ins_code 
_struct_ref_seq.pdbx_auth_seq_align_beg 
_struct_ref_seq.pdbx_auth_seq_align_end 
1 1 7JI8 A 1 ? 12 ? 7JI8 1  ? 12 ? 1  12 
2 2 7JI8 B 1 ? 9  ? 7JI8 12 ? 20 ? 12 20 
3 3 7JI8 C 1 ? 6  ? 7JI8 0  ? 5  ? 0  5  
4 4 7JI8 D 1 ? 15 ? 7JI8 2  ? 16 ? 2  16 
# 
loop_
_chem_comp.id 
_chem_comp.type 
_chem_comp.mon_nstd_flag 
_chem_comp.name 
_chem_comp.pdbx_synonyms 
_chem_comp.formula 
_chem_comp.formula_weight 
CAC non-polymer   . 'CACODYLATE ION'                     dimethylarsinate 'C2 H6 As O2 -1'  136.989 
DA  'DNA linking' y "2'-DEOXYADENOSINE-5'-MONOPHOSPHATE" ?                'C10 H14 N5 O6 P' 331.222 
DC  'DNA linking' y "2'-DEOXYCYTIDINE-5'-MONOPHOSPHATE"  ?                'C9 H14 N3 O7 P'  307.197 
DG  'DNA linking' y "2'-DEOXYGUANOSINE-5'-MONOPHOSPHATE" ?                'C10 H14 N5 O7 P' 347.221 
DT  'DNA linking' y "THYMIDINE-5'-MONOPHOSPHATE"         ?                'C10 H15 N2 O8 P' 322.208 
# 
_exptl.absorpt_coefficient_mu     ? 
_exptl.absorpt_correction_T_max   ? 
_exptl.absorpt_correction_T_min   ? 
_exptl.absorpt_correction_type    ? 
_exptl.absorpt_process_details    ? 
_exptl.entry_id                   7JI8 
_exptl.crystals_number            1 
_exptl.details                    ? 
_exptl.method                     'X-RAY DIFFRACTION' 
_exptl.method_details             ? 
# 
_exptl_crystal.colour                      ? 
_exptl_crystal.density_diffrn              ? 
_exptl_crystal.density_Matthews            4.85 
_exptl_crystal.density_method              ? 
_exptl_crystal.density_percent_sol         74.62 
_exptl_crystal.description                 ? 
_exptl_crystal.F_000                       ? 
_exptl_crystal.id                          1 
_exptl_crystal.preparation                 ? 
_exptl_crystal.size_max                    ? 
_exptl_crystal.size_mid                    ? 
_exptl_crystal.size_min                    ? 
_exptl_crystal.size_rad                    ? 
_exptl_crystal.colour_lustre               ? 
_exptl_crystal.colour_modifier             ? 
_exptl_crystal.colour_primary              ? 
_exptl_crystal.density_meas                ? 
_exptl_crystal.density_meas_esd            ? 
_exptl_crystal.density_meas_gt             ? 
_exptl_crystal.density_meas_lt             ? 
_exptl_crystal.density_meas_temp           ? 
_exptl_crystal.density_meas_temp_esd       ? 
_exptl_crystal.density_meas_temp_gt        ? 
_exptl_crystal.density_meas_temp_lt        ? 
_exptl_crystal.pdbx_crystal_image_url      ? 
_exptl_crystal.pdbx_crystal_image_format   ? 
_exptl_crystal.pdbx_mosaicity              ? 
_exptl_crystal.pdbx_mosaicity_esd          ? 
# 
_exptl_crystal_grow.apparatus       ? 
_exptl_crystal_grow.atmosphere      ? 
_exptl_crystal_grow.crystal_id      1 
_exptl_crystal_grow.details         ? 
_exptl_crystal_grow.method          'VAPOR DIFFUSION, SITTING DROP' 
_exptl_crystal_grow.method_ref      ? 
_exptl_crystal_grow.pH              ? 
_exptl_crystal_grow.pressure        ? 
_exptl_crystal_grow.pressure_esd    ? 
_exptl_crystal_grow.seeding         ? 
_exptl_crystal_grow.seeding_ref     ? 
_exptl_crystal_grow.temp            298 
_exptl_crystal_grow.temp_details    'temperature gradient generated from 60 to 25 C at 0.3 degrees per hour' 
_exptl_crystal_grow.temp_esd        ? 
_exptl_crystal_grow.time            ? 
_exptl_crystal_grow.pdbx_details    
;0.5 mL of 0.05 M Cacodylate pH 7.0 with 20 mM MgCl2, 1.0 mM spermine, 1.0 mM CoH18N6, and 15% ethanol was added to the reservoir with 2 uL added to the drop containing 4 uL of DNA stock
;
_exptl_crystal_grow.pdbx_pH_range   ? 
# 
_diffrn.ambient_environment              ? 
_diffrn.ambient_temp                     100 
_diffrn.ambient_temp_details             ? 
_diffrn.ambient_temp_esd                 ? 
_diffrn.crystal_id                       1 
_diffrn.crystal_support                  ? 
_diffrn.crystal_treatment                ? 
_diffrn.details                          ? 
_diffrn.id                               1 
_diffrn.ambient_pressure                 ? 
_diffrn.ambient_pressure_esd             ? 
_diffrn.ambient_pressure_gt              ? 
_diffrn.ambient_pressure_lt              ? 
_diffrn.ambient_temp_gt                  ? 
_diffrn.ambient_temp_lt                  ? 
_diffrn.pdbx_serial_crystal_experiment   N 
# 
_diffrn_detector.details                      ? 
_diffrn_detector.detector                     PIXEL 
_diffrn_detector.diffrn_id                    1 
_diffrn_detector.type                         'DECTRIS PILATUS3 6M' 
_diffrn_detector.area_resol_mean              ? 
_diffrn_detector.dtime                        ? 
_diffrn_detector.pdbx_frames_total            ? 
_diffrn_detector.pdbx_collection_time_total   ? 
_diffrn_detector.pdbx_collection_date         2018-08-15 
_diffrn_detector.pdbx_frequency               ? 
# 
_diffrn_radiation.collimation                      ? 
_diffrn_radiation.diffrn_id                        1 
_diffrn_radiation.filter_edge                      ? 
_diffrn_radiation.inhomogeneity                    ? 
_diffrn_radiation.monochromator                    ? 
_diffrn_radiation.polarisn_norm                    ? 
_diffrn_radiation.polarisn_ratio                   ? 
_diffrn_radiation.probe                            ? 
_diffrn_radiation.type                             ? 
_diffrn_radiation.xray_symbol                      ? 
_diffrn_radiation.wavelength_id                    1 
_diffrn_radiation.pdbx_monochromatic_or_laue_m_l   M 
_diffrn_radiation.pdbx_wavelength_list             ? 
_diffrn_radiation.pdbx_wavelength                  ? 
_diffrn_radiation.pdbx_diffrn_protocol             'SINGLE WAVELENGTH' 
_diffrn_radiation.pdbx_analyzer                    ? 
_diffrn_radiation.pdbx_scattering_type             x-ray 
# 
_diffrn_radiation_wavelength.id           1 
_diffrn_radiation_wavelength.wavelength   0.92 
_diffrn_radiation_wavelength.wt           1.0 
# 
_diffrn_source.current                     ? 
_diffrn_source.details                     ? 
_diffrn_source.diffrn_id                   1 
_diffrn_source.power                       ? 
_diffrn_source.size                        ? 
_diffrn_source.source                      SYNCHROTRON 
_diffrn_source.target                      ? 
_diffrn_source.type                        'APS BEAMLINE 19-ID' 
_diffrn_source.voltage                     ? 
_diffrn_source.take-off_angle              ? 
_diffrn_source.pdbx_wavelength_list        0.92 
_diffrn_source.pdbx_wavelength             ? 
_diffrn_source.pdbx_synchrotron_beamline   19-ID 
_diffrn_source.pdbx_synchrotron_site       APS 
# 
_reflns.B_iso_Wilson_estimate            108.220 
_reflns.entry_id                         7JI8 
_reflns.data_reduction_details           ? 
_reflns.data_reduction_method            ? 
_reflns.d_resolution_high                2.950 
_reflns.d_resolution_low                 50.000 
_reflns.details                          ? 
_reflns.limit_h_max                      ? 
_reflns.limit_h_min                      ? 
_reflns.limit_k_max                      ? 
_reflns.limit_k_min                      ? 
_reflns.limit_l_max                      ? 
_reflns.limit_l_min                      ? 
_reflns.number_all                       ? 
_reflns.number_obs                       4983 
_reflns.observed_criterion               ? 
_reflns.observed_criterion_F_max         ? 
_reflns.observed_criterion_F_min         ? 
_reflns.observed_criterion_I_max         ? 
_reflns.observed_criterion_I_min         ? 
_reflns.observed_criterion_sigma_F       ? 
_reflns.observed_criterion_sigma_I       ? 
_reflns.percent_possible_obs             98.500 
_reflns.R_free_details                   ? 
_reflns.Rmerge_F_all                     ? 
_reflns.Rmerge_F_obs                     ? 
_reflns.Friedel_coverage                 ? 
_reflns.number_gt                        ? 
_reflns.threshold_expression             ? 
_reflns.pdbx_redundancy                  10.100 
_reflns.pdbx_Rmerge_I_obs                0.087 
_reflns.pdbx_Rmerge_I_all                ? 
_reflns.pdbx_Rsym_value                  ? 
_reflns.pdbx_netI_over_av_sigmaI         ? 
_reflns.pdbx_netI_over_sigmaI            9.000 
_reflns.pdbx_res_netI_over_av_sigmaI_2   ? 
_reflns.pdbx_res_netI_over_sigmaI_2      ? 
_reflns.pdbx_chi_squared                 3.730 
_reflns.pdbx_scaling_rejects             ? 
_reflns.pdbx_d_res_high_opt              ? 
_reflns.pdbx_d_res_low_opt               ? 
_reflns.pdbx_d_res_opt_method            ? 
_reflns.phase_calculation_details        ? 
_reflns.pdbx_Rrim_I_all                  0.091 
_reflns.pdbx_Rpim_I_all                  0.029 
_reflns.pdbx_d_opt                       ? 
_reflns.pdbx_number_measured_all         ? 
_reflns.pdbx_diffrn_id                   1 
_reflns.pdbx_ordinal                     1 
_reflns.pdbx_CC_half                     1 
_reflns.pdbx_CC_star                     ? 
_reflns.pdbx_R_split                     ? 
# 
loop_
_reflns_shell.d_res_high 
_reflns_shell.d_res_low 
_reflns_shell.meanI_over_sigI_all 
_reflns_shell.meanI_over_sigI_obs 
_reflns_shell.number_measured_all 
_reflns_shell.number_measured_obs 
_reflns_shell.number_possible 
_reflns_shell.number_unique_all 
_reflns_shell.number_unique_obs 
_reflns_shell.percent_possible_all 
_reflns_shell.percent_possible_obs 
_reflns_shell.Rmerge_F_all 
_reflns_shell.Rmerge_F_obs 
_reflns_shell.Rmerge_I_all 
_reflns_shell.Rmerge_I_obs 
_reflns_shell.meanI_over_sigI_gt 
_reflns_shell.meanI_over_uI_all 
_reflns_shell.meanI_over_uI_gt 
_reflns_shell.number_measured_gt 
_reflns_shell.number_unique_gt 
_reflns_shell.percent_possible_gt 
_reflns_shell.Rmerge_F_gt 
_reflns_shell.Rmerge_I_gt 
_reflns_shell.pdbx_redundancy 
_reflns_shell.pdbx_Rsym_value 
_reflns_shell.pdbx_chi_squared 
_reflns_shell.pdbx_netI_over_sigmaI_all 
_reflns_shell.pdbx_netI_over_sigmaI_obs 
_reflns_shell.pdbx_Rrim_I_all 
_reflns_shell.pdbx_Rpim_I_all 
_reflns_shell.pdbx_rejects 
_reflns_shell.pdbx_ordinal 
_reflns_shell.pdbx_diffrn_id 
_reflns_shell.pdbx_CC_half 
_reflns_shell.pdbx_CC_star 
_reflns_shell.pdbx_R_split 
2.950 3.000  ? ? ? ? ? ? 212 87.600  ? ? ? ? 1.055 ? ? ? ? ? ? ? ? 7.300  ? 0.479  ? ? 1.130 0.392 ? 1  1 0.786 ? ? 
3.000 3.060  ? ? ? ? ? ? 253 93.000  ? ? ? ? 0.503 ? ? ? ? ? ? ? ? 7.800  ? 0.515  ? ? 0.537 0.184 ? 2  1 0.958 ? ? 
3.060 3.110  ? ? ? ? ? ? 221 94.800  ? ? ? ? 0.228 ? ? ? ? ? ? ? ? 9.200  ? 0.657  ? ? 0.240 0.075 ? 3  1 0.994 ? ? 
3.110 3.180  ? ? ? ? ? ? 250 96.900  ? ? ? ? 0.154 ? ? ? ? ? ? ? ? 9.800  ? 1.072  ? ? 0.162 0.049 ? 4  1 0.993 ? ? 
3.180 3.250  ? ? ? ? ? ? 247 100.000 ? ? ? ? 0.121 ? ? ? ? ? ? ? ? 10.100 ? 1.467  ? ? 0.127 0.039 ? 5  1 0.997 ? ? 
3.250 3.320  ? ? ? ? ? ? 270 100.000 ? ? ? ? 0.124 ? ? ? ? ? ? ? ? 10.600 ? 1.133  ? ? 0.130 0.039 ? 6  1 0.997 ? ? 
3.320 3.410  ? ? ? ? ? ? 238 100.000 ? ? ? ? 0.121 ? ? ? ? ? ? ? ? 10.400 ? 3.060  ? ? 0.128 0.041 ? 7  1 0.996 ? ? 
3.410 3.500  ? ? ? ? ? ? 261 100.000 ? ? ? ? 0.104 ? ? ? ? ? ? ? ? 10.500 ? 1.163  ? ? 0.109 0.033 ? 8  1 0.997 ? ? 
3.500 3.600  ? ? ? ? ? ? 248 99.200  ? ? ? ? 0.108 ? ? ? ? ? ? ? ? 10.300 ? 1.521  ? ? 0.114 0.035 ? 9  1 0.998 ? ? 
3.600 3.720  ? ? ? ? ? ? 249 100.000 ? ? ? ? 0.103 ? ? ? ? ? ? ? ? 9.400  ? 0.944  ? ? 0.108 0.035 ? 10 1 0.997 ? ? 
3.720 3.850  ? ? ? ? ? ? 264 100.000 ? ? ? ? 0.122 ? ? ? ? ? ? ? ? 10.000 ? 1.217  ? ? 0.129 0.041 ? 11 1 0.994 ? ? 
3.850 4.000  ? ? ? ? ? ? 249 100.000 ? ? ? ? 0.089 ? ? ? ? ? ? ? ? 10.700 ? 1.010  ? ? 0.093 0.029 ? 12 1 0.997 ? ? 
4.000 4.190  ? ? ? ? ? ? 252 100.000 ? ? ? ? 0.088 ? ? ? ? ? ? ? ? 10.700 ? 1.875  ? ? 0.093 0.029 ? 13 1 0.993 ? ? 
4.190 4.410  ? ? ? ? ? ? 253 99.600  ? ? ? ? 0.084 ? ? ? ? ? ? ? ? 10.900 ? 2.498  ? ? 0.089 0.027 ? 14 1 0.980 ? ? 
4.410 4.680  ? ? ? ? ? ? 249 100.000 ? ? ? ? 0.079 ? ? ? ? ? ? ? ? 10.700 ? 2.386  ? ? 0.083 0.025 ? 15 1 0.990 ? ? 
4.680 5.040  ? ? ? ? ? ? 255 99.600  ? ? ? ? 0.078 ? ? ? ? ? ? ? ? 9.700  ? 3.959  ? ? 0.082 0.026 ? 16 1 0.985 ? ? 
5.040 5.550  ? ? ? ? ? ? 252 100.000 ? ? ? ? 0.072 ? ? ? ? ? ? ? ? 11.200 ? 6.265  ? ? 0.075 0.022 ? 17 1 0.983 ? ? 
5.550 6.350  ? ? ? ? ? ? 251 100.000 ? ? ? ? 0.073 ? ? ? ? ? ? ? ? 10.700 ? 9.637  ? ? 0.076 0.023 ? 18 1 0.981 ? ? 
6.350 8.000  ? ? ? ? ? ? 257 100.000 ? ? ? ? 0.063 ? ? ? ? ? ? ? ? 10.000 ? 12.667 ? ? 0.067 0.021 ? 19 1 0.986 ? ? 
8.000 50.000 ? ? ? ? ? ? 252 98.800  ? ? ? ? 0.088 ? ? ? ? ? ? ? ? 10.600 ? 17.416 ? ? 0.093 0.029 ? 20 1 0.978 ? ? 
# 
_refine.aniso_B[1][1]                            ? 
_refine.aniso_B[1][2]                            ? 
_refine.aniso_B[1][3]                            ? 
_refine.aniso_B[2][2]                            ? 
_refine.aniso_B[2][3]                            ? 
_refine.aniso_B[3][3]                            ? 
_refine.B_iso_max                                275.220 
_refine.B_iso_mean                               91.6478 
_refine.B_iso_min                                61.220 
_refine.correlation_coeff_Fo_to_Fc               ? 
_refine.correlation_coeff_Fo_to_Fc_free          ? 
_refine.details                                  ? 
_refine.diff_density_max                         ? 
_refine.diff_density_max_esd                     ? 
_refine.diff_density_min                         ? 
_refine.diff_density_min_esd                     ? 
_refine.diff_density_rms                         ? 
_refine.diff_density_rms_esd                     ? 
_refine.entry_id                                 7JI8 
_refine.pdbx_refine_id                           'X-RAY DIFFRACTION' 
_refine.ls_abs_structure_details                 ? 
_refine.ls_abs_structure_Flack                   ? 
_refine.ls_abs_structure_Flack_esd               ? 
_refine.ls_abs_structure_Rogers                  ? 
_refine.ls_abs_structure_Rogers_esd              ? 
_refine.ls_d_res_high                            2.9500 
_refine.ls_d_res_low                             35.1190 
_refine.ls_extinction_coef                       ? 
_refine.ls_extinction_coef_esd                   ? 
_refine.ls_extinction_expression                 ? 
_refine.ls_extinction_method                     ? 
_refine.ls_goodness_of_fit_all                   ? 
_refine.ls_goodness_of_fit_all_esd               ? 
_refine.ls_goodness_of_fit_obs                   ? 
_refine.ls_goodness_of_fit_obs_esd               ? 
_refine.ls_hydrogen_treatment                    ? 
_refine.ls_matrix_type                           ? 
_refine.ls_number_constraints                    ? 
_refine.ls_number_parameters                     ? 
_refine.ls_number_reflns_all                     ? 
_refine.ls_number_reflns_obs                     4859 
_refine.ls_number_reflns_R_free                  484 
_refine.ls_number_reflns_R_work                  4375 
_refine.ls_number_restraints                     ? 
_refine.ls_percent_reflns_obs                    96.0700 
_refine.ls_percent_reflns_R_free                 9.9600 
_refine.ls_R_factor_all                          ? 
_refine.ls_R_factor_obs                          0.2573 
_refine.ls_R_factor_R_free                       0.2814 
_refine.ls_R_factor_R_free_error                 ? 
_refine.ls_R_factor_R_free_error_details         ? 
_refine.ls_R_factor_R_work                       0.2546 
_refine.ls_R_Fsqd_factor_obs                     ? 
_refine.ls_R_I_factor_obs                        ? 
_refine.ls_redundancy_reflns_all                 ? 
_refine.ls_redundancy_reflns_obs                 ? 
_refine.ls_restrained_S_all                      ? 
_refine.ls_restrained_S_obs                      ? 
_refine.ls_shift_over_esd_max                    ? 
_refine.ls_shift_over_esd_mean                   ? 
_refine.ls_structure_factor_coef                 ? 
_refine.ls_weighting_details                     ? 
_refine.ls_weighting_scheme                      ? 
_refine.ls_wR_factor_all                         ? 
_refine.ls_wR_factor_obs                         ? 
_refine.ls_wR_factor_R_free                      ? 
_refine.ls_wR_factor_R_work                      ? 
_refine.occupancy_max                            ? 
_refine.occupancy_min                            ? 
_refine.solvent_model_details                    'FLAT BULK SOLVENT MODEL' 
_refine.solvent_model_param_bsol                 ? 
_refine.solvent_model_param_ksol                 ? 
_refine.pdbx_R_complete                          ? 
_refine.ls_R_factor_gt                           ? 
_refine.ls_goodness_of_fit_gt                    ? 
_refine.ls_goodness_of_fit_ref                   ? 
_refine.ls_shift_over_su_max                     ? 
_refine.ls_shift_over_su_max_lt                  ? 
_refine.ls_shift_over_su_mean                    ? 
_refine.ls_shift_over_su_mean_lt                 ? 
_refine.pdbx_ls_sigma_I                          ? 
_refine.pdbx_ls_sigma_F                          1.990 
_refine.pdbx_ls_sigma_Fsqd                       ? 
_refine.pdbx_data_cutoff_high_absF               ? 
_refine.pdbx_data_cutoff_high_rms_absF           ? 
_refine.pdbx_data_cutoff_low_absF                ? 
_refine.pdbx_isotropic_thermal_model             ? 
_refine.pdbx_ls_cross_valid_method               THROUGHOUT 
_refine.pdbx_method_to_determine_struct          'MOLECULAR REPLACEMENT' 
_refine.pdbx_starting_model                      6XNA 
_refine.pdbx_stereochemistry_target_values       ML 
_refine.pdbx_R_Free_selection_details            ? 
_refine.pdbx_stereochem_target_val_spec_case     ? 
_refine.pdbx_overall_ESU_R                       ? 
_refine.pdbx_overall_ESU_R_Free                  ? 
_refine.pdbx_solvent_vdw_probe_radii             1.1100 
_refine.pdbx_solvent_ion_probe_radii             ? 
_refine.pdbx_solvent_shrinkage_radii             0.9000 
_refine.pdbx_real_space_R                        ? 
_refine.pdbx_density_correlation                 ? 
_refine.pdbx_pd_number_of_powder_patterns        ? 
_refine.pdbx_pd_number_of_points                 ? 
_refine.pdbx_pd_meas_number_of_points            ? 
_refine.pdbx_pd_proc_ls_prof_R_factor            ? 
_refine.pdbx_pd_proc_ls_prof_wR_factor           ? 
_refine.pdbx_pd_Marquardt_correlation_coeff      ? 
_refine.pdbx_pd_Fsqrd_R_factor                   ? 
_refine.pdbx_pd_ls_matrix_band_width             ? 
_refine.pdbx_overall_phase_error                 41.1600 
_refine.pdbx_overall_SU_R_free_Cruickshank_DPI   ? 
_refine.pdbx_overall_SU_R_free_Blow_DPI          ? 
_refine.pdbx_overall_SU_R_Blow_DPI               ? 
_refine.pdbx_TLS_residual_ADP_flag               ? 
_refine.pdbx_diffrn_id                           1 
_refine.overall_SU_B                             ? 
_refine.overall_SU_ML                            0.1200 
_refine.overall_SU_R_Cruickshank_DPI             ? 
_refine.overall_SU_R_free                        ? 
_refine.overall_FOM_free_R_set                   ? 
_refine.overall_FOM_work_R_set                   ? 
_refine.pdbx_average_fsc_overall                 ? 
_refine.pdbx_average_fsc_work                    ? 
_refine.pdbx_average_fsc_free                    ? 
# 
_refine_hist.pdbx_refine_id                   'X-RAY DIFFRACTION' 
_refine_hist.cycle_id                         final 
_refine_hist.details                          ? 
_refine_hist.d_res_high                       2.9500 
_refine_hist.d_res_low                        35.1190 
_refine_hist.number_atoms_solvent             0 
_refine_hist.number_atoms_total               856 
_refine_hist.number_reflns_all                ? 
_refine_hist.number_reflns_obs                ? 
_refine_hist.number_reflns_R_free             ? 
_refine_hist.number_reflns_R_work             ? 
_refine_hist.R_factor_all                     ? 
_refine_hist.R_factor_obs                     ? 
_refine_hist.R_factor_R_free                  ? 
_refine_hist.R_factor_R_work                  ? 
_refine_hist.pdbx_number_residues_total       42 
_refine_hist.pdbx_B_iso_mean_ligand           275.22 
_refine_hist.pdbx_B_iso_mean_solvent          ? 
_refine_hist.pdbx_number_atoms_protein        0 
_refine_hist.pdbx_number_atoms_nucleic_acid   855 
_refine_hist.pdbx_number_atoms_ligand         1 
_refine_hist.pdbx_number_atoms_lipid          ? 
_refine_hist.pdbx_number_atoms_carb           ? 
_refine_hist.pdbx_pseudo_atom_details         ? 
# 
loop_
_refine_ls_restr.pdbx_refine_id 
_refine_ls_restr.criterion 
_refine_ls_restr.dev_ideal 
_refine_ls_restr.dev_ideal_target 
_refine_ls_restr.number 
_refine_ls_restr.rejects 
_refine_ls_restr.type 
_refine_ls_restr.weight 
_refine_ls_restr.pdbx_restraint_function 
'X-RAY DIFFRACTION' ? 0.005  ? 956  ? f_bond_d           ? ? 
'X-RAY DIFFRACTION' ? 0.731  ? 1467 ? f_angle_d          ? ? 
'X-RAY DIFFRACTION' ? 0.032  ? 166  ? f_chiral_restr     ? ? 
'X-RAY DIFFRACTION' ? 0.003  ? 42   ? f_plane_restr      ? ? 
'X-RAY DIFFRACTION' ? 34.599 ? 406  ? f_dihedral_angle_d ? ? 
# 
loop_
_refine_ls_shell.pdbx_refine_id 
_refine_ls_shell.d_res_high 
_refine_ls_shell.d_res_low 
_refine_ls_shell.number_reflns_all 
_refine_ls_shell.number_reflns_obs 
_refine_ls_shell.number_reflns_R_free 
_refine_ls_shell.number_reflns_R_work 
_refine_ls_shell.percent_reflns_obs 
_refine_ls_shell.percent_reflns_R_free 
_refine_ls_shell.R_factor_all 
_refine_ls_shell.R_factor_obs 
_refine_ls_shell.R_factor_R_free 
_refine_ls_shell.R_factor_R_free_error 
_refine_ls_shell.R_factor_R_work 
_refine_ls_shell.redundancy_reflns_all 
_refine_ls_shell.redundancy_reflns_obs 
_refine_ls_shell.wR_factor_all 
_refine_ls_shell.wR_factor_obs 
_refine_ls_shell.wR_factor_R_free 
_refine_ls_shell.wR_factor_R_work 
_refine_ls_shell.pdbx_R_complete 
_refine_ls_shell.pdbx_total_number_of_bins_used 
_refine_ls_shell.pdbx_phase_error 
_refine_ls_shell.pdbx_fsc_work 
_refine_ls_shell.pdbx_fsc_free 
'X-RAY DIFFRACTION' 2.9502 3.3768 . . 153 1376 90.0000  . . . 0.3880 0.0000 0.3295 . . . . . . . . . . . 
'X-RAY DIFFRACTION' 3.3768 4.2533 . . 163 1488 98.0000  . . . 0.3183 0.0000 0.3433 . . . . . . . . . . . 
'X-RAY DIFFRACTION' 4.2533 35.119 . . 168 1511 100.0000 . . . 0.2535 0.0000 0.2168 . . . . . . . . . . . 
# 
_struct.entry_id                     7JI8 
_struct.title                        
;Self-assembly of a 3D DNA crystal lattice (4x6 scramble junction version) containing the J31 immobile Holliday junction with R3 symmetry
;
_struct.pdbx_model_details           ? 
_struct.pdbx_formula_weight          ? 
_struct.pdbx_formula_weight_method   ? 
_struct.pdbx_model_type_details      ? 
_struct.pdbx_CASP_flag               N 
# 
_struct_keywords.entry_id        7JI8 
_struct_keywords.text            
'Structural DNA nanotechnology, immobile Holliday junctions, 3D DNA self-assembly, designer DNA crystals, DNA' 
_struct_keywords.pdbx_keywords   DNA 
# 
loop_
_struct_asym.id 
_struct_asym.pdbx_blank_PDB_chainid_flag 
_struct_asym.pdbx_modified 
_struct_asym.entity_id 
_struct_asym.details 
A N N 1 ? 
B N N 2 ? 
C N N 3 ? 
D N N 4 ? 
E N N 5 ? 
# 
loop_
_struct_conn.id 
_struct_conn.conn_type_id 
_struct_conn.pdbx_leaving_atom_flag 
_struct_conn.pdbx_PDB_id 
_struct_conn.ptnr1_label_asym_id 
_struct_conn.ptnr1_label_comp_id 
_struct_conn.ptnr1_label_seq_id 
_struct_conn.ptnr1_label_atom_id 
_struct_conn.pdbx_ptnr1_label_alt_id 
_struct_conn.pdbx_ptnr1_PDB_ins_code 
_struct_conn.pdbx_ptnr1_standard_comp_id 
_struct_conn.ptnr1_symmetry 
_struct_conn.ptnr2_label_asym_id 
_struct_conn.ptnr2_label_comp_id 
_struct_conn.ptnr2_label_seq_id 
_struct_conn.ptnr2_label_atom_id 
_struct_conn.pdbx_ptnr2_label_alt_id 
_struct_conn.pdbx_ptnr2_PDB_ins_code 
_struct_conn.ptnr1_auth_asym_id 
_struct_conn.ptnr1_auth_comp_id 
_struct_conn.ptnr1_auth_seq_id 
_struct_conn.ptnr2_auth_asym_id 
_struct_conn.ptnr2_auth_comp_id 
_struct_conn.ptnr2_auth_seq_id 
_struct_conn.ptnr2_symmetry 
_struct_conn.pdbx_ptnr3_label_atom_id 
_struct_conn.pdbx_ptnr3_label_seq_id 
_struct_conn.pdbx_ptnr3_label_comp_id 
_struct_conn.pdbx_ptnr3_label_asym_id 
_struct_conn.pdbx_ptnr3_label_alt_id 
_struct_conn.pdbx_ptnr3_PDB_ins_code 
_struct_conn.details 
_struct_conn.pdbx_dist_value 
_struct_conn.pdbx_value_order 
_struct_conn.pdbx_role 
hydrog1  hydrog ? ? A DA 3  N1 ? ? ? 1_555 D DT 15 N3 ? ? A DA 3  D DT 16 1_555 ? ? ? ? ? ? WATSON-CRICK ? ? ? 
hydrog2  hydrog ? ? A DA 3  N6 ? ? ? 1_555 D DT 15 O4 ? ? A DA 3  D DT 16 1_555 ? ? ? ? ? ? WATSON-CRICK ? ? ? 
hydrog3  hydrog ? ? A DC 4  N3 ? ? ? 1_555 D DG 14 N1 ? ? A DC 4  D DG 15 1_555 ? ? ? ? ? ? WATSON-CRICK ? ? ? 
hydrog4  hydrog ? ? A DC 4  N4 ? ? ? 1_555 D DG 14 O6 ? ? A DC 4  D DG 15 1_555 ? ? ? ? ? ? WATSON-CRICK ? ? ? 
hydrog5  hydrog ? ? A DC 4  O2 ? ? ? 1_555 D DG 14 N2 ? ? A DC 4  D DG 15 1_555 ? ? ? ? ? ? WATSON-CRICK ? ? ? 
hydrog6  hydrog ? ? A DG 5  N1 ? ? ? 1_555 D DC 13 N3 ? ? A DG 5  D DC 14 1_555 ? ? ? ? ? ? WATSON-CRICK ? ? ? 
hydrog7  hydrog ? ? A DG 5  N2 ? ? ? 1_555 D DC 13 O2 ? ? A DG 5  D DC 14 1_555 ? ? ? ? ? ? WATSON-CRICK ? ? ? 
hydrog8  hydrog ? ? A DG 5  O6 ? ? ? 1_555 D DC 13 N4 ? ? A DG 5  D DC 14 1_555 ? ? ? ? ? ? WATSON-CRICK ? ? ? 
hydrog9  hydrog ? ? A DA 6  N1 ? ? ? 1_555 D DT 12 N3 ? ? A DA 6  D DT 13 1_555 ? ? ? ? ? ? WATSON-CRICK ? ? ? 
hydrog10 hydrog ? ? A DA 6  N6 ? ? ? 1_555 D DT 12 O4 ? ? A DA 6  D DT 13 1_555 ? ? ? ? ? ? WATSON-CRICK ? ? ? 
hydrog11 hydrog ? ? A DC 7  N3 ? ? ? 1_555 D DG 11 N1 ? ? A DC 7  D DG 12 1_555 ? ? ? ? ? ? WATSON-CRICK ? ? ? 
hydrog12 hydrog ? ? A DC 7  N4 ? ? ? 1_555 D DG 11 O6 ? ? A DC 7  D DG 12 1_555 ? ? ? ? ? ? WATSON-CRICK ? ? ? 
hydrog13 hydrog ? ? A DC 7  O2 ? ? ? 1_555 D DG 11 N2 ? ? A DC 7  D DG 12 1_555 ? ? ? ? ? ? WATSON-CRICK ? ? ? 
hydrog14 hydrog ? ? A DA 8  N1 ? ? ? 1_555 D DT 10 N3 ? ? A DA 8  D DT 11 1_555 ? ? ? ? ? ? WATSON-CRICK ? ? ? 
hydrog15 hydrog ? ? A DA 8  N6 ? ? ? 1_555 D DT 10 O4 ? ? A DA 8  D DT 11 1_555 ? ? ? ? ? ? WATSON-CRICK ? ? ? 
hydrog16 hydrog ? ? A DC 9  N3 ? ? ? 1_555 D DG 9  N1 ? ? A DC 9  D DG 10 1_555 ? ? ? ? ? ? WATSON-CRICK ? ? ? 
hydrog17 hydrog ? ? A DC 9  N4 ? ? ? 1_555 D DG 9  O6 ? ? A DC 9  D DG 10 1_555 ? ? ? ? ? ? WATSON-CRICK ? ? ? 
hydrog18 hydrog ? ? A DC 9  O2 ? ? ? 1_555 D DG 9  N2 ? ? A DC 9  D DG 10 1_555 ? ? ? ? ? ? WATSON-CRICK ? ? ? 
hydrog19 hydrog ? ? A DA 10 N1 ? ? ? 1_555 C DT 3  N3 ? ? A DA 10 C DT 2  1_555 ? ? ? ? ? ? WATSON-CRICK ? ? ? 
hydrog20 hydrog ? ? A DA 10 N6 ? ? ? 1_555 C DT 3  O4 ? ? A DA 10 C DT 2  1_555 ? ? ? ? ? ? WATSON-CRICK ? ? ? 
hydrog21 hydrog ? ? A DG 11 N1 ? ? ? 1_555 C DC 2  N3 ? ? A DG 11 C DC 1  1_555 ? ? ? ? ? ? WATSON-CRICK ? ? ? 
hydrog22 hydrog ? ? A DG 11 N2 ? ? ? 1_555 C DC 2  O2 ? ? A DG 11 C DC 1  1_555 ? ? ? ? ? ? WATSON-CRICK ? ? ? 
hydrog23 hydrog ? ? A DG 11 O6 ? ? ? 1_555 C DC 2  N4 ? ? A DG 11 C DC 1  1_555 ? ? ? ? ? ? WATSON-CRICK ? ? ? 
hydrog24 hydrog ? ? A DA 12 N1 ? ? ? 1_555 C DT 1  N3 ? ? A DA 12 C DT 0  1_555 ? ? ? ? ? ? WATSON-CRICK ? ? ? 
hydrog25 hydrog ? ? A DA 12 N6 ? ? ? 1_555 C DT 1  O4 ? ? A DA 12 C DT 0  1_555 ? ? ? ? ? ? WATSON-CRICK ? ? ? 
hydrog26 hydrog ? ? B DC 1  N3 ? ? ? 1_555 C DG 6  N1 ? ? B DC 12 C DG 5  1_555 ? ? ? ? ? ? WATSON-CRICK ? ? ? 
hydrog27 hydrog ? ? B DC 1  N4 ? ? ? 1_555 C DG 6  O6 ? ? B DC 12 C DG 5  1_555 ? ? ? ? ? ? WATSON-CRICK ? ? ? 
hydrog28 hydrog ? ? B DC 1  O2 ? ? ? 1_555 C DG 6  N2 ? ? B DC 12 C DG 5  1_555 ? ? ? ? ? ? WATSON-CRICK ? ? ? 
hydrog29 hydrog ? ? B DG 2  O6 ? ? ? 1_555 C DC 4  N4 ? ? B DG 13 C DC 3  1_555 ? ? ? ? ? ? 'DG-DC PAIR' ? ? ? 
hydrog30 hydrog ? ? B DG 2  N1 ? ? ? 1_555 C DC 5  N3 ? ? B DG 13 C DC 4  1_555 ? ? ? ? ? ? WATSON-CRICK ? ? ? 
hydrog31 hydrog ? ? B DG 2  N2 ? ? ? 1_555 C DC 5  O2 ? ? B DG 13 C DC 4  1_555 ? ? ? ? ? ? WATSON-CRICK ? ? ? 
hydrog32 hydrog ? ? B DG 2  O6 ? ? ? 1_555 C DC 5  N4 ? ? B DG 13 C DC 4  1_555 ? ? ? ? ? ? WATSON-CRICK ? ? ? 
hydrog33 hydrog ? ? B DG 3  N1 ? ? ? 1_555 C DC 4  N3 ? ? B DG 14 C DC 3  1_555 ? ? ? ? ? ? WATSON-CRICK ? ? ? 
hydrog34 hydrog ? ? B DG 3  N2 ? ? ? 1_555 C DC 4  O2 ? ? B DG 14 C DC 3  1_555 ? ? ? ? ? ? WATSON-CRICK ? ? ? 
hydrog35 hydrog ? ? B DG 3  O6 ? ? ? 1_555 C DC 4  N4 ? ? B DG 14 C DC 3  1_555 ? ? ? ? ? ? WATSON-CRICK ? ? ? 
hydrog36 hydrog ? ? B DC 4  N3 ? ? ? 1_555 D DG 8  N1 ? ? B DC 15 D DG 9  1_555 ? ? ? ? ? ? WATSON-CRICK ? ? ? 
hydrog37 hydrog ? ? B DC 4  N4 ? ? ? 1_555 D DG 8  O6 ? ? B DC 15 D DG 9  1_555 ? ? ? ? ? ? WATSON-CRICK ? ? ? 
hydrog38 hydrog ? ? B DC 4  O2 ? ? ? 1_555 D DG 8  N2 ? ? B DC 15 D DG 9  1_555 ? ? ? ? ? ? WATSON-CRICK ? ? ? 
hydrog39 hydrog ? ? B DG 5  N1 ? ? ? 1_555 D DC 7  N3 ? ? B DG 16 D DC 8  1_555 ? ? ? ? ? ? WATSON-CRICK ? ? ? 
hydrog40 hydrog ? ? B DG 5  N2 ? ? ? 1_555 D DC 7  O2 ? ? B DG 16 D DC 8  1_555 ? ? ? ? ? ? WATSON-CRICK ? ? ? 
hydrog41 hydrog ? ? B DG 5  O6 ? ? ? 1_555 D DC 7  N4 ? ? B DG 16 D DC 8  1_555 ? ? ? ? ? ? WATSON-CRICK ? ? ? 
hydrog42 hydrog ? ? B DA 6  N1 ? ? ? 1_555 D DT 6  N3 ? ? B DA 17 D DT 7  1_555 ? ? ? ? ? ? WATSON-CRICK ? ? ? 
hydrog43 hydrog ? ? B DA 6  N6 ? ? ? 1_555 D DT 6  O4 ? ? B DA 17 D DT 7  1_555 ? ? ? ? ? ? WATSON-CRICK ? ? ? 
hydrog44 hydrog ? ? B DC 7  N3 ? ? ? 1_555 D DG 5  N1 ? ? B DC 18 D DG 6  1_555 ? ? ? ? ? ? WATSON-CRICK ? ? ? 
hydrog45 hydrog ? ? B DC 7  N4 ? ? ? 1_555 D DG 5  O6 ? ? B DC 18 D DG 6  1_555 ? ? ? ? ? ? WATSON-CRICK ? ? ? 
hydrog46 hydrog ? ? B DC 7  O2 ? ? ? 1_555 D DG 5  N2 ? ? B DC 18 D DG 6  1_555 ? ? ? ? ? ? WATSON-CRICK ? ? ? 
hydrog47 hydrog ? ? B DT 8  N3 ? ? ? 1_555 D DA 4  N1 ? ? B DT 19 D DA 5  1_555 ? ? ? ? ? ? WATSON-CRICK ? ? ? 
hydrog48 hydrog ? ? B DT 8  O4 ? ? ? 1_555 D DA 4  N6 ? ? B DT 19 D DA 5  1_555 ? ? ? ? ? ? WATSON-CRICK ? ? ? 
hydrog49 hydrog ? ? B DC 9  N3 ? ? ? 1_555 D DG 3  N1 ? ? B DC 20 D DG 4  1_555 ? ? ? ? ? ? WATSON-CRICK ? ? ? 
hydrog50 hydrog ? ? B DC 9  N4 ? ? ? 1_555 D DG 3  O6 ? ? B DC 20 D DG 4  1_555 ? ? ? ? ? ? WATSON-CRICK ? ? ? 
hydrog51 hydrog ? ? B DC 9  O2 ? ? ? 1_555 D DG 3  N2 ? ? B DC 20 D DG 4  1_555 ? ? ? ? ? ? WATSON-CRICK ? ? ? 
# 
_struct_conn_type.id          hydrog 
_struct_conn_type.criteria    ? 
_struct_conn_type.reference   ? 
# 
_atom_sites.entry_id                    7JI8 
_atom_sites.Cartn_transf_matrix[1][1]   ? 
_atom_sites.Cartn_transf_matrix[1][2]   ? 
_atom_sites.Cartn_transf_matrix[1][3]   ? 
_atom_sites.Cartn_transf_matrix[2][1]   ? 
_atom_sites.Cartn_transf_matrix[2][2]   ? 
_atom_sites.Cartn_transf_matrix[2][3]   ? 
_atom_sites.Cartn_transf_matrix[3][1]   ? 
_atom_sites.Cartn_transf_matrix[3][2]   ? 
_atom_sites.Cartn_transf_matrix[3][3]   ? 
_atom_sites.Cartn_transf_vector[1]      ? 
_atom_sites.Cartn_transf_vector[2]      ? 
_atom_sites.Cartn_transf_vector[3]      ? 
_atom_sites.fract_transf_matrix[1][1]   -0.00431247 
_atom_sites.fract_transf_matrix[1][2]   0.00570036 
_atom_sites.fract_transf_matrix[1][3]   -0.00728853 
_atom_sites.fract_transf_matrix[2][1]   0.00349762 
_atom_sites.fract_transf_matrix[2][2]   0.00940913 
_atom_sites.fract_transf_matrix[2][3]   -0.00185974 
_atom_sites.fract_transf_matrix[3][1]   0.01274882 
_atom_sites.fract_transf_matrix[3][2]   -0.00736916 
_atom_sites.fract_transf_matrix[3][3]   -0.01330663 
_atom_sites.fract_transf_vector[1]      0.326223 
_atom_sites.fract_transf_vector[2]      0.160325 
_atom_sites.fract_transf_vector[3]      -0.086381 
_atom_sites.solution_primary            ? 
_atom_sites.solution_secondary          ? 
_atom_sites.solution_hydrogens          ? 
_atom_sites.special_details             ? 
# 
loop_
_atom_type.symbol 
AS 
C  
N  
O  
P  
# 
loop_
_atom_site.group_PDB 
_atom_site.id 
_atom_site.type_symbol 
_atom_site.label_atom_id 
_atom_site.label_alt_id 
_atom_site.label_comp_id 
_atom_site.label_asym_id 
_atom_site.label_entity_id 
_atom_site.label_seq_id 
_atom_site.pdbx_PDB_ins_code 
_atom_site.Cartn_x 
_atom_site.Cartn_y 
_atom_site.Cartn_z 
_atom_site.occupancy 
_atom_site.B_iso_or_equiv 
_atom_site.pdbx_formal_charge 
_atom_site.auth_seq_id 
_atom_site.auth_comp_id 
_atom_site.auth_asym_id 
_atom_site.auth_atom_id 
_atom_site.pdbx_PDB_model_num 
ATOM   1   O  "O5'" . DG  A 1 1  ? 25.348  -9.979  -1.864  1.00 115.84 ? 1   DG  A "O5'" 1 
ATOM   2   C  "C5'" . DG  A 1 1  ? 26.202  -10.024 -0.722  1.00 115.02 ? 1   DG  A "C5'" 1 
ATOM   3   C  "C4'" . DG  A 1 1  ? 26.066  -8.757  0.100   1.00 113.85 ? 1   DG  A "C4'" 1 
ATOM   4   O  "O4'" . DG  A 1 1  ? 26.670  -7.658  -0.614  1.00 106.86 ? 1   DG  A "O4'" 1 
ATOM   5   C  "C3'" . DG  A 1 1  ? 24.624  -8.332  0.388   1.00 116.03 ? 1   DG  A "C3'" 1 
ATOM   6   O  "O3'" . DG  A 1 1  ? 24.326  -8.519  1.770   1.00 122.25 ? 1   DG  A "O3'" 1 
ATOM   7   C  "C2'" . DG  A 1 1  ? 24.564  -6.847  -0.007  1.00 109.14 ? 1   DG  A "C2'" 1 
ATOM   8   C  "C1'" . DG  A 1 1  ? 26.021  -6.472  -0.243  1.00 104.88 ? 1   DG  A "C1'" 1 
ATOM   9   N  N9    . DG  A 1 1  ? 26.190  -5.499  -1.317  1.00 97.04  ? 1   DG  A N9    1 
ATOM   10  C  C8    . DG  A 1 1  ? 26.599  -5.752  -2.603  1.00 96.77  ? 1   DG  A C8    1 
ATOM   11  N  N7    . DG  A 1 1  ? 26.651  -4.684  -3.351  1.00 92.18  ? 1   DG  A N7    1 
ATOM   12  C  C5    . DG  A 1 1  ? 26.245  -3.660  -2.510  1.00 88.91  ? 1   DG  A C5    1 
ATOM   13  C  C6    . DG  A 1 1  ? 26.102  -2.272  -2.764  1.00 89.26  ? 1   DG  A C6    1 
ATOM   14  O  O6    . DG  A 1 1  ? 26.313  -1.661  -3.823  1.00 89.09  ? 1   DG  A O6    1 
ATOM   15  N  N1    . DG  A 1 1  ? 25.663  -1.584  -1.636  1.00 87.26  ? 1   DG  A N1    1 
ATOM   16  C  C2    . DG  A 1 1  ? 25.397  -2.160  -0.416  1.00 91.24  ? 1   DG  A C2    1 
ATOM   17  N  N2    . DG  A 1 1  ? 24.981  -1.332  0.553   1.00 89.54  ? 1   DG  A N2    1 
ATOM   18  N  N3    . DG  A 1 1  ? 25.527  -3.460  -0.163  1.00 92.94  ? 1   DG  A N3    1 
ATOM   19  C  C4    . DG  A 1 1  ? 25.952  -4.143  -1.252  1.00 92.16  ? 1   DG  A C4    1 
ATOM   20  P  P     . DA  A 1 2  ? 22.801  -8.506  2.282   1.00 130.41 ? 2   DA  A P     1 
ATOM   21  O  OP1   . DA  A 1 2  ? 22.514  -9.846  2.839   1.00 137.59 ? 2   DA  A OP1   1 
ATOM   22  O  OP2   . DA  A 1 2  ? 21.956  -7.959  1.197   1.00 122.60 ? 2   DA  A OP2   1 
ATOM   23  O  "O5'" . DA  A 1 2  ? 22.803  -7.444  3.480   1.00 128.84 ? 2   DA  A "O5'" 1 
ATOM   24  C  "C5'" . DA  A 1 2  ? 23.469  -6.200  3.319   1.00 119.46 ? 2   DA  A "C5'" 1 
ATOM   25  C  "C4'" . DA  A 1 2  ? 22.532  -5.039  3.601   1.00 115.84 ? 2   DA  A "C4'" 1 
ATOM   26  O  "O4'" . DA  A 1 2  ? 22.728  -4.002  2.600   1.00 115.66 ? 2   DA  A "O4'" 1 
ATOM   27  C  "C3'" . DA  A 1 2  ? 21.046  -5.379  3.568   1.00 115.70 ? 2   DA  A "C3'" 1 
ATOM   28  O  "O3'" . DA  A 1 2  ? 20.360  -4.620  4.566   1.00 115.86 ? 2   DA  A "O3'" 1 
ATOM   29  C  "C2'" . DA  A 1 2  ? 20.637  -4.980  2.152   1.00 111.56 ? 2   DA  A "C2'" 1 
ATOM   30  C  "C1'" . DA  A 1 2  ? 21.527  -3.773  1.892   1.00 108.31 ? 2   DA  A "C1'" 1 
ATOM   31  N  N9    . DA  A 1 2  ? 21.852  -3.592  0.480   1.00 100.99 ? 2   DA  A N9    1 
ATOM   32  C  C8    . DA  A 1 2  ? 22.239  -4.556  -0.408  1.00 100.24 ? 2   DA  A C8    1 
ATOM   33  N  N7    . DA  A 1 2  ? 22.468  -4.103  -1.617  1.00 93.59  ? 2   DA  A N7    1 
ATOM   34  C  C5    . DA  A 1 2  ? 22.208  -2.749  -1.517  1.00 92.35  ? 2   DA  A C5    1 
ATOM   35  C  C6    . DA  A 1 2  ? 22.265  -1.699  -2.458  1.00 91.26  ? 2   DA  A C6    1 
ATOM   36  N  N6    . DA  A 1 2  ? 22.616  -1.877  -3.736  1.00 90.22  ? 2   DA  A N6    1 
ATOM   37  N  N1    . DA  A 1 2  ? 21.942  -0.459  -2.032  1.00 90.35  ? 2   DA  A N1    1 
ATOM   38  C  C2    . DA  A 1 2  ? 21.593  -0.287  -0.749  1.00 93.66  ? 2   DA  A C2    1 
ATOM   39  N  N3    . DA  A 1 2  ? 21.503  -1.195  0.225   1.00 94.55  ? 2   DA  A N3    1 
ATOM   40  C  C4    . DA  A 1 2  ? 21.828  -2.415  -0.231  1.00 94.97  ? 2   DA  A C4    1 
ATOM   41  P  P     . DA  A 1 3  ? 18.756  -4.502  4.567   1.00 117.21 ? 3   DA  A P     1 
ATOM   42  O  OP1   . DA  A 1 3  ? 18.341  -4.318  5.975   1.00 111.82 ? 3   DA  A OP1   1 
ATOM   43  O  OP2   . DA  A 1 3  ? 18.171  -5.613  3.782   1.00 113.29 ? 3   DA  A OP2   1 
ATOM   44  O  "O5'" . DA  A 1 3  ? 18.491  -3.126  3.806   1.00 107.12 ? 3   DA  A "O5'" 1 
ATOM   45  C  "C5'" . DA  A 1 3  ? 19.115  -1.945  4.277   1.00 105.58 ? 3   DA  A "C5'" 1 
ATOM   46  C  "C4'" . DA  A 1 3  ? 18.401  -0.707  3.769   1.00 104.64 ? 3   DA  A "C4'" 1 
ATOM   47  O  "O4'" . DA  A 1 3  ? 18.818  -0.421  2.411   1.00 102.38 ? 3   DA  A "O4'" 1 
ATOM   48  C  "C3'" . DA  A 1 3  ? 16.880  -0.794  3.735   1.00 103.23 ? 3   DA  A "C3'" 1 
ATOM   49  O  "O3'" . DA  A 1 3  ? 16.332  0.474   4.061   1.00 106.21 ? 3   DA  A "O3'" 1 
ATOM   50  C  "C2'" . DA  A 1 3  ? 16.591  -1.176  2.285   1.00 100.99 ? 3   DA  A "C2'" 1 
ATOM   51  C  "C1'" . DA  A 1 3  ? 17.701  -0.441  1.545   1.00 99.35  ? 3   DA  A "C1'" 1 
ATOM   52  N  N9    . DA  A 1 3  ? 18.111  -1.087  0.311   1.00 96.51  ? 3   DA  A N9    1 
ATOM   53  C  C8    . DA  A 1 3  ? 18.410  -2.415  0.136   1.00 100.79 ? 3   DA  A C8    1 
ATOM   54  N  N7    . DA  A 1 3  ? 18.767  -2.721  -1.089  1.00 99.29  ? 3   DA  A N7    1 
ATOM   55  C  C5    . DA  A 1 3  ? 18.703  -1.507  -1.765  1.00 94.62  ? 3   DA  A C5    1 
ATOM   56  C  C6    . DA  A 1 3  ? 18.969  -1.160  -3.102  1.00 95.04  ? 3   DA  A C6    1 
ATOM   57  N  N6    . DA  A 1 3  ? 19.361  -2.038  -4.033  1.00 88.41  ? 3   DA  A N6    1 
ATOM   58  N  N1    . DA  A 1 3  ? 18.809  0.143   -3.447  1.00 97.40  ? 3   DA  A N1    1 
ATOM   59  C  C2    . DA  A 1 3  ? 18.416  1.017   -2.509  1.00 95.56  ? 3   DA  A C2    1 
ATOM   60  N  N3    . DA  A 1 3  ? 18.140  0.801   -1.222  1.00 90.81  ? 3   DA  A N3    1 
ATOM   61  C  C4    . DA  A 1 3  ? 18.307  -0.501  -0.913  1.00 90.44  ? 3   DA  A C4    1 
ATOM   62  P  P     . DC  A 1 4  ? 14.783  0.618   4.457   1.00 110.18 ? 4   DC  A P     1 
ATOM   63  O  OP1   . DC  A 1 4  ? 14.721  1.356   5.741   1.00 98.50  ? 4   DC  A OP1   1 
ATOM   64  O  OP2   . DC  A 1 4  ? 14.164  -0.725  4.344   1.00 107.31 ? 4   DC  A OP2   1 
ATOM   65  O  "O5'" . DC  A 1 4  ? 14.196  1.557   3.303   1.00 100.31 ? 4   DC  A "O5'" 1 
ATOM   66  C  "C5'" . DC  A 1 4  ? 14.832  2.791   3.017   1.00 98.27  ? 4   DC  A "C5'" 1 
ATOM   67  C  "C4'" . DC  A 1 4  ? 14.420  3.313   1.653   1.00 102.03 ? 4   DC  A "C4'" 1 
ATOM   68  O  "O4'" . DC  A 1 4  ? 15.068  2.539   0.613   1.00 100.71 ? 4   DC  A "O4'" 1 
ATOM   69  C  "C3'" . DC  A 1 4  ? 12.916  3.257   1.356   1.00 102.62 ? 4   DC  A "C3'" 1 
ATOM   70  O  "O3'" . DC  A 1 4  ? 12.469  4.537   0.928   1.00 104.09 ? 4   DC  A "O3'" 1 
ATOM   71  C  "C2'" . DC  A 1 4  ? 12.800  2.216   0.235   1.00 98.86  ? 4   DC  A "C2'" 1 
ATOM   72  C  "C1'" . DC  A 1 4  ? 14.156  2.341   -0.438  1.00 96.61  ? 4   DC  A "C1'" 1 
ATOM   73  N  N1    . DC  A 1 4  ? 14.575  1.132   -1.200  1.00 90.07  ? 4   DC  A N1    1 
ATOM   74  C  C2    . DC  A 1 4  ? 14.948  1.253   -2.541  1.00 88.69  ? 4   DC  A C2    1 
ATOM   75  O  O2    . DC  A 1 4  ? 14.907  2.367   -3.076  1.00 91.73  ? 4   DC  A O2    1 
ATOM   76  N  N3    . DC  A 1 4  ? 15.341  0.149   -3.222  1.00 88.72  ? 4   DC  A N3    1 
ATOM   77  C  C4    . DC  A 1 4  ? 15.371  -1.037  -2.608  1.00 91.53  ? 4   DC  A C4    1 
ATOM   78  N  N4    . DC  A 1 4  ? 15.764  -2.100  -3.321  1.00 90.32  ? 4   DC  A N4    1 
ATOM   79  C  C5    . DC  A 1 4  ? 14.997  -1.182  -1.238  1.00 93.91  ? 4   DC  A C5    1 
ATOM   80  C  C6    . DC  A 1 4  ? 14.612  -0.083  -0.577  1.00 93.82  ? 4   DC  A C6    1 
ATOM   81  P  P     . DG  A 1 5  ? 10.905  4.906   0.951   1.00 108.14 ? 5   DG  A P     1 
ATOM   82  O  OP1   . DG  A 1 5  ? 10.745  6.167   1.715   1.00 104.75 ? 5   DG  A OP1   1 
ATOM   83  O  OP2   . DG  A 1 5  ? 10.162  3.701   1.383   1.00 106.22 ? 5   DG  A OP2   1 
ATOM   84  O  "O5'" . DG  A 1 5  ? 10.569  5.193   -0.585  1.00 100.64 ? 5   DG  A "O5'" 1 
ATOM   85  C  "C5'" . DG  A 1 5  ? 11.235  6.249   -1.262  1.00 99.85  ? 5   DG  A "C5'" 1 
ATOM   86  C  "C4'" . DG  A 1 5  ? 11.148  6.074   -2.766  1.00 100.91 ? 5   DG  A "C4'" 1 
ATOM   87  O  "O4'" . DG  A 1 5  ? 11.791  4.832   -3.154  1.00 97.43  ? 5   DG  A "O4'" 1 
ATOM   88  C  "C3'" . DG  A 1 5  ? 9.731   6.015   -3.338  1.00 103.28 ? 5   DG  A "C3'" 1 
ATOM   89  O  "O3'" . DG  A 1 5  ? 9.682   6.748   -4.550  1.00 106.81 ? 5   DG  A "O3'" 1 
ATOM   90  C  "C2'" . DG  A 1 5  ? 9.517   4.522   -3.580  1.00 100.44 ? 5   DG  A "C2'" 1 
ATOM   91  C  "C1'" . DG  A 1 5  ? 10.916  4.088   -3.975  1.00 99.75  ? 5   DG  A "C1'" 1 
ATOM   92  N  N9    . DG  A 1 5  ? 11.175  2.670   -3.753  1.00 91.92  ? 5   DG  A N9    1 
ATOM   93  C  C8    . DG  A 1 5  ? 10.961  1.960   -2.599  1.00 92.32  ? 5   DG  A C8    1 
ATOM   94  N  N7    . DG  A 1 5  ? 11.298  0.703   -2.691  1.00 89.20  ? 5   DG  A N7    1 
ATOM   95  C  C5    . DG  A 1 5  ? 11.768  0.572   -3.989  1.00 87.04  ? 5   DG  A C5    1 
ATOM   96  C  C6    . DG  A 1 5  ? 12.274  -0.563  -4.665  1.00 86.20  ? 5   DG  A C6    1 
ATOM   97  O  O6    . DG  A 1 5  ? 12.408  -1.719  -4.232  1.00 82.45  ? 5   DG  A O6    1 
ATOM   98  N  N1    . DG  A 1 5  ? 12.643  -0.262  -5.973  1.00 86.63  ? 5   DG  A N1    1 
ATOM   99  C  C2    . DG  A 1 5  ? 12.535  0.982   -6.556  1.00 90.23  ? 5   DG  A C2    1 
ATOM   100 N  N2    . DG  A 1 5  ? 12.941  1.079   -7.830  1.00 93.34  ? 5   DG  A N2    1 
ATOM   101 N  N3    . DG  A 1 5  ? 12.062  2.056   -5.932  1.00 88.42  ? 5   DG  A N3    1 
ATOM   102 C  C4    . DG  A 1 5  ? 11.701  1.776   -4.658  1.00 86.66  ? 5   DG  A C4    1 
ATOM   103 P  P     . DA  A 1 6  ? 8.272   7.077   -5.246  1.00 119.63 ? 6   DA  A P     1 
ATOM   104 O  OP1   . DA  A 1 6  ? 8.244   8.536   -5.505  1.00 111.58 ? 6   DA  A OP1   1 
ATOM   105 O  OP2   . DA  A 1 6  ? 7.202   6.460   -4.429  1.00 114.22 ? 6   DA  A OP2   1 
ATOM   106 O  "O5'" . DA  A 1 6  ? 8.354   6.306   -6.649  1.00 108.56 ? 6   DA  A "O5'" 1 
ATOM   107 C  "C5'" . DA  A 1 6  ? 9.264   6.751   -7.652  1.00 106.93 ? 6   DA  A "C5'" 1 
ATOM   108 C  "C4'" . DA  A 1 6  ? 9.188   5.868   -8.888  1.00 104.72 ? 6   DA  A "C4'" 1 
ATOM   109 O  "O4'" . DA  A 1 6  ? 9.671   4.539   -8.565  1.00 100.27 ? 6   DA  A "O4'" 1 
ATOM   110 C  "C3'" . DA  A 1 6  ? 7.788   5.689   -9.477  1.00 104.29 ? 6   DA  A "C3'" 1 
ATOM   111 O  "O3'" . DA  A 1 6  ? 7.842   5.746   -10.901 1.00 105.42 ? 6   DA  A "O3'" 1 
ATOM   112 C  "C2'" . DA  A 1 6  ? 7.368   4.307   -8.978  1.00 99.69  ? 6   DA  A "C2'" 1 
ATOM   113 C  "C1'" . DA  A 1 6  ? 8.699   3.572   -8.899  1.00 98.04  ? 6   DA  A "C1'" 1 
ATOM   114 N  N9    . DA  A 1 6  ? 8.718   2.534   -7.874  1.00 93.02  ? 6   DA  A N9    1 
ATOM   115 C  C8    . DA  A 1 6  ? 8.285   2.648   -6.582  1.00 93.13  ? 6   DA  A C8    1 
ATOM   116 N  N7    . DA  A 1 6  ? 8.422   1.549   -5.877  1.00 88.17  ? 6   DA  A N7    1 
ATOM   117 C  C5    . DA  A 1 6  ? 8.985   0.651   -6.768  1.00 85.27  ? 6   DA  A C5    1 
ATOM   118 C  C6    . DA  A 1 6  ? 9.378   -0.697  -6.635  1.00 83.65  ? 6   DA  A C6    1 
ATOM   119 N  N6    . DA  A 1 6  ? 9.252   -1.392  -5.498  1.00 79.84  ? 6   DA  A N6    1 
ATOM   120 N  N1    . DA  A 1 6  ? 9.907   -1.304  -7.722  1.00 85.00  ? 6   DA  A N1    1 
ATOM   121 C  C2    . DA  A 1 6  ? 10.030  -0.602  -8.858  1.00 89.16  ? 6   DA  A C2    1 
ATOM   122 N  N3    . DA  A 1 6  ? 9.696   0.666   -9.102  1.00 89.67  ? 6   DA  A N3    1 
ATOM   123 C  C4    . DA  A 1 6  ? 9.175   1.242   -8.005  1.00 87.98  ? 6   DA  A C4    1 
ATOM   124 P  P     . DC  A 1 7  ? 6.517   5.491   -11.776 1.00 107.91 ? 7   DC  A P     1 
ATOM   125 O  OP1   . DC  A 1 7  ? 6.683   6.214   -13.058 1.00 105.64 ? 7   DC  A OP1   1 
ATOM   126 O  OP2   . DC  A 1 7  ? 5.336   5.771   -10.927 1.00 103.73 ? 7   DC  A OP2   1 
ATOM   127 O  "O5'" . DC  A 1 7  ? 6.565   3.923   -12.074 1.00 100.01 ? 7   DC  A "O5'" 1 
ATOM   128 C  "C5'" . DC  A 1 7  ? 7.746   3.358   -12.614 1.00 99.68  ? 7   DC  A "C5'" 1 
ATOM   129 C  "C4'" . DC  A 1 7  ? 7.611   1.857   -12.776 1.00 98.01  ? 7   DC  A "C4'" 1 
ATOM   130 O  "O4'" . DC  A 1 7  ? 7.715   1.205   -11.486 1.00 94.84  ? 7   DC  A "O4'" 1 
ATOM   131 C  "C3'" . DC  A 1 7  ? 6.287   1.377   -13.391 1.00 97.25  ? 7   DC  A "C3'" 1 
ATOM   132 O  "O3'" . DC  A 1 7  ? 6.564   0.512   -14.478 1.00 100.53 ? 7   DC  A "O3'" 1 
ATOM   133 C  "C2'" . DC  A 1 7  ? 5.609   0.627   -12.242 1.00 94.26  ? 7   DC  A "C2'" 1 
ATOM   134 C  "C1'" . DC  A 1 7  ? 6.814   0.129   -11.469 1.00 94.53  ? 7   DC  A "C1'" 1 
ATOM   135 N  N1    . DC  A 1 7  ? 6.513   -0.236  -10.060 1.00 88.08  ? 7   DC  A N1    1 
ATOM   136 C  C2    . DC  A 1 7  ? 6.776   -1.536  -9.615  1.00 86.58  ? 7   DC  A C2    1 
ATOM   137 O  O2    . DC  A 1 7  ? 7.263   -2.358  -10.407 1.00 87.48  ? 7   DC  A O2    1 
ATOM   138 N  N3    . DC  A 1 7  ? 6.499   -1.860  -8.326  1.00 80.76  ? 7   DC  A N3    1 
ATOM   139 C  C4    . DC  A 1 7  ? 5.977   -0.946  -7.508  1.00 78.11  ? 7   DC  A C4    1 
ATOM   140 N  N4    . DC  A 1 7  ? 5.717   -1.313  -6.249  1.00 71.96  ? 7   DC  A N4    1 
ATOM   141 C  C5    . DC  A 1 7  ? 5.695   0.384   -7.945  1.00 84.18  ? 7   DC  A C5    1 
ATOM   142 C  C6    . DC  A 1 7  ? 5.976   0.692   -9.217  1.00 86.75  ? 7   DC  A C6    1 
ATOM   143 P  P     . DA  A 1 8  ? 5.398   0.043   -15.478 1.00 106.64 ? 8   DA  A P     1 
ATOM   144 O  OP1   . DA  A 1 8  ? 5.763   0.548   -16.822 1.00 98.67  ? 8   DA  A OP1   1 
ATOM   145 O  OP2   . DA  A 1 8  ? 4.082   0.401   -14.899 1.00 103.37 ? 8   DA  A OP2   1 
ATOM   146 O  "O5'" . DA  A 1 8  ? 5.537   -1.546  -15.469 1.00 95.92  ? 8   DA  A "O5'" 1 
ATOM   147 C  "C5'" . DA  A 1 8  ? 6.826   -2.134  -15.534 1.00 96.62  ? 8   DA  A "C5'" 1 
ATOM   148 C  "C4'" . DA  A 1 8  ? 6.783   -3.570  -15.061 1.00 98.61  ? 8   DA  A "C4'" 1 
ATOM   149 O  "O4'" . DA  A 1 8  ? 6.609   -3.603  -13.619 1.00 97.81  ? 8   DA  A "O4'" 1 
ATOM   150 C  "C3'" . DA  A 1 8  ? 5.647   -4.402  -15.656 1.00 97.09  ? 8   DA  A "C3'" 1 
ATOM   151 O  "O3'" . DA  A 1 8  ? 6.153   -5.627  -16.161 1.00 98.52  ? 8   DA  A "O3'" 1 
ATOM   152 C  "C2'" . DA  A 1 8  ? 4.685   -4.620  -14.483 1.00 95.66  ? 8   DA  A "C2'" 1 
ATOM   153 C  "C1'" . DA  A 1 8  ? 5.608   -4.532  -13.274 1.00 94.60  ? 8   DA  A "C1'" 1 
ATOM   154 N  N9    . DA  A 1 8  ? 4.937   -4.052  -12.065 1.00 90.02  ? 8   DA  A N9    1 
ATOM   155 C  C8    . DA  A 1 8  ? 4.357   -2.824  -11.879 1.00 89.01  ? 8   DA  A C8    1 
ATOM   156 N  N7    . DA  A 1 8  ? 3.830   -2.660  -10.689 1.00 84.90  ? 8   DA  A N7    1 
ATOM   157 C  C5    . DA  A 1 8  ? 4.079   -3.861  -10.043 1.00 81.95  ? 8   DA  A C5    1 
ATOM   158 C  C6    . DA  A 1 8  ? 3.774   -4.323  -8.745  1.00 79.77  ? 8   DA  A C6    1 
ATOM   159 N  N6    . DA  A 1 8  ? 3.118   -3.590  -7.839  1.00 79.17  ? 8   DA  A N6    1 
ATOM   160 N  N1    . DA  A 1 8  ? 4.170   -5.570  -8.414  1.00 79.68  ? 8   DA  A N1    1 
ATOM   161 C  C2    . DA  A 1 8  ? 4.822   -6.304  -9.329  1.00 85.12  ? 8   DA  A C2    1 
ATOM   162 N  N3    . DA  A 1 8  ? 5.169   -5.976  -10.576 1.00 85.31  ? 8   DA  A N3    1 
ATOM   163 C  C4    . DA  A 1 8  ? 4.764   -4.729  -10.874 1.00 83.89  ? 8   DA  A C4    1 
ATOM   164 P  P     . DC  A 1 9  ? 5.221   -6.557  -17.080 1.00 111.05 ? 9   DC  A P     1 
ATOM   165 O  OP1   . DC  A 1 9  ? 6.085   -7.221  -18.083 1.00 109.44 ? 9   DC  A OP1   1 
ATOM   166 O  OP2   . DC  A 1 9  ? 4.079   -5.727  -17.525 1.00 97.81  ? 9   DC  A OP2   1 
ATOM   167 O  "O5'" . DC  A 1 9  ? 4.684   -7.671  -16.066 1.00 99.29  ? 9   DC  A "O5'" 1 
ATOM   168 C  "C5'" . DC  A 1 9  ? 5.608   -8.530  -15.425 1.00 95.10  ? 9   DC  A "C5'" 1 
ATOM   169 C  "C4'" . DC  A 1 9  ? 4.987   -9.187  -14.208 1.00 95.32  ? 9   DC  A "C4'" 1 
ATOM   170 O  "O4'" . DC  A 1 9  ? 4.503   -8.177  -13.288 1.00 95.62  ? 9   DC  A "O4'" 1 
ATOM   171 C  "C3'" . DC  A 1 9  ? 3.788   -10.109 -14.490 1.00 92.98  ? 9   DC  A "C3'" 1 
ATOM   172 O  "O3'" . DC  A 1 9  ? 4.063   -11.414 -13.976 1.00 95.90  ? 9   DC  A "O3'" 1 
ATOM   173 C  "C2'" . DC  A 1 9  ? 2.629   -9.435  -13.741 1.00 92.73  ? 9   DC  A "C2'" 1 
ATOM   174 C  "C1'" . DC  A 1 9  ? 3.377   -8.706  -12.643 1.00 92.72  ? 9   DC  A "C1'" 1 
ATOM   175 N  N1    . DC  A 1 9  ? 2.604   -7.603  -11.994 1.00 86.86  ? 9   DC  A N1    1 
ATOM   176 C  C2    . DC  A 1 9  ? 2.144   -7.767  -10.683 1.00 83.97  ? 9   DC  A C2    1 
ATOM   177 O  O2    . DC  A 1 9  ? 2.387   -8.824  -10.087 1.00 86.06  ? 9   DC  A O2    1 
ATOM   178 N  N3    . DC  A 1 9  ? 1.446   -6.762  -10.097 1.00 82.80  ? 9   DC  A N3    1 
ATOM   179 C  C4    . DC  A 1 9  ? 1.207   -5.635  -10.770 1.00 82.13  ? 9   DC  A C4    1 
ATOM   180 N  N4    . DC  A 1 9  ? 0.513   -4.675  -10.148 1.00 75.58  ? 9   DC  A N4    1 
ATOM   181 C  C5    . DC  A 1 9  ? 1.667   -5.447  -12.109 1.00 85.24  ? 9   DC  A C5    1 
ATOM   182 C  C6    . DC  A 1 9  ? 2.354   -6.448  -12.676 1.00 87.85  ? 9   DC  A C6    1 
ATOM   183 P  P     . DA  A 1 10 ? 2.893   -12.505 -13.814 1.00 110.71 ? 10  DA  A P     1 
ATOM   184 O  OP1   . DA  A 1 10 ? 3.548   -13.830 -13.739 1.00 103.11 ? 10  DA  A OP1   1 
ATOM   185 O  OP2   . DA  A 1 10 ? 1.872   -12.250 -14.861 1.00 101.75 ? 10  DA  A OP2   1 
ATOM   186 O  "O5'" . DA  A 1 10 ? 2.264   -12.194 -12.374 1.00 100.50 ? 10  DA  A "O5'" 1 
ATOM   187 C  "C5'" . DA  A 1 10 ? 2.937   -12.623 -11.197 1.00 96.42  ? 10  DA  A "C5'" 1 
ATOM   188 C  "C4'" . DA  A 1 10 ? 2.008   -13.412 -10.278 1.00 102.28 ? 10  DA  A "C4'" 1 
ATOM   189 O  "O4'" . DA  A 1 10 ? 1.321   -12.515 -9.366  1.00 104.97 ? 10  DA  A "O4'" 1 
ATOM   190 C  "C3'" . DA  A 1 10 ? 0.908   -14.207 -10.963 1.00 101.37 ? 10  DA  A "C3'" 1 
ATOM   191 O  "O3'" . DA  A 1 10 ? 0.586   -15.343 -10.166 1.00 101.12 ? 10  DA  A "O3'" 1 
ATOM   192 C  "C2'" . DA  A 1 10 ? -0.248  -13.204 -11.001 1.00 100.51 ? 10  DA  A "C2'" 1 
ATOM   193 C  "C1'" . DA  A 1 10 ? -0.064  -12.461 -9.676  1.00 96.31  ? 10  DA  A "C1'" 1 
ATOM   194 N  N9    . DA  A 1 10 ? -0.454  -11.050 -9.714  1.00 89.54  ? 10  DA  A N9    1 
ATOM   195 C  C8    . DA  A 1 10 ? -0.213  -10.151 -10.718 1.00 90.61  ? 10  DA  A C8    1 
ATOM   196 N  N7    . DA  A 1 10 ? -0.659  -8.939  -10.468 1.00 85.19  ? 10  DA  A N7    1 
ATOM   197 C  C5    . DA  A 1 10 ? -1.219  -9.047  -9.202  1.00 80.07  ? 10  DA  A C5    1 
ATOM   198 C  C6    . DA  A 1 10 ? -1.863  -8.108  -8.363  1.00 76.16  ? 10  DA  A C6    1 
ATOM   199 N  N6    . DA  A 1 10 ? -2.056  -6.824  -8.694  1.00 75.16  ? 10  DA  A N6    1 
ATOM   200 N  N1    . DA  A 1 10 ? -2.304  -8.546  -7.162  1.00 75.47  ? 10  DA  A N1    1 
ATOM   201 C  C2    . DA  A 1 10 ? -2.115  -9.832  -6.830  1.00 80.56  ? 10  DA  A C2    1 
ATOM   202 N  N3    . DA  A 1 10 ? -1.526  -10.802 -7.532  1.00 84.78  ? 10  DA  A N3    1 
ATOM   203 C  C4    . DA  A 1 10 ? -1.097  -10.338 -8.721  1.00 84.37  ? 10  DA  A C4    1 
ATOM   204 P  P     . DG  A 1 11 ? -0.161  -16.607 -10.818 1.00 115.08 ? 11  DG  A P     1 
ATOM   205 O  OP1   . DG  A 1 11 ? 0.516   -17.823 -10.312 1.00 111.27 ? 11  DG  A OP1   1 
ATOM   206 O  OP2   . DG  A 1 11 ? -0.270  -16.373 -12.276 1.00 113.90 ? 11  DG  A OP2   1 
ATOM   207 O  "O5'" . DG  A 1 11 ? -1.639  -16.534 -10.208 1.00 98.05  ? 11  DG  A "O5'" 1 
ATOM   208 C  "C5'" . DG  A 1 11 ? -1.838  -16.711 -8.811  1.00 98.80  ? 11  DG  A "C5'" 1 
ATOM   209 C  "C4'" . DG  A 1 11 ? -3.209  -16.209 -8.395  1.00 98.22  ? 11  DG  A "C4'" 1 
ATOM   210 O  "O4'" . DG  A 1 11 ? -3.249  -14.758 -8.470  1.00 96.11  ? 11  DG  A "O4'" 1 
ATOM   211 C  "C3'" . DG  A 1 11 ? -4.380  -16.703 -9.258  1.00 94.17  ? 11  DG  A "C3'" 1 
ATOM   212 O  "O3'" . DG  A 1 11 ? -5.472  -17.038 -8.420  1.00 90.60  ? 11  DG  A "O3'" 1 
ATOM   213 C  "C2'" . DG  A 1 11 ? -4.706  -15.477 -10.111 1.00 89.81  ? 11  DG  A "C2'" 1 
ATOM   214 C  "C1'" . DG  A 1 11 ? -4.454  -14.387 -9.090  1.00 90.16  ? 11  DG  A "C1'" 1 
ATOM   215 N  N9    . DG  A 1 11 ? -4.324  -13.044 -9.646  1.00 84.99  ? 11  DG  A N9    1 
ATOM   216 C  C8    . DG  A 1 11 ? -3.716  -12.678 -10.824 1.00 88.29  ? 11  DG  A C8    1 
ATOM   217 N  N7    . DG  A 1 11 ? -3.760  -11.390 -11.051 1.00 83.50  ? 11  DG  A N7    1 
ATOM   218 C  C5    . DG  A 1 11 ? -4.439  -10.875 -9.953  1.00 78.87  ? 11  DG  A C5    1 
ATOM   219 C  C6    . DG  A 1 11 ? -4.790  -9.539  -9.639  1.00 74.82  ? 11  DG  A C6    1 
ATOM   220 O  O6    . DG  A 1 11 ? -4.560  -8.509  -10.290 1.00 75.78  ? 11  DG  A O6    1 
ATOM   221 N  N1    . DG  A 1 11 ? -5.476  -9.458  -8.429  1.00 71.86  ? 11  DG  A N1    1 
ATOM   222 C  C2    . DG  A 1 11 ? -5.785  -10.532 -7.627  1.00 77.31  ? 11  DG  A C2    1 
ATOM   223 N  N2    . DG  A 1 11 ? -6.453  -10.260 -6.496  1.00 77.58  ? 11  DG  A N2    1 
ATOM   224 N  N3    . DG  A 1 11 ? -5.463  -11.787 -7.911  1.00 75.48  ? 11  DG  A N3    1 
ATOM   225 C  C4    . DG  A 1 11 ? -4.794  -11.882 -9.083  1.00 78.44  ? 11  DG  A C4    1 
ATOM   226 P  P     . DA  A 1 12 ? -5.655  -18.545 -7.892  1.00 105.76 ? 12  DA  A P     1 
ATOM   227 O  OP1   . DA  A 1 12 ? -4.314  -19.101 -7.598  1.00 107.79 ? 12  DA  A OP1   1 
ATOM   228 O  OP2   . DA  A 1 12 ? -6.559  -19.229 -8.842  1.00 103.81 ? 12  DA  A OP2   1 
ATOM   229 O  "O5'" . DA  A 1 12 ? -6.470  -18.382 -6.523  1.00 102.66 ? 12  DA  A "O5'" 1 
ATOM   230 C  "C5'" . DA  A 1 12 ? -6.660  -17.089 -5.946  1.00 95.92  ? 12  DA  A "C5'" 1 
ATOM   231 C  "C4'" . DA  A 1 12 ? -8.095  -16.632 -6.124  1.00 94.42  ? 12  DA  A "C4'" 1 
ATOM   232 O  "O4'" . DA  A 1 12 ? -8.098  -15.277 -6.598  1.00 95.51  ? 12  DA  A "O4'" 1 
ATOM   233 C  "C3'" . DA  A 1 12 ? -8.884  -17.447 -7.137  1.00 96.66  ? 12  DA  A "C3'" 1 
ATOM   234 O  "O3'" . DA  A 1 12 ? -9.735  -18.354 -6.455  1.00 102.57 ? 12  DA  A "O3'" 1 
ATOM   235 C  "C2'" . DA  A 1 12 ? -9.687  -16.423 -7.948  1.00 90.00  ? 12  DA  A "C2'" 1 
ATOM   236 C  "C1'" . DA  A 1 12 ? -9.165  -15.063 -7.492  1.00 88.30  ? 12  DA  A "C1'" 1 
ATOM   237 N  N9    . DA  A 1 12 ? -8.668  -14.246 -8.583  1.00 82.05  ? 12  DA  A N9    1 
ATOM   238 C  C8    . DA  A 1 12 ? -7.979  -14.673 -9.687  1.00 82.96  ? 12  DA  A C8    1 
ATOM   239 N  N7    . DA  A 1 12 ? -7.639  -13.706 -10.505 1.00 81.66  ? 12  DA  A N7    1 
ATOM   240 C  C5    . DA  A 1 12 ? -8.137  -12.565 -9.890  1.00 78.59  ? 12  DA  A C5    1 
ATOM   241 C  C6    . DA  A 1 12 ? -8.114  -11.202 -10.254 1.00 75.46  ? 12  DA  A C6    1 
ATOM   242 N  N6    . DA  A 1 12 ? -7.539  -10.745 -11.372 1.00 73.15  ? 12  DA  A N6    1 
ATOM   243 N  N1    . DA  A 1 12 ? -8.710  -10.324 -9.415  1.00 73.65  ? 12  DA  A N1    1 
ATOM   244 C  C2    . DA  A 1 12 ? -9.280  -10.786 -8.293  1.00 75.68  ? 12  DA  A C2    1 
ATOM   245 N  N3    . DA  A 1 12 ? -9.364  -12.040 -7.852  1.00 76.75  ? 12  DA  A N3    1 
ATOM   246 C  C4    . DA  A 1 12 ? -8.766  -12.885 -8.706  1.00 79.28  ? 12  DA  A C4    1 
ATOM   247 P  P     . DC  B 2 1  ? -22.246 -5.478  3.275   1.00 92.71  ? 12  DC  B P     1 
ATOM   248 O  OP1   . DC  B 2 1  ? -22.588 -6.750  3.952   1.00 94.28  ? 12  DC  B OP1   1 
ATOM   249 O  OP2   . DC  B 2 1  ? -23.122 -4.293  3.432   1.00 102.52 ? 12  DC  B OP2   1 
ATOM   250 O  "O5'" . DC  B 2 1  ? -20.750 -5.079  3.674   1.00 91.58  ? 12  DC  B "O5'" 1 
ATOM   251 C  "C5'" . DC  B 2 1  ? -20.525 -4.156  4.712   1.00 92.59  ? 12  DC  B "C5'" 1 
ATOM   252 C  "C4'" . DC  B 2 1  ? -20.413 -4.866  6.051   1.00 91.67  ? 12  DC  B "C4'" 1 
ATOM   253 O  "O4'" . DC  B 2 1  ? -19.466 -5.943  5.948   1.00 87.65  ? 12  DC  B "O4'" 1 
ATOM   254 C  "C3'" . DC  B 2 1  ? -19.893 -3.991  7.177   1.00 92.37  ? 12  DC  B "C3'" 1 
ATOM   255 O  "O3'" . DC  B 2 1  ? -20.975 -3.398  7.862   1.00 97.85  ? 12  DC  B "O3'" 1 
ATOM   256 C  "C2'" . DC  B 2 1  ? -19.125 -4.955  8.087   1.00 82.22  ? 12  DC  B "C2'" 1 
ATOM   257 C  "C1'" . DC  B 2 1  ? -18.911 -6.199  7.224   1.00 81.88  ? 12  DC  B "C1'" 1 
ATOM   258 N  N1    . DC  B 2 1  ? -17.473 -6.591  7.037   1.00 75.05  ? 12  DC  B N1    1 
ATOM   259 C  C2    . DC  B 2 1  ? -16.679 -6.923  8.152   1.00 77.82  ? 12  DC  B C2    1 
ATOM   260 O  O2    . DC  B 2 1  ? -17.165 -6.878  9.288   1.00 84.49  ? 12  DC  B O2    1 
ATOM   261 N  N3    . DC  B 2 1  ? -15.389 -7.290  7.944   1.00 73.56  ? 12  DC  B N3    1 
ATOM   262 C  C4    . DC  B 2 1  ? -14.894 -7.336  6.709   1.00 76.04  ? 12  DC  B C4    1 
ATOM   263 N  N4    . DC  B 2 1  ? -13.615 -7.700  6.562   1.00 77.22  ? 12  DC  B N4    1 
ATOM   264 C  C5    . DC  B 2 1  ? -15.687 -7.005  5.566   1.00 74.22  ? 12  DC  B C5    1 
ATOM   265 C  C6    . DC  B 2 1  ? -16.956 -6.644  5.779   1.00 76.43  ? 12  DC  B C6    1 
ATOM   266 P  P     . DG  B 2 2  ? -21.059 -1.801  7.957   1.00 100.54 ? 13  DG  B P     1 
ATOM   267 O  OP1   . DG  B 2 2  ? -22.139 -1.456  8.914   1.00 95.08  ? 13  DG  B OP1   1 
ATOM   268 O  OP2   . DG  B 2 2  ? -21.094 -1.302  6.560   1.00 94.12  ? 13  DG  B OP2   1 
ATOM   269 O  "O5'" . DG  B 2 2  ? -19.652 -1.388  8.595   1.00 88.12  ? 13  DG  B "O5'" 1 
ATOM   270 C  "C5'" . DG  B 2 2  ? -19.583 -0.993  9.958   1.00 90.12  ? 13  DG  B "C5'" 1 
ATOM   271 C  "C4'" . DG  B 2 2  ? -18.513 -1.775  10.695  1.00 90.35  ? 13  DG  B "C4'" 1 
ATOM   272 O  "O4'" . DG  B 2 2  ? -17.805 -2.615  9.773   1.00 87.48  ? 13  DG  B "O4'" 1 
ATOM   273 C  "C3'" . DG  B 2 2  ? -17.425 -0.933  11.345  1.00 88.89  ? 13  DG  B "C3'" 1 
ATOM   274 O  "O3'" . DG  B 2 2  ? -17.798 -0.613  12.672  1.00 95.29  ? 13  DG  B "O3'" 1 
ATOM   275 C  "C2'" . DG  B 2 2  ? -16.192 -1.854  11.319  1.00 85.23  ? 13  DG  B "C2'" 1 
ATOM   276 C  "C1'" . DG  B 2 2  ? -16.599 -3.002  10.391  1.00 83.41  ? 13  DG  B "C1'" 1 
ATOM   277 N  N9    . DG  B 2 2  ? -15.614 -3.303  9.348   1.00 74.98  ? 13  DG  B N9    1 
ATOM   278 C  C8    . DG  B 2 2  ? -15.781 -3.174  7.996   1.00 73.87  ? 13  DG  B C8    1 
ATOM   279 N  N7    . DG  B 2 2  ? -14.733 -3.531  7.304   1.00 73.53  ? 13  DG  B N7    1 
ATOM   280 C  C5    . DG  B 2 2  ? -13.810 -3.918  8.260   1.00 69.02  ? 13  DG  B C5    1 
ATOM   281 C  C6    . DG  B 2 2  ? -12.487 -4.399  8.105   1.00 72.72  ? 13  DG  B C6    1 
ATOM   282 O  O6    . DG  B 2 2  ? -11.856 -4.575  7.049   1.00 72.46  ? 13  DG  B O6    1 
ATOM   283 N  N1    . DG  B 2 2  ? -11.893 -4.682  9.331   1.00 73.76  ? 13  DG  B N1    1 
ATOM   284 C  C2    . DG  B 2 2  ? -12.495 -4.524  10.557  1.00 75.01  ? 13  DG  B C2    1 
ATOM   285 N  N2    . DG  B 2 2  ? -11.758 -4.855  11.625  1.00 73.11  ? 13  DG  B N2    1 
ATOM   286 N  N3    . DG  B 2 2  ? -13.739 -4.068  10.719  1.00 72.84  ? 13  DG  B N3    1 
ATOM   287 C  C4    . DG  B 2 2  ? -14.331 -3.787  9.534   1.00 70.99  ? 13  DG  B C4    1 
ATOM   288 P  P     . DG  B 2 3  ? -17.542 0.863   13.246  1.00 97.26  ? 14  DG  B P     1 
ATOM   289 O  OP1   . DG  B 2 3  ? -18.322 0.993   14.500  1.00 93.12  ? 14  DG  B OP1   1 
ATOM   290 O  OP2   . DG  B 2 3  ? -17.765 1.819   12.133  1.00 95.47  ? 14  DG  B OP2   1 
ATOM   291 O  "O5'" . DG  B 2 3  ? -15.982 0.867   13.598  1.00 88.50  ? 14  DG  B "O5'" 1 
ATOM   292 C  "C5'" . DG  B 2 3  ? -15.458 -0.123  14.470  1.00 90.97  ? 14  DG  B "C5'" 1 
ATOM   293 C  "C4'" . DG  B 2 3  ? -13.985 -0.366  14.195  1.00 91.81  ? 14  DG  B "C4'" 1 
ATOM   294 O  "O4'" . DG  B 2 3  ? -13.813 -0.923  12.879  1.00 87.88  ? 14  DG  B "O4'" 1 
ATOM   295 C  "C3'" . DG  B 2 3  ? -13.105 0.881   14.231  1.00 88.07  ? 14  DG  B "C3'" 1 
ATOM   296 O  "O3'" . DG  B 2 3  ? -12.327 0.867   15.420  1.00 92.00  ? 14  DG  B "O3'" 1 
ATOM   297 C  "C2'" . DG  B 2 3  ? -12.230 0.777   12.963  1.00 85.59  ? 14  DG  B "C2'" 1 
ATOM   298 C  "C1'" . DG  B 2 3  ? -12.515 -0.632  12.453  1.00 83.33  ? 14  DG  B "C1'" 1 
ATOM   299 N  N9    . DG  B 2 3  ? -12.461 -0.758  10.997  1.00 77.87  ? 14  DG  B N9    1 
ATOM   300 C  C8    . DG  B 2 3  ? -13.439 -0.405  10.092  1.00 77.27  ? 14  DG  B C8    1 
ATOM   301 N  N7    . DG  B 2 3  ? -13.115 -0.640  8.846   1.00 70.64  ? 14  DG  B N7    1 
ATOM   302 C  C5    . DG  B 2 3  ? -11.835 -1.178  8.930   1.00 70.05  ? 14  DG  B C5    1 
ATOM   303 C  C6    . DG  B 2 3  ? -10.970 -1.619  7.900   1.00 68.10  ? 14  DG  B C6    1 
ATOM   304 O  O6    . DG  B 2 3  ? -11.167 -1.621  6.676   1.00 66.30  ? 14  DG  B O6    1 
ATOM   305 N  N1    . DG  B 2 3  ? -9.766  -2.097  8.415   1.00 67.39  ? 14  DG  B N1    1 
ATOM   306 C  C2    . DG  B 2 3  ? -9.440  -2.140  9.752   1.00 71.91  ? 14  DG  B C2    1 
ATOM   307 N  N2    . DG  B 2 3  ? -8.228  -2.636  10.056  1.00 70.23  ? 14  DG  B N2    1 
ATOM   308 N  N3    . DG  B 2 3  ? -10.243 -1.728  10.730  1.00 70.65  ? 14  DG  B N3    1 
ATOM   309 C  C4    . DG  B 2 3  ? -11.422 -1.262  10.243  1.00 72.38  ? 14  DG  B C4    1 
ATOM   310 P  P     . DC  B 2 4  ? -11.251 2.024   15.711  1.00 103.03 ? 15  DC  B P     1 
ATOM   311 O  OP1   . DC  B 2 4  ? -10.943 1.994   17.160  1.00 100.43 ? 15  DC  B OP1   1 
ATOM   312 O  OP2   . DC  B 2 4  ? -11.724 3.278   15.085  1.00 94.57  ? 15  DC  B OP2   1 
ATOM   313 O  "O5'" . DC  B 2 4  ? -9.961  1.534   14.913  1.00 92.95  ? 15  DC  B "O5'" 1 
ATOM   314 C  "C5'" . DC  B 2 4  ? -9.435  0.233   15.144  1.00 86.68  ? 15  DC  B "C5'" 1 
ATOM   315 C  "C4'" . DC  B 2 4  ? -7.999  0.165   14.667  1.00 87.18  ? 15  DC  B "C4'" 1 
ATOM   316 O  "O4'" . DC  B 2 4  ? -7.974  -0.263  13.278  1.00 81.13  ? 15  DC  B "O4'" 1 
ATOM   317 C  "C3'" . DC  B 2 4  ? -7.260  1.504   14.717  1.00 90.70  ? 15  DC  B "C3'" 1 
ATOM   318 O  "O3'" . DC  B 2 4  ? -5.924  1.322   15.155  1.00 95.72  ? 15  DC  B "O3'" 1 
ATOM   319 C  "C2'" . DC  B 2 4  ? -7.316  1.986   13.273  1.00 89.11  ? 15  DC  B "C2'" 1 
ATOM   320 C  "C1'" . DC  B 2 4  ? -7.257  0.673   12.507  1.00 81.37  ? 15  DC  B "C1'" 1 
ATOM   321 N  N1    . DC  B 2 4  ? -7.874  0.760   11.162  1.00 72.93  ? 15  DC  B N1    1 
ATOM   322 C  C2    . DC  B 2 4  ? -7.154  0.326   10.045  1.00 75.01  ? 15  DC  B C2    1 
ATOM   323 O  O2    . DC  B 2 4  ? -6.019  -0.149  10.206  1.00 75.68  ? 15  DC  B O2    1 
ATOM   324 N  N3    . DC  B 2 4  ? -7.722  0.428   8.812   1.00 73.28  ? 15  DC  B N3    1 
ATOM   325 C  C4    . DC  B 2 4  ? -8.948  0.942   8.683   1.00 70.68  ? 15  DC  B C4    1 
ATOM   326 N  N4    . DC  B 2 4  ? -9.462  1.021   7.451   1.00 65.97  ? 15  DC  B N4    1 
ATOM   327 C  C5    . DC  B 2 4  ? -9.695  1.401   9.812   1.00 72.22  ? 15  DC  B C5    1 
ATOM   328 C  C6    . DC  B 2 4  ? -9.123  1.294   11.022  1.00 76.06  ? 15  DC  B C6    1 
ATOM   329 P  P     . DG  B 2 5  ? -5.063  2.592   15.643  1.00 104.32 ? 16  DG  B P     1 
ATOM   330 O  OP1   . DG  B 2 5  ? -4.479  2.256   16.963  1.00 99.24  ? 16  DG  B OP1   1 
ATOM   331 O  OP2   . DG  B 2 5  ? -5.927  3.789   15.507  1.00 103.30 ? 16  DG  B OP2   1 
ATOM   332 O  "O5'" . DG  B 2 5  ? -3.879  2.693   14.567  1.00 95.20  ? 16  DG  B "O5'" 1 
ATOM   333 C  "C5'" . DG  B 2 5  ? -2.855  1.698   14.550  1.00 92.69  ? 16  DG  B "C5'" 1 
ATOM   334 C  "C4'" . DG  B 2 5  ? -1.913  1.895   13.373  1.00 96.80  ? 16  DG  B "C4'" 1 
ATOM   335 O  "O4'" . DG  B 2 5  ? -2.646  1.758   12.128  1.00 94.14  ? 16  DG  B "O4'" 1 
ATOM   336 C  "C3'" . DG  B 2 5  ? -1.223  3.253   13.311  1.00 96.29  ? 16  DG  B "C3'" 1 
ATOM   337 O  "O3'" . DG  B 2 5  ? 0.097   3.092   12.830  1.00 96.48  ? 16  DG  B "O3'" 1 
ATOM   338 C  "C2'" . DG  B 2 5  ? -2.086  4.040   12.324  1.00 94.61  ? 16  DG  B "C2'" 1 
ATOM   339 C  "C1'" . DG  B 2 5  ? -2.547  2.950   11.367  1.00 93.00  ? 16  DG  B "C1'" 1 
ATOM   340 N  N9    . DG  B 2 5  ? -3.857  3.212   10.783  1.00 85.26  ? 16  DG  B N9    1 
ATOM   341 C  C8    . DG  B 2 5  ? -4.997  3.564   11.457  1.00 86.60  ? 16  DG  B C8    1 
ATOM   342 N  N7    . DG  B 2 5  ? -6.032  3.720   10.678  1.00 84.27  ? 16  DG  B N7    1 
ATOM   343 C  C5    . DG  B 2 5  ? -5.547  3.453   9.406   1.00 78.50  ? 16  DG  B C5    1 
ATOM   344 C  C6    . DG  B 2 5  ? -6.211  3.464   8.160   1.00 79.79  ? 16  DG  B C6    1 
ATOM   345 O  O6    . DG  B 2 5  ? -7.402  3.727   7.929   1.00 80.31  ? 16  DG  B O6    1 
ATOM   346 N  N1    . DG  B 2 5  ? -5.353  3.136   7.111   1.00 79.18  ? 16  DG  B N1    1 
ATOM   347 C  C2    . DG  B 2 5  ? -4.023  2.830   7.256   1.00 81.95  ? 16  DG  B C2    1 
ATOM   348 N  N2    . DG  B 2 5  ? -3.358  2.532   6.128   1.00 81.43  ? 16  DG  B N2    1 
ATOM   349 N  N3    . DG  B 2 5  ? -3.384  2.815   8.424   1.00 83.06  ? 16  DG  B N3    1 
ATOM   350 C  C4    . DG  B 2 5  ? -4.208  3.136   9.451   1.00 79.82  ? 16  DG  B C4    1 
ATOM   351 P  P     . DA  B 2 6  ? 1.095   4.346   12.786  1.00 105.94 ? 17  DA  B P     1 
ATOM   352 O  OP1   . DA  B 2 6  ? 2.451   3.847   13.116  1.00 102.56 ? 17  DA  B OP1   1 
ATOM   353 O  OP2   . DA  B 2 6  ? 0.491   5.424   13.602  1.00 105.15 ? 17  DA  B OP2   1 
ATOM   354 O  "O5'" . DA  B 2 6  ? 1.075   4.787   11.252  1.00 94.65  ? 17  DA  B "O5'" 1 
ATOM   355 C  "C5'" . DA  B 2 6  ? 1.575   3.901   10.267  1.00 95.09  ? 17  DA  B "C5'" 1 
ATOM   356 C  "C4'" . DA  B 2 6  ? 1.305   4.440   8.879   1.00 91.83  ? 17  DA  B "C4'" 1 
ATOM   357 O  "O4'" . DA  B 2 6  ? -0.117  4.454   8.636   1.00 91.53  ? 17  DA  B "O4'" 1 
ATOM   358 C  "C3'" . DA  B 2 6  ? 1.801   5.865   8.637   1.00 94.81  ? 17  DA  B "C3'" 1 
ATOM   359 O  "O3'" . DA  B 2 6  ? 2.707   5.871   7.554   1.00 96.82  ? 17  DA  B "O3'" 1 
ATOM   360 C  "C2'" . DA  B 2 6  ? 0.531   6.677   8.328   1.00 88.40  ? 17  DA  B "C2'" 1 
ATOM   361 C  "C1'" . DA  B 2 6  ? -0.459  5.602   7.906   1.00 89.34  ? 17  DA  B "C1'" 1 
ATOM   362 N  N9    . DA  B 2 6  ? -1.846  5.920   8.218   1.00 89.35  ? 17  DA  B N9    1 
ATOM   363 C  C8    . DA  B 2 6  ? -2.386  6.121   9.461   1.00 89.92  ? 17  DA  B C8    1 
ATOM   364 N  N7    . DA  B 2 6  ? -3.677  6.367   9.447   1.00 87.30  ? 17  DA  B N7    1 
ATOM   365 C  C5    . DA  B 2 6  ? -4.010  6.311   8.100   1.00 82.69  ? 17  DA  B C5    1 
ATOM   366 C  C6    . DA  B 2 6  ? -5.233  6.488   7.418   1.00 80.86  ? 17  DA  B C6    1 
ATOM   367 N  N6    . DA  B 2 6  ? -6.389  6.766   8.032   1.00 78.92  ? 17  DA  B N6    1 
ATOM   368 N  N1    . DA  B 2 6  ? -5.217  6.366   6.070   1.00 79.92  ? 17  DA  B N1    1 
ATOM   369 C  C2    . DA  B 2 6  ? -4.055  6.087   5.460   1.00 82.45  ? 17  DA  B C2    1 
ATOM   370 N  N3    . DA  B 2 6  ? -2.844  5.903   5.997   1.00 81.90  ? 17  DA  B N3    1 
ATOM   371 C  C4    . DA  B 2 6  ? -2.896  6.030   7.335   1.00 83.16  ? 17  DA  B C4    1 
ATOM   372 P  P     . DC  B 2 7  ? 3.548   7.196   7.222   1.00 102.45 ? 18  DC  B P     1 
ATOM   373 O  OP1   . DC  B 2 7  ? 4.818   6.769   6.590   1.00 92.45  ? 18  DC  B OP1   1 
ATOM   374 O  OP2   . DC  B 2 7  ? 3.570   8.035   8.444   1.00 87.00  ? 18  DC  B OP2   1 
ATOM   375 O  "O5'" . DC  B 2 7  ? 2.646   7.932   6.128   1.00 96.23  ? 18  DC  B "O5'" 1 
ATOM   376 C  "C5'" . DC  B 2 7  ? 2.268   7.232   4.954   1.00 91.39  ? 18  DC  B "C5'" 1 
ATOM   377 C  "C4'" . DC  B 2 7  ? 1.170   7.969   4.213   1.00 92.08  ? 18  DC  B "C4'" 1 
ATOM   378 O  "O4'" . DC  B 2 7  ? -0.075  7.814   4.909   1.00 87.47  ? 18  DC  B "O4'" 1 
ATOM   379 C  "C3'" . DC  B 2 7  ? 1.367   9.476   4.106   1.00 92.86  ? 18  DC  B "C3'" 1 
ATOM   380 O  "O3'" . DC  B 2 7  ? 1.980   9.796   2.866   1.00 96.81  ? 18  DC  B "O3'" 1 
ATOM   381 C  "C2'" . DC  B 2 7  ? -0.060  10.051  4.195   1.00 91.13  ? 18  DC  B "C2'" 1 
ATOM   382 C  "C1'" . DC  B 2 7  ? -0.937  8.829   4.465   1.00 87.14  ? 18  DC  B "C1'" 1 
ATOM   383 N  N1    . DC  B 2 7  ? -1.976  9.060   5.504   1.00 82.68  ? 18  DC  B N1    1 
ATOM   384 C  C2    . DC  B 2 7  ? -3.307  9.246   5.113   1.00 79.58  ? 18  DC  B C2    1 
ATOM   385 O  O2    . DC  B 2 7  ? -3.593  9.213   3.913   1.00 80.34  ? 18  DC  B O2    1 
ATOM   386 N  N3    . DC  B 2 7  ? -4.249  9.450   6.070   1.00 77.59  ? 18  DC  B N3    1 
ATOM   387 C  C4    . DC  B 2 7  ? -3.899  9.478   7.356   1.00 83.74  ? 18  DC  B C4    1 
ATOM   388 N  N4    . DC  B 2 7  ? -4.862  9.683   8.262   1.00 81.05  ? 18  DC  B N4    1 
ATOM   389 C  C5    . DC  B 2 7  ? -2.542  9.296   7.772   1.00 85.83  ? 18  DC  B C5    1 
ATOM   390 C  C6    . DC  B 2 7  ? -1.625  9.094   6.819   1.00 86.05  ? 18  DC  B C6    1 
ATOM   391 P  P     . DT  B 2 8  ? 2.186   11.331  2.435   1.00 108.65 ? 19  DT  B P     1 
ATOM   392 O  OP1   . DT  B 2 8  ? 3.217   11.358  1.371   1.00 102.30 ? 19  DT  B OP1   1 
ATOM   393 O  OP2   . DT  B 2 8  ? 2.372   12.132  3.667   1.00 105.15 ? 19  DT  B OP2   1 
ATOM   394 O  "O5'" . DT  B 2 8  ? 0.780   11.743  1.794   1.00 95.49  ? 19  DT  B "O5'" 1 
ATOM   395 C  "C5'" . DT  B 2 8  ? 0.254   10.996  0.712   1.00 94.39  ? 19  DT  B "C5'" 1 
ATOM   396 C  "C4'" . DT  B 2 8  ? -1.049  11.599  0.219   1.00 99.46  ? 19  DT  B "C4'" 1 
ATOM   397 O  "O4'" . DT  B 2 8  ? -2.066  11.486  1.251   1.00 92.30  ? 19  DT  B "O4'" 1 
ATOM   398 C  "C3'" . DT  B 2 8  ? -0.982  13.082  -0.153  1.00 97.80  ? 19  DT  B "C3'" 1 
ATOM   399 O  "O3'" . DT  B 2 8  ? -1.704  13.297  -1.351  1.00 98.64  ? 19  DT  B "O3'" 1 
ATOM   400 C  "C2'" . DT  B 2 8  ? -1.651  13.774  1.036   1.00 94.31  ? 19  DT  B "C2'" 1 
ATOM   401 C  "C1'" . DT  B 2 8  ? -2.687  12.740  1.438   1.00 95.53  ? 19  DT  B "C1'" 1 
ATOM   402 N  N1    . DT  B 2 8  ? -3.114  12.833  2.862   1.00 85.87  ? 19  DT  B N1    1 
ATOM   403 C  C2    . DT  B 2 8  ? -4.448  12.961  3.159   1.00 84.95  ? 19  DT  B C2    1 
ATOM   404 O  O2    . DT  B 2 8  ? -5.320  13.015  2.306   1.00 88.06  ? 19  DT  B O2    1 
ATOM   405 N  N3    . DT  B 2 8  ? -4.732  13.028  4.495   1.00 80.89  ? 19  DT  B N3    1 
ATOM   406 C  C4    . DT  B 2 8  ? -3.832  12.974  5.543   1.00 81.25  ? 19  DT  B C4    1 
ATOM   407 O  O4    . DT  B 2 8  ? -4.187  13.040  6.716   1.00 81.33  ? 19  DT  B O4    1 
ATOM   408 C  C5    . DT  B 2 8  ? -2.450  12.836  5.165   1.00 84.51  ? 19  DT  B C5    1 
ATOM   409 C  C7    . DT  B 2 8  ? -1.383  12.768  6.219   1.00 85.00  ? 19  DT  B C7    1 
ATOM   410 C  C6    . DT  B 2 8  ? -2.160  12.772  3.857   1.00 86.43  ? 19  DT  B C6    1 
ATOM   411 P  P     . DC  B 2 9  ? -1.704  14.741  -2.052  1.00 110.66 ? 20  DC  B P     1 
ATOM   412 O  OP1   . DC  B 2 9  ? -1.680  14.503  -3.514  1.00 106.12 ? 20  DC  B OP1   1 
ATOM   413 O  OP2   . DC  B 2 9  ? -0.654  15.567  -1.410  1.00 110.84 ? 20  DC  B OP2   1 
ATOM   414 O  "O5'" . DC  B 2 9  ? -3.130  15.352  -1.666  1.00 98.20  ? 20  DC  B "O5'" 1 
ATOM   415 C  "C5'" . DC  B 2 9  ? -4.315  14.808  -2.238  1.00 96.81  ? 20  DC  B "C5'" 1 
ATOM   416 C  "C4'" . DC  B 2 9  ? -5.523  15.666  -1.902  1.00 102.12 ? 20  DC  B "C4'" 1 
ATOM   417 O  "O4'" . DC  B 2 9  ? -5.797  15.585  -0.477  1.00 100.37 ? 20  DC  B "O4'" 1 
ATOM   418 C  "C3'" . DC  B 2 9  ? -5.370  17.154  -2.220  1.00 102.88 ? 20  DC  B "C3'" 1 
ATOM   419 O  "O3'" . DC  B 2 9  ? -6.602  17.679  -2.709  1.00 102.75 ? 20  DC  B "O3'" 1 
ATOM   420 C  "C2'" . DC  B 2 9  ? -4.998  17.759  -0.868  1.00 95.53  ? 20  DC  B "C2'" 1 
ATOM   421 C  "C1'" . DC  B 2 9  ? -5.791  16.881  0.090   1.00 97.00  ? 20  DC  B "C1'" 1 
ATOM   422 N  N1    . DC  B 2 9  ? -5.190  16.792  1.448   1.00 93.45  ? 20  DC  B N1    1 
ATOM   423 C  C2    . DC  B 2 9  ? -6.021  16.752  2.573   1.00 90.34  ? 20  DC  B C2    1 
ATOM   424 O  O2    . DC  B 2 9  ? -7.250  16.792  2.418   1.00 93.22  ? 20  DC  B O2    1 
ATOM   425 N  N3    . DC  B 2 9  ? -5.458  16.669  3.804   1.00 84.56  ? 20  DC  B N3    1 
ATOM   426 C  C4    . DC  B 2 9  ? -4.130  16.628  3.928   1.00 84.94  ? 20  DC  B C4    1 
ATOM   427 N  N4    . DC  B 2 9  ? -3.621  16.547  5.162   1.00 82.98  ? 20  DC  B N4    1 
ATOM   428 C  C5    . DC  B 2 9  ? -3.266  16.669  2.795   1.00 87.93  ? 20  DC  B C5    1 
ATOM   429 C  C6    . DC  B 2 9  ? -3.833  16.750  1.586   1.00 93.18  ? 20  DC  B C6    1 
ATOM   430 P  P     . DT  C 3 1  ? -11.080 0.178   -13.228 1.00 106.48 ? 0   DT  C P     1 
ATOM   431 O  OP1   . DT  C 3 1  ? -9.846  0.985   -13.386 1.00 100.77 ? 0   DT  C OP1   1 
ATOM   432 O  OP2   . DT  C 3 1  ? -11.826 -0.344  -14.397 1.00 109.03 ? 0   DT  C OP2   1 
ATOM   433 O  "O5'" . DT  C 3 1  ? -10.808 -1.049  -12.242 1.00 87.65  ? 0   DT  C "O5'" 1 
ATOM   434 C  "C5'" . DT  C 3 1  ? -10.521 -0.791  -10.894 1.00 91.53  ? 0   DT  C "C5'" 1 
ATOM   435 C  "C4'" . DT  C 3 1  ? -11.232 -1.769  -9.991  1.00 86.14  ? 0   DT  C "C4'" 1 
ATOM   436 O  "O4'" . DT  C 3 1  ? -11.032 -3.119  -10.494 1.00 81.68  ? 0   DT  C "O4'" 1 
ATOM   437 C  "C3'" . DT  C 3 1  ? -10.716 -1.769  -8.550  1.00 86.99  ? 0   DT  C "C3'" 1 
ATOM   438 O  "O3'" . DT  C 3 1  ? -11.791 -1.820  -7.630  1.00 87.00  ? 0   DT  C "O3'" 1 
ATOM   439 C  "C2'" . DT  C 3 1  ? -9.873  -3.035  -8.488  1.00 85.90  ? 0   DT  C "C2'" 1 
ATOM   440 C  "C1'" . DT  C 3 1  ? -10.651 -3.941  -9.419  1.00 82.51  ? 0   DT  C "C1'" 1 
ATOM   441 N  N1    . DT  C 3 1  ? -9.861  -5.108  -9.923  1.00 80.11  ? 0   DT  C N1    1 
ATOM   442 C  C2    . DT  C 3 1  ? -9.954  -6.310  -9.261  1.00 79.21  ? 0   DT  C C2    1 
ATOM   443 O  O2    . DT  C 3 1  ? -10.668 -6.482  -8.283  1.00 83.92  ? 0   DT  C O2    1 
ATOM   444 N  N3    . DT  C 3 1  ? -9.195  -7.322  -9.789  1.00 73.05  ? 0   DT  C N3    1 
ATOM   445 C  C4    . DT  C 3 1  ? -8.358  -7.247  -10.887 1.00 76.29  ? 0   DT  C C4    1 
ATOM   446 O  O4    . DT  C 3 1  ? -7.710  -8.214  -11.290 1.00 76.41  ? 0   DT  C O4    1 
ATOM   447 C  C5    . DT  C 3 1  ? -8.295  -5.954  -11.527 1.00 78.19  ? 0   DT  C C5    1 
ATOM   448 C  C7    . DT  C 3 1  ? -7.410  -5.753  -12.723 1.00 74.08  ? 0   DT  C C7    1 
ATOM   449 C  C6    . DT  C 3 1  ? -9.037  -4.954  -11.020 1.00 80.47  ? 0   DT  C C6    1 
ATOM   450 P  P     . DC  C 3 2  ? -11.537 -1.385  -6.104  1.00 95.75  ? 1   DC  C P     1 
ATOM   451 O  OP1   . DC  C 3 2  ? -12.836 -1.276  -5.392  1.00 98.15  ? 1   DC  C OP1   1 
ATOM   452 O  OP2   . DC  C 3 2  ? -10.617 -0.227  -6.181  1.00 91.06  ? 1   DC  C OP2   1 
ATOM   453 O  "O5'" . DC  C 3 2  ? -10.744 -2.634  -5.478  1.00 86.40  ? 1   DC  C "O5'" 1 
ATOM   454 C  "C5'" . DC  C 3 2  ? -11.363 -3.931  -5.450  1.00 85.40  ? 1   DC  C "C5'" 1 
ATOM   455 C  "C4'" . DC  C 3 2  ? -10.591 -4.906  -4.571  1.00 86.39  ? 1   DC  C "C4'" 1 
ATOM   456 O  "O4'" . DC  C 3 2  ? -9.742  -5.757  -5.390  1.00 86.43  ? 1   DC  C "O4'" 1 
ATOM   457 C  "C3'" . DC  C 3 2  ? -9.666  -4.277  -3.540  1.00 79.92  ? 1   DC  C "C3'" 1 
ATOM   458 O  "O3'" . DC  C 3 2  ? -9.625  -5.110  -2.405  1.00 73.68  ? 1   DC  C "O3'" 1 
ATOM   459 C  "C2'" . DC  C 3 2  ? -8.324  -4.274  -4.266  1.00 86.44  ? 1   DC  C "C2'" 1 
ATOM   460 C  "C1'" . DC  C 3 2  ? -8.391  -5.607  -4.998  1.00 86.05  ? 1   DC  C "C1'" 1 
ATOM   461 N  N1    . DC  C 3 2  ? -7.551  -5.681  -6.233  1.00 81.81  ? 1   DC  C N1    1 
ATOM   462 C  C2    . DC  C 3 2  ? -6.967  -6.895  -6.605  1.00 79.31  ? 1   DC  C C2    1 
ATOM   463 O  O2    . DC  C 3 2  ? -7.135  -7.890  -5.885  1.00 79.66  ? 1   DC  C O2    1 
ATOM   464 N  N3    . DC  C 3 2  ? -6.231  -6.954  -7.743  1.00 77.72  ? 1   DC  C N3    1 
ATOM   465 C  C4    . DC  C 3 2  ? -6.078  -5.857  -8.494  1.00 77.41  ? 1   DC  C C4    1 
ATOM   466 N  N4    . DC  C 3 2  ? -5.345  -5.960  -9.607  1.00 71.92  ? 1   DC  C N4    1 
ATOM   467 C  C5    . DC  C 3 2  ? -6.670  -4.613  -8.136  1.00 78.59  ? 1   DC  C C5    1 
ATOM   468 C  C6    . DC  C 3 2  ? -7.389  -4.571  -7.008  1.00 80.01  ? 1   DC  C C6    1 
ATOM   469 P  P     . DT  C 3 3  ? -9.221  -4.512  -0.972  1.00 84.74  ? 2   DT  C P     1 
ATOM   470 O  OP1   . DT  C 3 3  ? -10.219 -5.005  0.009   1.00 71.13  ? 2   DT  C OP1   1 
ATOM   471 O  OP2   . DT  C 3 3  ? -9.009  -3.058  -1.150  1.00 87.89  ? 2   DT  C OP2   1 
ATOM   472 O  "O5'" . DT  C 3 3  ? -7.801  -5.183  -0.665  1.00 79.59  ? 2   DT  C "O5'" 1 
ATOM   473 C  "C5'" . DT  C 3 3  ? -7.754  -6.473  -0.064  1.00 81.28  ? 2   DT  C "C5'" 1 
ATOM   474 C  "C4'" . DT  C 3 3  ? -6.461  -7.181  -0.400  1.00 77.78  ? 2   DT  C "C4'" 1 
ATOM   475 O  "O4'" . DT  C 3 3  ? -6.277  -7.182  -1.825  1.00 81.54  ? 2   DT  C "O4'" 1 
ATOM   476 C  "C3'" . DT  C 3 3  ? -5.215  -6.496  0.097   1.00 75.04  ? 2   DT  C "C3'" 1 
ATOM   477 O  "O3'" . DT  C 3 3  ? -4.978  -6.782  1.486   1.00 78.48  ? 2   DT  C "O3'" 1 
ATOM   478 C  "C2'" . DT  C 3 3  ? -4.138  -7.079  -0.817  1.00 74.91  ? 2   DT  C "C2'" 1 
ATOM   479 C  "C1'" . DT  C 3 3  ? -4.922  -7.469  -2.081  1.00 82.15  ? 2   DT  C "C1'" 1 
ATOM   480 N  N1    . DT  C 3 3  ? -4.492  -6.743  -3.319  1.00 79.99  ? 2   DT  C N1    1 
ATOM   481 C  C2    . DT  C 3 3  ? -3.779  -7.423  -4.273  1.00 80.54  ? 2   DT  C C2    1 
ATOM   482 O  O2    . DT  C 3 3  ? -3.477  -8.597  -4.165  1.00 83.47  ? 2   DT  C O2    1 
ATOM   483 N  N3    . DT  C 3 3  ? -3.429  -6.682  -5.372  1.00 75.26  ? 2   DT  C N3    1 
ATOM   484 C  C4    . DT  C 3 3  ? -3.718  -5.354  -5.603  1.00 76.21  ? 2   DT  C C4    1 
ATOM   485 O  O4    . DT  C 3 3  ? -3.361  -4.775  -6.625  1.00 74.81  ? 2   DT  C O4    1 
ATOM   486 C  C5    . DT  C 3 3  ? -4.470  -4.692  -4.564  1.00 81.82  ? 2   DT  C C5    1 
ATOM   487 C  C7    . DT  C 3 3  ? -4.842  -3.245  -4.704  1.00 79.98  ? 2   DT  C C7    1 
ATOM   488 C  C6    . DT  C 3 3  ? -4.815  -5.414  -3.480  1.00 81.75  ? 2   DT  C C6    1 
ATOM   489 P  P     . DC  C 3 4  ? -5.157  -8.258  2.105   1.00 87.25  ? 3   DC  C P     1 
ATOM   490 O  OP1   . DC  C 3 4  ? -4.349  -9.218  1.318   1.00 90.33  ? 3   DC  C OP1   1 
ATOM   491 O  OP2   . DC  C 3 4  ? -6.593  -8.500  2.366   1.00 80.45  ? 3   DC  C OP2   1 
ATOM   492 O  "O5'" . DC  C 3 4  ? -4.436  -8.132  3.521   1.00 80.55  ? 3   DC  C "O5'" 1 
ATOM   493 C  "C5'" . DC  C 3 4  ? -3.219  -7.400  3.599   1.00 85.28  ? 3   DC  C "C5'" 1 
ATOM   494 C  "C4'" . DC  C 3 4  ? -3.184  -6.525  4.831   1.00 84.09  ? 3   DC  C "C4'" 1 
ATOM   495 O  "O4'" . DC  C 3 4  ? -3.845  -5.261  4.572   1.00 75.76  ? 3   DC  C "O4'" 1 
ATOM   496 C  "C3'" . DC  C 3 4  ? -3.925  -7.095  6.010   1.00 83.17  ? 3   DC  C "C3'" 1 
ATOM   497 O  "O3'" . DC  C 3 4  ? -3.116  -8.040  6.663   1.00 80.06  ? 3   DC  C "O3'" 1 
ATOM   498 C  "C2'" . DC  C 3 4  ? -4.157  -5.852  6.856   1.00 75.69  ? 3   DC  C "C2'" 1 
ATOM   499 C  "C1'" . DC  C 3 4  ? -4.426  -4.787  5.782   1.00 72.70  ? 3   DC  C "C1'" 1 
ATOM   500 N  N1    . DC  C 3 4  ? -5.886  -4.498  5.521   1.00 64.53  ? 3   DC  C N1    1 
ATOM   501 C  C2    . DC  C 3 4  ? -6.751  -4.151  6.579   1.00 68.93  ? 3   DC  C C2    1 
ATOM   502 O  O2    . DC  C 3 4  ? -6.320  -4.098  7.736   1.00 72.78  ? 3   DC  C O2    1 
ATOM   503 N  N3    . DC  C 3 4  ? -8.051  -3.884  6.299   1.00 68.52  ? 3   DC  C N3    1 
ATOM   504 C  C4    . DC  C 3 4  ? -8.493  -3.940  5.043   1.00 67.39  ? 3   DC  C C4    1 
ATOM   505 N  N4    . DC  C 3 4  ? -9.785  -3.669  4.822   1.00 63.52  ? 3   DC  C N4    1 
ATOM   506 C  C5    . DC  C 3 4  ? -7.631  -4.278  3.956   1.00 63.72  ? 3   DC  C C5    1 
ATOM   507 C  C6    . DC  C 3 4  ? -6.350  -4.543  4.240   1.00 64.49  ? 3   DC  C C6    1 
ATOM   508 P  P     . DC  C 3 5  ? -3.769  -9.425  7.136   1.00 92.39  ? 4   DC  C P     1 
ATOM   509 O  OP1   . DC  C 3 5  ? -2.685  -10.417 7.324   1.00 90.01  ? 4   DC  C OP1   1 
ATOM   510 O  OP2   . DC  C 3 5  ? -4.899  -9.700  6.220   1.00 89.80  ? 4   DC  C OP2   1 
ATOM   511 O  "O5'" . DC  C 3 5  ? -4.381  -9.066  8.557   1.00 86.76  ? 4   DC  C "O5'" 1 
ATOM   512 C  "C5'" . DC  C 3 5  ? -3.600  -8.323  9.468   1.00 86.19  ? 4   DC  C "C5'" 1 
ATOM   513 C  "C4'" . DC  C 3 5  ? -4.460  -7.821  10.594  1.00 89.88  ? 4   DC  C "C4'" 1 
ATOM   514 O  "O4'" . DC  C 3 5  ? -5.235  -6.689  10.135  1.00 89.90  ? 4   DC  C "O4'" 1 
ATOM   515 C  "C3'" . DC  C 3 5  ? -5.486  -8.823  11.072  1.00 87.27  ? 4   DC  C "C3'" 1 
ATOM   516 O  "O3'" . DC  C 3 5  ? -4.898  -9.684  12.029  1.00 92.28  ? 4   DC  C "O3'" 1 
ATOM   517 C  "C2'" . DC  C 3 5  ? -6.537  -7.913  11.693  1.00 87.55  ? 4   DC  C "C2'" 1 
ATOM   518 C  "C1'" . DC  C 3 5  ? -6.521  -6.721  10.734  1.00 85.45  ? 4   DC  C "C1'" 1 
ATOM   519 N  N1    . DC  C 3 5  ? -7.551  -6.802  9.653   1.00 78.67  ? 4   DC  C N1    1 
ATOM   520 C  C2    . DC  C 3 5  ? -8.895  -6.555  9.961   1.00 76.97  ? 4   DC  C C2    1 
ATOM   521 O  O2    . DC  C 3 5  ? -9.208  -6.285  11.126  1.00 79.75  ? 4   DC  C O2    1 
ATOM   522 N  N3    . DC  C 3 5  ? -9.818  -6.622  8.970   1.00 74.10  ? 4   DC  C N3    1 
ATOM   523 C  C4    . DC  C 3 5  ? -9.443  -6.916  7.724   1.00 74.98  ? 4   DC  C C4    1 
ATOM   524 N  N4    . DC  C 3 5  ? -10.393 -6.972  6.781   1.00 76.58  ? 4   DC  C N4    1 
ATOM   525 C  C5    . DC  C 3 5  ? -8.079  -7.168  7.389   1.00 74.10  ? 4   DC  C C5    1 
ATOM   526 C  C6    . DC  C 3 5  ? -7.175  -7.101  8.376   1.00 78.40  ? 4   DC  C C6    1 
ATOM   527 P  P     . DG  C 3 6  ? -5.809  -10.698 12.875  1.00 101.49 ? 5   DG  C P     1 
ATOM   528 O  OP1   . DG  C 3 6  ? -4.926  -11.762 13.402  1.00 99.01  ? 5   DG  C OP1   1 
ATOM   529 O  OP2   . DG  C 3 6  ? -6.978  -11.075 12.053  1.00 91.12  ? 5   DG  C OP2   1 
ATOM   530 O  "O5'" . DG  C 3 6  ? -6.338  -9.802  14.084  1.00 95.76  ? 5   DG  C "O5'" 1 
ATOM   531 C  "C5'" . DG  C 3 6  ? -7.036  -10.402 15.134  1.00 97.44  ? 5   DG  C "C5'" 1 
ATOM   532 C  "C4'" . DG  C 3 6  ? -8.536  -10.277 14.944  1.00 93.67  ? 5   DG  C "C4'" 1 
ATOM   533 O  "O4'" . DG  C 3 6  ? -8.862  -9.431  13.826  1.00 90.27  ? 5   DG  C "O4'" 1 
ATOM   534 C  "C3'" . DG  C 3 6  ? -9.254  -11.557 14.607  1.00 96.50  ? 5   DG  C "C3'" 1 
ATOM   535 O  "O3'" . DG  C 3 6  ? -9.388  -12.360 15.756  1.00 101.88 ? 5   DG  C "O3'" 1 
ATOM   536 C  "C2'" . DG  C 3 6  ? -10.605 -11.021 14.140  1.00 90.15  ? 5   DG  C "C2'" 1 
ATOM   537 C  "C1'" . DG  C 3 6  ? -10.227 -9.664  13.513  1.00 85.55  ? 5   DG  C "C1'" 1 
ATOM   538 N  N9    . DG  C 3 6  ? -10.409 -9.630  12.071  1.00 78.80  ? 5   DG  C N9    1 
ATOM   539 C  C8    . DG  C 3 6  ? -9.527  -10.070 11.110  1.00 79.82  ? 5   DG  C C8    1 
ATOM   540 N  N7    . DG  C 3 6  ? -9.962  -9.921  9.890   1.00 77.32  ? 5   DG  C N7    1 
ATOM   541 C  C5    . DG  C 3 6  ? -11.214 -9.341  10.048  1.00 73.06  ? 5   DG  C C5    1 
ATOM   542 C  C6    . DG  C 3 6  ? -12.154 -8.953  9.067   1.00 74.35  ? 5   DG  C C6    1 
ATOM   543 O  O6    . DG  C 3 6  ? -12.068 -9.044  7.833   1.00 76.45  ? 5   DG  C O6    1 
ATOM   544 N  N1    . DG  C 3 6  ? -13.298 -8.403  9.650   1.00 75.38  ? 5   DG  C N1    1 
ATOM   545 C  C2    . DG  C 3 6  ? -13.497 -8.256  11.003  1.00 78.91  ? 5   DG  C C2    1 
ATOM   546 N  N2    . DG  C 3 6  ? -14.664 -7.704  11.373  1.00 75.32  ? 5   DG  C N2    1 
ATOM   547 N  N3    . DG  C 3 6  ? -12.617 -8.620  11.935  1.00 76.63  ? 5   DG  C N3    1 
ATOM   548 C  C4    . DG  C 3 6  ? -11.500 -9.153  11.377  1.00 75.33  ? 5   DG  C C4    1 
ATOM   549 O  "O5'" . DT  D 4 1  ? 1.017   21.124  14.734  1.00 120.85 ? 2   DT  D "O5'" 1 
ATOM   550 C  "C5'" . DT  D 4 1  ? -0.109  20.345  14.348  1.00 120.54 ? 2   DT  D "C5'" 1 
ATOM   551 C  "C4'" . DT  D 4 1  ? -1.393  21.137  14.503  1.00 115.38 ? 2   DT  D "C4'" 1 
ATOM   552 O  "O4'" . DT  D 4 1  ? -1.652  21.898  13.287  1.00 111.02 ? 2   DT  D "O4'" 1 
ATOM   553 C  "C3'" . DT  D 4 1  ? -2.647  20.291  14.756  1.00 112.29 ? 2   DT  D "C3'" 1 
ATOM   554 O  "O3'" . DT  D 4 1  ? -3.384  20.839  15.866  1.00 114.32 ? 2   DT  D "O3'" 1 
ATOM   555 C  "C2'" . DT  D 4 1  ? -3.400  20.387  13.431  1.00 106.64 ? 2   DT  D "C2'" 1 
ATOM   556 C  "C1'" . DT  D 4 1  ? -3.011  21.771  12.954  1.00 107.11 ? 2   DT  D "C1'" 1 
ATOM   557 N  N1    . DT  D 4 1  ? -3.184  21.943  11.482  1.00 102.87 ? 2   DT  D N1    1 
ATOM   558 C  C2    . DT  D 4 1  ? -4.419  22.290  10.992  1.00 99.24  ? 2   DT  D C2    1 
ATOM   559 O  O2    . DT  D 4 1  ? -5.390  22.486  11.706  1.00 101.45 ? 2   DT  D O2    1 
ATOM   560 N  N3    . DT  D 4 1  ? -4.488  22.407  9.629   1.00 95.79  ? 2   DT  D N3    1 
ATOM   561 C  C4    . DT  D 4 1  ? -3.461  22.209  8.729   1.00 96.43  ? 2   DT  D C4    1 
ATOM   562 O  O4    . DT  D 4 1  ? -3.619  22.340  7.513   1.00 95.67  ? 2   DT  D O4    1 
ATOM   563 C  C5    . DT  D 4 1  ? -2.188  21.841  9.300   1.00 96.99  ? 2   DT  D C5    1 
ATOM   564 C  C7    . DT  D 4 1  ? -1.005  21.597  8.419   1.00 97.02  ? 2   DT  D C7    1 
ATOM   565 C  C6    . DT  D 4 1  ? -2.115  21.723  10.638  1.00 101.60 ? 2   DT  D C6    1 
ATOM   566 P  P     . DC  D 4 2  ? -4.993  20.762  15.963  1.00 121.02 ? 3   DC  D P     1 
ATOM   567 O  OP1   . DC  D 4 2  ? -5.565  21.637  14.909  1.00 110.43 ? 3   DC  D OP1   1 
ATOM   568 O  OP2   . DC  D 4 2  ? -5.301  21.110  17.368  1.00 123.00 ? 3   DC  D OP2   1 
ATOM   569 O  "O5'" . DC  D 4 2  ? -5.360  19.193  15.832  1.00 111.69 ? 3   DC  D "O5'" 1 
ATOM   570 C  "C5'" . DC  D 4 2  ? -5.989  18.639  14.650  1.00 108.30 ? 3   DC  D "C5'" 1 
ATOM   571 C  "C4'" . DC  D 4 2  ? -7.270  19.369  14.284  1.00 108.95 ? 3   DC  D "C4'" 1 
ATOM   572 O  "O4'" . DC  D 4 2  ? -7.039  20.130  13.067  1.00 105.60 ? 3   DC  D "O4'" 1 
ATOM   573 C  "C3'" . DC  D 4 2  ? -8.457  18.470  13.975  1.00 109.50 ? 3   DC  D "C3'" 1 
ATOM   574 O  "O3'" . DC  D 4 2  ? -9.685  19.154  14.234  1.00 113.62 ? 3   DC  D "O3'" 1 
ATOM   575 C  "C2'" . DC  D 4 2  ? -8.271  18.211  12.490  1.00 104.52 ? 3   DC  D "C2'" 1 
ATOM   576 C  "C1'" . DC  D 4 2  ? -7.768  19.558  11.995  1.00 100.35 ? 3   DC  D "C1'" 1 
ATOM   577 N  N1    . DC  D 4 2  ? -6.873  19.450  10.800  1.00 93.87  ? 3   DC  D N1    1 
ATOM   578 C  C2    . DC  D 4 2  ? -7.407  19.632  9.517   1.00 92.22  ? 3   DC  D C2    1 
ATOM   579 O  O2    . DC  D 4 2  ? -8.611  19.890  9.394   1.00 93.27  ? 3   DC  D O2    1 
ATOM   580 N  N3    . DC  D 4 2  ? -6.584  19.526  8.441   1.00 90.24  ? 3   DC  D N3    1 
ATOM   581 C  C4    . DC  D 4 2  ? -5.290  19.247  8.614   1.00 90.31  ? 3   DC  D C4    1 
ATOM   582 N  N4    . DC  D 4 2  ? -4.520  19.154  7.522   1.00 87.97  ? 3   DC  D N4    1 
ATOM   583 C  C5    . DC  D 4 2  ? -4.730  19.053  9.912   1.00 90.11  ? 3   DC  D C5    1 
ATOM   584 C  C6    . DC  D 4 2  ? -5.551  19.158  10.966  1.00 93.62  ? 3   DC  D C6    1 
ATOM   585 P  P     . DG  D 4 3  ? -11.061 18.328  14.395  1.00 122.34 ? 4   DG  D P     1 
ATOM   586 O  OP1   . DG  D 4 3  ? -12.138 19.120  13.754  1.00 115.55 ? 4   DG  D OP1   1 
ATOM   587 O  OP2   . DG  D 4 3  ? -11.185 17.935  15.817  1.00 119.12 ? 4   DG  D OP2   1 
ATOM   588 O  "O5'" . DG  D 4 3  ? -10.816 16.991  13.554  1.00 111.81 ? 4   DG  D "O5'" 1 
ATOM   589 C  "C5'" . DG  D 4 3  ? -11.904 16.318  12.939  1.00 107.06 ? 4   DG  D "C5'" 1 
ATOM   590 C  "C4'" . DG  D 4 3  ? -12.195 16.893  11.563  1.00 103.24 ? 4   DG  D "C4'" 1 
ATOM   591 O  "O4'" . DG  D 4 3  ? -10.954 17.280  10.917  1.00 100.66 ? 4   DG  D "O4'" 1 
ATOM   592 C  "C3'" . DG  D 4 3  ? -12.894 15.930  10.609  1.00 102.24 ? 4   DG  D "C3'" 1 
ATOM   593 O  "O3'" . DG  D 4 3  ? -14.001 16.566  10.009  1.00 107.73 ? 4   DG  D "O3'" 1 
ATOM   594 C  "C2'" . DG  D 4 3  ? -11.813 15.588  9.581   1.00 95.69  ? 4   DG  D "C2'" 1 
ATOM   595 C  "C1'" . DG  D 4 3  ? -10.972 16.845  9.578   1.00 93.03  ? 4   DG  D "C1'" 1 
ATOM   596 N  N9    . DG  D 4 3  ? -9.589  16.637  9.141   1.00 89.04  ? 4   DG  D N9    1 
ATOM   597 C  C8    . DG  D 4 3  ? -8.503  16.383  9.940   1.00 86.79  ? 4   DG  D C8    1 
ATOM   598 N  N7    . DG  D 4 3  ? -7.385  16.258  9.285   1.00 81.57  ? 4   DG  D N7    1 
ATOM   599 C  C5    . DG  D 4 3  ? -7.748  16.430  7.961   1.00 83.93  ? 4   DG  D C5    1 
ATOM   600 C  C6    . DG  D 4 3  ? -6.955  16.395  6.792   1.00 85.10  ? 4   DG  D C6    1 
ATOM   601 O  O6    . DG  D 4 3  ? -5.734  16.199  6.703   1.00 85.55  ? 4   DG  D O6    1 
ATOM   602 N  N1    . DG  D 4 3  ? -7.713  16.619  5.645   1.00 83.82  ? 4   DG  D N1    1 
ATOM   603 C  C2    . DG  D 4 3  ? -9.071  16.847  5.633   1.00 85.90  ? 4   DG  D C2    1 
ATOM   604 N  N2    . DG  D 4 3  ? -9.628  17.043  4.430   1.00 85.63  ? 4   DG  D N2    1 
ATOM   605 N  N3    . DG  D 4 3  ? -9.830  16.883  6.725   1.00 84.93  ? 4   DG  D N3    1 
ATOM   606 C  C4    . DG  D 4 3  ? -9.104  16.667  7.847   1.00 85.28  ? 4   DG  D C4    1 
ATOM   607 P  P     . DA  D 4 4  ? -15.289 15.700  9.600   1.00 118.66 ? 5   DA  D P     1 
ATOM   608 O  OP1   . DA  D 4 4  ? -16.380 16.638  9.250   1.00 115.63 ? 5   DA  D OP1   1 
ATOM   609 O  OP2   . DA  D 4 4  ? -15.495 14.686  10.659  1.00 102.29 ? 5   DA  D OP2   1 
ATOM   610 O  "O5'" . DA  D 4 4  ? -14.818 14.939  8.278   1.00 100.42 ? 5   DA  D "O5'" 1 
ATOM   611 C  "C5'" . DA  D 4 4  ? -14.340 15.682  7.169   1.00 97.09  ? 5   DA  D "C5'" 1 
ATOM   612 C  "C4'" . DA  D 4 4  ? -13.810 14.749  6.102   1.00 99.28  ? 5   DA  D "C4'" 1 
ATOM   613 O  "O4'" . DA  D 4 4  ? -12.362 14.660  6.194   1.00 97.33  ? 5   DA  D "O4'" 1 
ATOM   614 C  "C3'" . DA  D 4 4  ? -14.317 13.310  6.209   1.00 97.97  ? 5   DA  D "C3'" 1 
ATOM   615 O  "O3'" . DA  D 4 4  ? -14.497 12.785  4.922   1.00 96.27  ? 5   DA  D "O3'" 1 
ATOM   616 C  "C2'" . DA  D 4 4  ? -13.167 12.613  6.917   1.00 93.94  ? 5   DA  D "C2'" 1 
ATOM   617 C  "C1'" . DA  D 4 4  ? -12.005 13.300  6.232   1.00 91.35  ? 5   DA  D "C1'" 1 
ATOM   618 N  N9    . DA  D 4 4  ? -10.738 13.145  6.926   1.00 84.63  ? 5   DA  D N9    1 
ATOM   619 C  C8    . DA  D 4 4  ? -10.537 12.994  8.271   1.00 84.16  ? 5   DA  D C8    1 
ATOM   620 N  N7    . DA  D 4 4  ? -9.275  12.864  8.606   1.00 83.37  ? 5   DA  D N7    1 
ATOM   621 C  C5    . DA  D 4 4  ? -8.608  12.916  7.393   1.00 81.97  ? 5   DA  D C5    1 
ATOM   622 C  C6    . DA  D 4 4  ? -7.247  12.830  7.056   1.00 82.19  ? 5   DA  D C6    1 
ATOM   623 N  N6    . DA  D 4 4  ? -6.275  12.667  7.963   1.00 83.00  ? 5   DA  D N6    1 
ATOM   624 N  N1    . DA  D 4 4  ? -6.920  12.916  5.748   1.00 81.60  ? 5   DA  D N1    1 
ATOM   625 C  C2    . DA  D 4 4  ? -7.896  13.078  4.846   1.00 82.10  ? 5   DA  D C2    1 
ATOM   626 N  N3    . DA  D 4 4  ? -9.208  13.173  5.044   1.00 83.43  ? 5   DA  D N3    1 
ATOM   627 C  C4    . DA  D 4 4  ? -9.497  13.082  6.351   1.00 81.84  ? 5   DA  D C4    1 
ATOM   628 P  P     . DG  D 4 5  ? -15.964 12.393  4.414   1.00 109.32 ? 6   DG  D P     1 
ATOM   629 O  OP1   . DG  D 4 5  ? -16.682 13.649  4.096   1.00 100.92 ? 6   DG  D OP1   1 
ATOM   630 O  OP2   . DG  D 4 5  ? -16.524 11.453  5.412   1.00 103.85 ? 6   DG  D OP2   1 
ATOM   631 O  "O5'" . DG  D 4 5  ? -15.688 11.588  3.062   1.00 101.69 ? 6   DG  D "O5'" 1 
ATOM   632 C  "C5'" . DG  D 4 5  ? -14.948 10.373  3.104   1.00 97.39  ? 6   DG  D "C5'" 1 
ATOM   633 C  "C4'" . DG  D 4 5  ? -13.555 10.558  2.529   1.00 100.95 ? 6   DG  D "C4'" 1 
ATOM   634 O  "O4'" . DG  D 4 5  ? -12.631 10.852  3.594   1.00 98.32  ? 6   DG  D "O4'" 1 
ATOM   635 C  "C3'" . DG  D 4 5  ? -12.996 9.318   1.834   1.00 94.99  ? 6   DG  D "C3'" 1 
ATOM   636 O  "O3'" . DG  D 4 5  ? -13.080 9.474   0.430   1.00 93.13  ? 6   DG  D "O3'" 1 
ATOM   637 C  "C2'" . DG  D 4 5  ? -11.534 9.210   2.310   1.00 91.22  ? 6   DG  D "C2'" 1 
ATOM   638 C  "C1'" . DG  D 4 5  ? -11.347 10.425  3.211   1.00 89.00  ? 6   DG  D "C1'" 1 
ATOM   639 N  N9    . DG  D 4 5  ? -10.586 10.151  4.426   1.00 82.52  ? 6   DG  D N9    1 
ATOM   640 C  C8    . DG  D 4 5  ? -11.075 10.097  5.707   1.00 85.17  ? 6   DG  D C8    1 
ATOM   641 N  N7    . DG  D 4 5  ? -10.160 9.851   6.606   1.00 84.06  ? 6   DG  D N7    1 
ATOM   642 C  C5    . DG  D 4 5  ? -8.989  9.738   5.873   1.00 81.14  ? 6   DG  D C5    1 
ATOM   643 C  C6    . DG  D 4 5  ? -7.668  9.474   6.305   1.00 80.71  ? 6   DG  D C6    1 
ATOM   644 O  O6    . DG  D 4 5  ? -7.265  9.280   7.464   1.00 81.56  ? 6   DG  D O6    1 
ATOM   645 N  N1    . DG  D 4 5  ? -6.773  9.444   5.240   1.00 77.97  ? 6   DG  D N1    1 
ATOM   646 C  C2    . DG  D 4 5  ? -7.112  9.642   3.920   1.00 79.73  ? 6   DG  D C2    1 
ATOM   647 N  N2    . DG  D 4 5  ? -6.108  9.575   3.032   1.00 78.26  ? 6   DG  D N2    1 
ATOM   648 N  N3    . DG  D 4 5  ? -8.350  9.887   3.499   1.00 79.12  ? 6   DG  D N3    1 
ATOM   649 C  C4    . DG  D 4 5  ? -9.231  9.922   4.524   1.00 80.12  ? 6   DG  D C4    1 
ATOM   650 P  P     . DT  D 4 6  ? -13.222 8.179   -0.503  1.00 101.95 ? 7   DT  D P     1 
ATOM   651 O  OP1   . DT  D 4 6  ? -13.564 8.633   -1.871  1.00 105.05 ? 7   DT  D OP1   1 
ATOM   652 O  OP2   . DT  D 4 6  ? -14.114 7.228   0.199   1.00 96.22  ? 7   DT  D OP2   1 
ATOM   653 O  "O5'" . DT  D 4 6  ? -11.742 7.577   -0.527  1.00 85.41  ? 7   DT  D "O5'" 1 
ATOM   654 C  "C5'" . DT  D 4 6  ? -10.683 8.358   -1.051  1.00 86.36  ? 7   DT  D "C5'" 1 
ATOM   655 C  "C4'" . DT  D 4 6  ? -9.383  7.587   -1.009  1.00 84.45  ? 7   DT  D "C4'" 1 
ATOM   656 O  "O4'" . DT  D 4 6  ? -8.805  7.682   0.314   1.00 79.45  ? 7   DT  D "O4'" 1 
ATOM   657 C  "C3'" . DT  D 4 6  ? -9.514  6.093   -1.323  1.00 86.77  ? 7   DT  D "C3'" 1 
ATOM   658 O  "O3'" . DT  D 4 6  ? -8.632  5.746   -2.384  1.00 87.83  ? 7   DT  D "O3'" 1 
ATOM   659 C  "C2'" . DT  D 4 6  ? -9.136  5.396   -0.008  1.00 81.03  ? 7   DT  D "C2'" 1 
ATOM   660 C  "C1'" . DT  D 4 6  ? -8.264  6.437   0.675   1.00 77.91  ? 7   DT  D "C1'" 1 
ATOM   661 N  N1    . DT  D 4 6  ? -8.268  6.341   2.164   1.00 70.41  ? 7   DT  D N1    1 
ATOM   662 C  C2    . DT  D 4 6  ? -7.086  6.111   2.824   1.00 71.59  ? 7   DT  D C2    1 
ATOM   663 O  O2    . DT  D 4 6  ? -6.020  5.972   2.252   1.00 70.29  ? 7   DT  D O2    1 
ATOM   664 N  N3    . DT  D 4 6  ? -7.191  6.045   4.189   1.00 73.89  ? 7   DT  D N3    1 
ATOM   665 C  C4    . DT  D 4 6  ? -8.340  6.188   4.944   1.00 78.17  ? 7   DT  D C4    1 
ATOM   666 O  O4    . DT  D 4 6  ? -8.336  6.112   6.176   1.00 76.66  ? 7   DT  D O4    1 
ATOM   667 C  C5    . DT  D 4 6  ? -9.551  6.430   4.190   1.00 75.65  ? 7   DT  D C5    1 
ATOM   668 C  C7    . DT  D 4 6  ? -10.861 6.601   4.898   1.00 79.10  ? 7   DT  D C7    1 
ATOM   669 C  C6    . DT  D 4 6  ? -9.455  6.492   2.849   1.00 70.32  ? 7   DT  D C6    1 
ATOM   670 P  P     . DC  D 4 7  ? -8.524  4.224   -2.888  1.00 86.42  ? 8   DC  D P     1 
ATOM   671 O  OP1   . DC  D 4 7  ? -7.995  4.246   -4.271  1.00 83.58  ? 8   DC  D OP1   1 
ATOM   672 O  OP2   . DC  D 4 7  ? -9.809  3.546   -2.598  1.00 83.08  ? 8   DC  D OP2   1 
ATOM   673 O  "O5'" . DC  D 4 7  ? -7.395  3.607   -1.943  1.00 78.32  ? 8   DC  D "O5'" 1 
ATOM   674 C  "C5'" . DC  D 4 7  ? -6.141  4.269   -1.834  1.00 76.75  ? 8   DC  D "C5'" 1 
ATOM   675 C  "C4'" . DC  D 4 7  ? -5.115  3.383   -1.150  1.00 77.77  ? 8   DC  D "C4'" 1 
ATOM   676 O  "O4'" . DC  D 4 7  ? -5.201  3.548   0.292   1.00 76.68  ? 8   DC  D "O4'" 1 
ATOM   677 C  "C3'" . DC  D 4 7  ? -5.271  1.886   -1.409  1.00 78.43  ? 8   DC  D "C3'" 1 
ATOM   678 O  "O3'" . DC  D 4 7  ? -3.998  1.306   -1.507  1.00 80.11  ? 8   DC  D "O3'" 1 
ATOM   679 C  "C2'" . DC  D 4 7  ? -6.002  1.402   -0.160  1.00 75.72  ? 8   DC  D "C2'" 1 
ATOM   680 C  "C1'" . DC  D 4 7  ? -5.370  2.284   0.901   1.00 72.23  ? 8   DC  D "C1'" 1 
ATOM   681 N  N1    . DC  D 4 7  ? -6.205  2.467   2.121   1.00 66.31  ? 8   DC  D N1    1 
ATOM   682 C  C2    . DC  D 4 7  ? -5.631  2.305   3.387   1.00 68.23  ? 8   DC  D C2    1 
ATOM   683 O  O2    . DC  D 4 7  ? -4.430  1.999   3.472   1.00 69.21  ? 8   DC  D O2    1 
ATOM   684 N  N3    . DC  D 4 7  ? -6.401  2.483   4.486   1.00 67.91  ? 8   DC  D N3    1 
ATOM   685 C  C4    . DC  D 4 7  ? -7.686  2.814   4.352   1.00 66.75  ? 8   DC  D C4    1 
ATOM   686 N  N4    . DC  D 4 7  ? -8.406  2.981   5.465   1.00 70.54  ? 8   DC  D N4    1 
ATOM   687 C  C5    . DC  D 4 7  ? -8.288  2.987   3.071   1.00 67.23  ? 8   DC  D C5    1 
ATOM   688 C  C6    . DC  D 4 7  ? -7.517  2.808   1.993   1.00 66.73  ? 8   DC  D C6    1 
ATOM   689 P  P     . DG  D 4 8  ? -3.824  -0.168  -2.110  1.00 79.51  ? 9   DG  D P     1 
ATOM   690 O  OP1   . DG  D 4 8  ? -2.661  -0.127  -3.027  1.00 83.45  ? 9   DG  D OP1   1 
ATOM   691 O  OP2   . DG  D 4 8  ? -5.151  -0.599  -2.599  1.00 72.67  ? 9   DG  D OP2   1 
ATOM   692 O  "O5'" . DG  D 4 8  ? -3.425  -1.055  -0.836  1.00 80.91  ? 9   DG  D "O5'" 1 
ATOM   693 C  "C5'" . DG  D 4 8  ? -2.111  -0.944  -0.277  1.00 77.10  ? 9   DG  D "C5'" 1 
ATOM   694 C  "C4'" . DG  D 4 8  ? -2.033  -1.649  1.066   1.00 81.24  ? 9   DG  D "C4'" 1 
ATOM   695 O  "O4'" . DG  D 4 8  ? -2.991  -1.043  1.977   1.00 80.51  ? 9   DG  D "O4'" 1 
ATOM   696 C  "C3'" . DG  D 4 8  ? -2.364  -3.151  1.031   1.00 79.24  ? 9   DG  D "C3'" 1 
ATOM   697 O  "O3'" . DG  D 4 8  ? -1.401  -3.896  1.772   1.00 77.26  ? 9   DG  D "O3'" 1 
ATOM   698 C  "C2'" . DG  D 4 8  ? -3.746  -3.228  1.673   1.00 74.92  ? 9   DG  D "C2'" 1 
ATOM   699 C  "C1'" . DG  D 4 8  ? -3.699  -2.059  2.643   1.00 74.16  ? 9   DG  D "C1'" 1 
ATOM   700 N  N9    . DG  D 4 8  ? -5.021  -1.564  2.998   1.00 63.76  ? 9   DG  D N9    1 
ATOM   701 C  C8    . DG  D 4 8  ? -6.055  -1.273  2.142   1.00 68.69  ? 9   DG  D C8    1 
ATOM   702 N  N7    . DG  D 4 8  ? -7.132  -0.862  2.753   1.00 64.97  ? 9   DG  D N7    1 
ATOM   703 C  C5    . DG  D 4 8  ? -6.788  -0.890  4.098   1.00 61.66  ? 9   DG  D C5    1 
ATOM   704 C  C6    . DG  D 4 8  ? -7.547  -0.551  5.237   1.00 64.43  ? 9   DG  D C6    1 
ATOM   705 O  O6    . DG  D 4 8  ? -8.720  -0.144  5.284   1.00 67.28  ? 9   DG  D O6    1 
ATOM   706 N  N1    . DG  D 4 8  ? -6.819  -0.722  6.411   1.00 66.27  ? 9   DG  D N1    1 
ATOM   707 C  C2    . DG  D 4 8  ? -5.515  -1.165  6.471   1.00 69.62  ? 9   DG  D C2    1 
ATOM   708 N  N2    . DG  D 4 8  ? -4.975  -1.268  7.696   1.00 72.82  ? 9   DG  D N2    1 
ATOM   709 N  N3    . DG  D 4 8  ? -4.795  -1.488  5.409   1.00 67.76  ? 9   DG  D N3    1 
ATOM   710 C  C4    . DG  D 4 8  ? -5.492  -1.327  4.262   1.00 61.22  ? 9   DG  D C4    1 
ATOM   711 P  P     . DG  D 4 9  ? -0.008  -4.291  1.081   1.00 85.88  ? 10  DG  D P     1 
ATOM   712 O  OP1   . DG  D 4 9  ? 1.071   -3.701  1.904   1.00 86.17  ? 10  DG  D OP1   1 
ATOM   713 O  OP2   . DG  D 4 9  ? -0.150  -3.929  -0.348  1.00 80.25  ? 10  DG  D OP2   1 
ATOM   714 O  "O5'" . DG  D 4 9  ? 0.092   -5.897  1.198   1.00 84.67  ? 10  DG  D "O5'" 1 
ATOM   715 C  "C5'" . DG  D 4 9  ? -1.025  -6.719  0.876   1.00 80.83  ? 10  DG  D "C5'" 1 
ATOM   716 C  "C4'" . DG  D 4 9  ? -0.648  -7.844  -0.087  1.00 83.87  ? 10  DG  D "C4'" 1 
ATOM   717 O  "O4'" . DG  D 4 9  ? -1.255  -7.581  -1.369  1.00 84.98  ? 10  DG  D "O4'" 1 
ATOM   718 C  "C3'" . DG  D 4 9  ? 0.840   -8.026  -0.358  1.00 82.24  ? 10  DG  D "C3'" 1 
ATOM   719 O  "O3'" . DG  D 4 9  ? 1.376   -9.024  0.524   1.00 89.92  ? 10  DG  D "O3'" 1 
ATOM   720 C  "C2'" . DG  D 4 9  ? 0.889   -8.507  -1.814  1.00 81.53  ? 10  DG  D "C2'" 1 
ATOM   721 C  "C1'" . DG  D 4 9  ? -0.455  -8.087  -2.408  1.00 78.19  ? 10  DG  D "C1'" 1 
ATOM   722 N  N9    . DG  D 4 9  ? -0.357  -7.049  -3.429  1.00 74.21  ? 10  DG  D N9    1 
ATOM   723 C  C8    . DG  D 4 9  ? -0.749  -5.745  -3.310  1.00 76.05  ? 10  DG  D C8    1 
ATOM   724 N  N7    . DG  D 4 9  ? -0.555  -5.042  -4.392  1.00 74.07  ? 10  DG  D N7    1 
ATOM   725 C  C5    . DG  D 4 9  ? 0.000   -5.940  -5.286  1.00 71.45  ? 10  DG  D C5    1 
ATOM   726 C  C6    . DG  D 4 9  ? 0.419   -5.753  -6.625  1.00 71.45  ? 10  DG  D C6    1 
ATOM   727 O  O6    . DG  D 4 9  ? 0.379   -4.713  -7.298  1.00 73.79  ? 10  DG  D O6    1 
ATOM   728 N  N1    . DG  D 4 9  ? 0.922   -6.922  -7.177  1.00 73.51  ? 10  DG  D N1    1 
ATOM   729 C  C2    . DG  D 4 9  ? 1.012   -8.128  -6.518  1.00 76.72  ? 10  DG  D C2    1 
ATOM   730 N  N2    . DG  D 4 9  ? 1.527   -9.150  -7.216  1.00 79.53  ? 10  DG  D N2    1 
ATOM   731 N  N3    . DG  D 4 9  ? 0.621   -8.318  -5.260  1.00 73.09  ? 10  DG  D N3    1 
ATOM   732 C  C4    . DG  D 4 9  ? 0.131   -7.191  -4.712  1.00 72.57  ? 10  DG  D C4    1 
ATOM   733 P  P     . DT  D 4 10 ? 2.967   -9.148  0.755   1.00 91.32  ? 11  DT  D P     1 
ATOM   734 O  OP1   . DT  D 4 10 ? 3.203   -10.240 1.726   1.00 72.45  ? 11  DT  D OP1   1 
ATOM   735 O  OP2   . DT  D 4 10 ? 3.494   -7.788  1.015   1.00 83.02  ? 11  DT  D OP2   1 
ATOM   736 O  "O5'" . DT  D 4 10 ? 3.531   -9.641  -0.658  1.00 84.24  ? 11  DT  D "O5'" 1 
ATOM   737 C  "C5'" . DT  D 4 10 ? 3.258   -10.962 -1.095  1.00 86.64  ? 11  DT  D "C5'" 1 
ATOM   738 C  "C4'" . DT  D 4 10 ? 3.804   -11.188 -2.489  1.00 82.99  ? 11  DT  D "C4'" 1 
ATOM   739 O  "O4'" . DT  D 4 10 ? 3.331   -10.144 -3.374  1.00 77.70  ? 11  DT  D "O4'" 1 
ATOM   740 C  "C3'" . DT  D 4 10 ? 5.330   -11.178 -2.588  1.00 87.86  ? 11  DT  D "C3'" 1 
ATOM   741 O  "O3'" . DT  D 4 10 ? 5.770   -12.303 -3.325  1.00 97.81  ? 11  DT  D "O3'" 1 
ATOM   742 C  "C2'" . DT  D 4 10 ? 5.642   -9.868  -3.316  1.00 89.39  ? 11  DT  D "C2'" 1 
ATOM   743 C  "C1'" . DT  D 4 10 ? 4.398   -9.691  -4.169  1.00 81.93  ? 11  DT  D "C1'" 1 
ATOM   744 N  N1    . DT  D 4 10 ? 4.134   -8.279  -4.557  1.00 73.61  ? 11  DT  D N1    1 
ATOM   745 C  C2    . DT  D 4 10 ? 4.336   -7.894  -5.860  1.00 76.11  ? 11  DT  D C2    1 
ATOM   746 O  O2    . DT  D 4 10 ? 4.732   -8.657  -6.723  1.00 79.39  ? 11  DT  D O2    1 
ATOM   747 N  N3    . DT  D 4 10 ? 4.062   -6.582  -6.122  1.00 76.25  ? 11  DT  D N3    1 
ATOM   748 C  C4    . DT  D 4 10 ? 3.609   -5.632  -5.228  1.00 78.05  ? 11  DT  D C4    1 
ATOM   749 O  O4    . DT  D 4 10 ? 3.388   -4.467  -5.559  1.00 76.70  ? 11  DT  D O4    1 
ATOM   750 C  C5    . DT  D 4 10 ? 3.412   -6.097  -3.873  1.00 74.08  ? 11  DT  D C5    1 
ATOM   751 C  C7    . DT  D 4 10 ? 2.924   -5.155  -2.816  1.00 75.54  ? 11  DT  D C7    1 
ATOM   752 C  C6    . DT  D 4 10 ? 3.680   -7.387  -3.608  1.00 70.66  ? 11  DT  D C6    1 
ATOM   753 P  P     . DG  D 4 11 ? 7.325   -12.700 -3.330  1.00 101.66 ? 12  DG  D P     1 
ATOM   754 O  OP1   . DG  D 4 11 ? 7.414   -14.179 -3.443  1.00 91.87  ? 12  DG  D OP1   1 
ATOM   755 O  OP2   . DG  D 4 11 ? 7.943   -12.009 -2.175  1.00 96.86  ? 12  DG  D OP2   1 
ATOM   756 O  "O5'" . DG  D 4 11 ? 7.877   -12.032 -4.679  1.00 90.53  ? 12  DG  D "O5'" 1 
ATOM   757 C  "C5'" . DG  D 4 11 ? 7.221   -12.300 -5.911  1.00 88.34  ? 12  DG  D "C5'" 1 
ATOM   758 C  "C4'" . DG  D 4 11 ? 7.822   -11.493 -7.053  1.00 93.14  ? 12  DG  D "C4'" 1 
ATOM   759 O  "O4'" . DG  D 4 11 ? 7.282   -10.142 -7.057  1.00 90.89  ? 12  DG  D "O4'" 1 
ATOM   760 C  "C3'" . DG  D 4 11 ? 9.343   -11.340 -7.033  1.00 97.16  ? 12  DG  D "C3'" 1 
ATOM   761 O  "O3'" . DG  D 4 11 ? 9.829   -11.502 -8.359  1.00 101.60 ? 12  DG  D "O3'" 1 
ATOM   762 C  "C2'" . DG  D 4 11 ? 9.532   -9.900  -6.530  1.00 95.01  ? 12  DG  D "C2'" 1 
ATOM   763 C  "C1'" . DG  D 4 11 ? 8.340   -9.218  -7.181  1.00 89.07  ? 12  DG  D "C1'" 1 
ATOM   764 N  N9    . DG  D 4 11 ? 7.918   -7.969  -6.548  1.00 85.27  ? 12  DG  D N9    1 
ATOM   765 C  C8    . DG  D 4 11 ? 7.552   -7.786  -5.237  1.00 83.29  ? 12  DG  D C8    1 
ATOM   766 N  N7    . DG  D 4 11 ? 7.182   -6.562  -4.966  1.00 80.17  ? 12  DG  D N7    1 
ATOM   767 C  C5    . DG  D 4 11 ? 7.297   -5.895  -6.177  1.00 78.77  ? 12  DG  D C5    1 
ATOM   768 C  C6    . DG  D 4 11 ? 7.030   -4.542  -6.502  1.00 80.06  ? 12  DG  D C6    1 
ATOM   769 O  O6    . DG  D 4 11 ? 6.630   -3.640  -5.753  1.00 82.02  ? 12  DG  D O6    1 
ATOM   770 N  N1    . DG  D 4 11 ? 7.273   -4.276  -7.847  1.00 81.39  ? 12  DG  D N1    1 
ATOM   771 C  C2    . DG  D 4 11 ? 7.725   -5.197  -8.763  1.00 85.41  ? 12  DG  D C2    1 
ATOM   772 N  N2    . DG  D 4 11 ? 7.897   -4.754  -10.015 1.00 86.27  ? 12  DG  D N2    1 
ATOM   773 N  N3    . DG  D 4 11 ? 7.975   -6.473  -8.473  1.00 85.59  ? 12  DG  D N3    1 
ATOM   774 C  C4    . DG  D 4 11 ? 7.740   -6.749  -7.168  1.00 84.23  ? 12  DG  D C4    1 
ATOM   775 P  P     . DT  D 4 12 ? 11.367  -11.865 -8.643  1.00 111.43 ? 13  DT  D P     1 
ATOM   776 O  OP1   . DT  D 4 12 ? 11.381  -13.206 -9.277  1.00 104.11 ? 13  DT  D OP1   1 
ATOM   777 O  OP2   . DT  D 4 12 ? 12.143  -11.623 -7.402  1.00 100.83 ? 13  DT  D OP2   1 
ATOM   778 O  "O5'" . DT  D 4 12 ? 11.803  -10.764 -9.722  1.00 102.56 ? 13  DT  D "O5'" 1 
ATOM   779 C  "C5'" . DT  D 4 12 ? 11.316  -9.439  -9.587  1.00 96.75  ? 13  DT  D "C5'" 1 
ATOM   780 C  "C4'" . DT  D 4 12 ? 11.624  -8.607  -10.813 1.00 103.27 ? 13  DT  D "C4'" 1 
ATOM   781 O  "O4'" . DT  D 4 12 ? 11.035  -7.297  -10.639 1.00 101.21 ? 13  DT  D "O4'" 1 
ATOM   782 C  "C3'" . DT  D 4 12 ? 13.092  -8.314  -11.024 1.00 109.93 ? 13  DT  D "C3'" 1 
ATOM   783 O  "O3'" . DT  D 4 12 ? 13.298  -7.824  -12.346 1.00 115.10 ? 13  DT  D "O3'" 1 
ATOM   784 C  "C2'" . DT  D 4 12 ? 13.309  -7.217  -9.993  1.00 109.10 ? 13  DT  D "C2'" 1 
ATOM   785 C  "C1'" . DT  D 4 12 ? 12.022  -6.403  -10.146 1.00 103.01 ? 13  DT  D "C1'" 1 
ATOM   786 N  N1    . DT  D 4 12 ? 11.526  -5.803  -8.862  1.00 99.06  ? 13  DT  D N1    1 
ATOM   787 C  C2    . DT  D 4 12 ? 11.037  -4.515  -8.865  1.00 95.44  ? 13  DT  D C2    1 
ATOM   788 O  O2    . DT  D 4 12 ? 10.985  -3.823  -9.866  1.00 95.74  ? 13  DT  D O2    1 
ATOM   789 N  N3    . DT  D 4 12 ? 10.608  -4.061  -7.643  1.00 91.19  ? 13  DT  D N3    1 
ATOM   790 C  C4    . DT  D 4 12 ? 10.619  -4.753  -6.444  1.00 91.82  ? 13  DT  D C4    1 
ATOM   791 O  O4    . DT  D 4 12 ? 10.209  -4.258  -5.394  1.00 88.19  ? 13  DT  D O4    1 
ATOM   792 C  C5    . DT  D 4 12 ? 11.145  -6.096  -6.511  1.00 92.37  ? 13  DT  D C5    1 
ATOM   793 C  C7    . DT  D 4 12 ? 11.206  -6.942  -5.276  1.00 87.06  ? 13  DT  D C7    1 
ATOM   794 C  C6    . DT  D 4 12 ? 11.570  -6.551  -7.702  1.00 94.62  ? 13  DT  D C6    1 
ATOM   795 P  P     . DC  D 4 13 ? 14.753  -7.897  -13.028 1.00 123.46 ? 14  DC  D P     1 
ATOM   796 O  OP1   . DC  D 4 13 ? 14.710  -7.094  -14.273 1.00 118.60 ? 14  DC  D OP1   1 
ATOM   797 O  OP2   . DC  D 4 13 ? 15.139  -9.324  -13.098 1.00 118.94 ? 14  DC  D OP2   1 
ATOM   798 O  "O5'" . DC  D 4 13 ? 15.712  -7.186  -11.961 1.00 119.09 ? 14  DC  D "O5'" 1 
ATOM   799 C  "C5'" . DC  D 4 13 ? 16.595  -6.151  -12.367 1.00 122.28 ? 14  DC  D "C5'" 1 
ATOM   800 C  "C4'" . DC  D 4 13 ? 15.857  -4.832  -12.502 1.00 122.09 ? 14  DC  D "C4'" 1 
ATOM   801 O  "O4'" . DC  D 4 13 ? 14.916  -4.678  -11.402 1.00 116.91 ? 14  DC  D "O4'" 1 
ATOM   802 C  "C3'" . DC  D 4 13 ? 16.753  -3.592  -12.481 1.00 123.06 ? 14  DC  D "C3'" 1 
ATOM   803 O  "O3'" . DC  D 4 13 ? 16.383  -2.703  -13.532 1.00 129.08 ? 14  DC  D "O3'" 1 
ATOM   804 C  "C2'" . DC  D 4 13 ? 16.477  -2.989  -11.105 1.00 127.25 ? 14  DC  D "C2'" 1 
ATOM   805 C  "C1'" . DC  D 4 13 ? 15.030  -3.376  -10.882 1.00 115.06 ? 14  DC  D "C1'" 1 
ATOM   806 N  N1    . DC  D 4 13 ? 14.613  -3.380  -9.436  1.00 104.67 ? 14  DC  D N1    1 
ATOM   807 C  C2    . DC  D 4 13 ? 14.027  -2.234  -8.878  1.00 101.89 ? 14  DC  D C2    1 
ATOM   808 O  O2    . DC  D 4 13 ? 13.868  -1.232  -9.587  1.00 104.33 ? 14  DC  D O2    1 
ATOM   809 N  N3    . DC  D 4 13 ? 13.650  -2.255  -7.573  1.00 97.81  ? 14  DC  D N3    1 
ATOM   810 C  C4    . DC  D 4 13 ? 13.838  -3.354  -6.841  1.00 98.59  ? 14  DC  D C4    1 
ATOM   811 N  N4    . DC  D 4 13 ? 13.449  -3.327  -5.560  1.00 91.44  ? 14  DC  D N4    1 
ATOM   812 C  C5    . DC  D 4 13 ? 14.432  -4.531  -7.390  1.00 100.97 ? 14  DC  D C5    1 
ATOM   813 C  C6    . DC  D 4 13 ? 14.803  -4.497  -8.677  1.00 103.70 ? 14  DC  D C6    1 
ATOM   814 P  P     . DG  D 4 14 ? 17.348  -1.486  -13.955 1.00 137.79 ? 15  DG  D P     1 
ATOM   815 O  OP1   . DG  D 4 14 ? 17.541  -1.561  -15.421 1.00 135.47 ? 15  DG  D OP1   1 
ATOM   816 O  OP2   . DG  D 4 14 ? 18.526  -1.488  -13.056 1.00 132.69 ? 15  DG  D OP2   1 
ATOM   817 O  "O5'" . DG  D 4 14 ? 16.466  -0.182  -13.659 1.00 131.71 ? 15  DG  D "O5'" 1 
ATOM   818 C  "C5'" . DG  D 4 14 ? 16.895  1.095   -14.122 1.00 134.73 ? 15  DG  D "C5'" 1 
ATOM   819 C  "C4'" . DG  D 4 14 ? 17.233  2.000   -12.953 1.00 135.23 ? 15  DG  D "C4'" 1 
ATOM   820 O  "O4'" . DG  D 4 14 ? 16.647  1.457   -11.749 1.00 133.03 ? 15  DG  D "O4'" 1 
ATOM   821 C  "C3'" . DG  D 4 14 ? 18.714  2.122   -12.645 1.00 132.24 ? 15  DG  D "C3'" 1 
ATOM   822 O  "O3'" . DG  D 4 14 ? 19.317  3.192   -13.427 1.00 137.81 ? 15  DG  D "O3'" 1 
ATOM   823 C  "C2'" . DG  D 4 14 ? 18.738  2.417   -11.148 1.00 125.68 ? 15  DG  D "C2'" 1 
ATOM   824 C  "C1'" . DG  D 4 14 ? 17.413  1.845   -10.627 1.00 124.69 ? 15  DG  D "C1'" 1 
ATOM   825 N  N9    . DG  D 4 14 ? 17.579  0.683   -9.752  1.00 115.96 ? 15  DG  D N9    1 
ATOM   826 C  C8    . DG  D 4 14 ? 18.184  -0.505  -10.069 1.00 116.79 ? 15  DG  D C8    1 
ATOM   827 N  N7    . DG  D 4 14 ? 18.188  -1.368  -9.090  1.00 112.56 ? 15  DG  D N7    1 
ATOM   828 C  C5    . DG  D 4 14 ? 17.542  -0.712  -8.055  1.00 107.94 ? 15  DG  D C5    1 
ATOM   829 C  C6    . DG  D 4 14 ? 17.249  -1.151  -6.741  1.00 101.75 ? 15  DG  D C6    1 
ATOM   830 O  O6    . DG  D 4 14 ? 17.510  -2.246  -6.223  1.00 99.30  ? 15  DG  D O6    1 
ATOM   831 N  N1    . DG  D 4 14 ? 16.587  -0.172  -6.007  1.00 98.28  ? 15  DG  D N1    1 
ATOM   832 C  C2    . DG  D 4 14 ? 16.248  1.075   -6.483  1.00 101.10 ? 15  DG  D C2    1 
ATOM   833 N  N2    . DG  D 4 14 ? 15.610  1.885   -5.625  1.00 94.82  ? 15  DG  D N2    1 
ATOM   834 N  N3    . DG  D 4 14 ? 16.515  1.501   -7.714  1.00 104.94 ? 15  DG  D N3    1 
ATOM   835 C  C4    . DG  D 4 14 ? 17.162  0.557   -8.441  1.00 110.11 ? 15  DG  D C4    1 
ATOM   836 P  P     . DT  D 4 15 ? 19.143  4.751   -13.036 1.00 153.17 ? 16  DT  D P     1 
ATOM   837 O  OP1   . DT  D 4 15 ? 17.735  5.021   -12.666 1.00 159.41 ? 16  DT  D OP1   1 
ATOM   838 O  OP2   . DT  D 4 15 ? 19.748  5.523   -14.144 1.00 164.59 ? 16  DT  D OP2   1 
ATOM   839 O  "O5'" . DT  D 4 15 ? 20.087  4.967   -11.757 1.00 134.62 ? 16  DT  D "O5'" 1 
ATOM   840 C  "C5'" . DT  D 4 15 ? 20.212  6.262   -11.163 1.00 129.81 ? 16  DT  D "C5'" 1 
ATOM   841 C  "C4'" . DT  D 4 15 ? 19.093  6.522   -10.164 1.00 125.80 ? 16  DT  D "C4'" 1 
ATOM   842 O  "O4'" . DT  D 4 15 ? 18.734  5.282   -9.497  1.00 123.36 ? 16  DT  D "O4'" 1 
ATOM   843 C  "C3'" . DT  D 4 15 ? 19.440  7.511   -9.048  1.00 124.24 ? 16  DT  D "C3'" 1 
ATOM   844 O  "O3'" . DT  D 4 15 ? 18.307  8.317   -8.739  1.00 125.03 ? 16  DT  D "O3'" 1 
ATOM   845 C  "C2'" . DT  D 4 15 ? 19.805  6.590   -7.887  1.00 119.77 ? 16  DT  D "C2'" 1 
ATOM   846 C  "C1'" . DT  D 4 15 ? 18.819  5.458   -8.098  1.00 118.70 ? 16  DT  D "C1'" 1 
ATOM   847 N  N1    . DT  D 4 15 ? 19.224  4.157   -7.480  1.00 111.47 ? 16  DT  D N1    1 
ATOM   848 C  C2    . DT  D 4 15 ? 18.945  3.915   -6.157  1.00 109.36 ? 16  DT  D C2    1 
ATOM   849 O  O2    . DT  D 4 15 ? 18.393  4.728   -5.432  1.00 110.84 ? 16  DT  D O2    1 
ATOM   850 N  N3    . DT  D 4 15 ? 19.341  2.684   -5.703  1.00 106.60 ? 16  DT  D N3    1 
ATOM   851 C  C4    . DT  D 4 15 ? 19.970  1.688   -6.432  1.00 103.89 ? 16  DT  D C4    1 
ATOM   852 O  O4    . DT  D 4 15 ? 20.285  0.609   -5.939  1.00 99.53  ? 16  DT  D O4    1 
ATOM   853 C  C5    . DT  D 4 15 ? 20.226  2.003   -7.814  1.00 105.77 ? 16  DT  D C5    1 
ATOM   854 C  C7    . DT  D 4 15 ? 20.901  1.003   -8.704  1.00 106.92 ? 16  DT  D C7    1 
ATOM   855 C  C6    . DT  D 4 15 ? 19.848  3.207   -8.259  1.00 109.36 ? 16  DT  D C6    1 
HETATM 856 AS AS    . CAC E 5 .  ? -9.031  -12.116 6.266   1.00 275.22 ? 101 CAC C AS    1 
# 
loop_
_pdbx_poly_seq_scheme.asym_id 
_pdbx_poly_seq_scheme.entity_id 
_pdbx_poly_seq_scheme.seq_id 
_pdbx_poly_seq_scheme.mon_id 
_pdbx_poly_seq_scheme.ndb_seq_num 
_pdbx_poly_seq_scheme.pdb_seq_num 
_pdbx_poly_seq_scheme.auth_seq_num 
_pdbx_poly_seq_scheme.pdb_mon_id 
_pdbx_poly_seq_scheme.auth_mon_id 
_pdbx_poly_seq_scheme.pdb_strand_id 
_pdbx_poly_seq_scheme.pdb_ins_code 
_pdbx_poly_seq_scheme.hetero 
A 1 1  DG 1  1  1  DG DG A . n 
A 1 2  DA 2  2  2  DA DA A . n 
A 1 3  DA 3  3  3  DA DA A . n 
A 1 4  DC 4  4  4  DC DC A . n 
A 1 5  DG 5  5  5  DG DG A . n 
A 1 6  DA 6  6  6  DA DA A . n 
A 1 7  DC 7  7  7  DC DC A . n 
A 1 8  DA 8  8  8  DA DA A . n 
A 1 9  DC 9  9  9  DC DC A . n 
A 1 10 DA 10 10 10 DA DA A . n 
A 1 11 DG 11 11 11 DG DG A . n 
A 1 12 DA 12 12 12 DA DA A . n 
B 2 1  DC 1  12 12 DC DC B . n 
B 2 2  DG 2  13 13 DG DG B . n 
B 2 3  DG 3  14 14 DG DG B . n 
B 2 4  DC 4  15 15 DC DC B . n 
B 2 5  DG 5  16 16 DG DG B . n 
B 2 6  DA 6  17 17 DA DA B . n 
B 2 7  DC 7  18 18 DC DC B . n 
B 2 8  DT 8  19 19 DT DT B . n 
B 2 9  DC 9  20 20 DC DC B . n 
C 3 1  DT 1  0  0  DT DT C . n 
C 3 2  DC 2  1  1  DC DC C . n 
C 3 3  DT 3  2  2  DT DT C . n 
C 3 4  DC 4  3  3  DC DC C . n 
C 3 5  DC 5  4  4  DC DC C . n 
C 3 6  DG 6  5  5  DG DG C . n 
D 4 1  DT 1  2  2  DT DT D . n 
D 4 2  DC 2  3  3  DC DC D . n 
D 4 3  DG 3  4  4  DG DG D . n 
D 4 4  DA 4  5  5  DA DA D . n 
D 4 5  DG 5  6  6  DG DG D . n 
D 4 6  DT 6  7  7  DT DT D . n 
D 4 7  DC 7  8  8  DC DC D . n 
D 4 8  DG 8  9  9  DG DG D . n 
D 4 9  DG 9  10 10 DG DG D . n 
D 4 10 DT 10 11 11 DT DT D . n 
D 4 11 DG 11 12 12 DG DG D . n 
D 4 12 DT 12 13 13 DT DT D . n 
D 4 13 DC 13 14 14 DC DC D . n 
D 4 14 DG 14 15 15 DG DG D . n 
D 4 15 DT 15 16 16 DT DT D . n 
# 
_pdbx_nonpoly_scheme.asym_id         E 
_pdbx_nonpoly_scheme.entity_id       5 
_pdbx_nonpoly_scheme.mon_id          CAC 
_pdbx_nonpoly_scheme.ndb_seq_num     1 
_pdbx_nonpoly_scheme.pdb_seq_num     101 
_pdbx_nonpoly_scheme.auth_seq_num    1 
_pdbx_nonpoly_scheme.pdb_mon_id      CAC 
_pdbx_nonpoly_scheme.auth_mon_id     AS 
_pdbx_nonpoly_scheme.pdb_strand_id   C 
_pdbx_nonpoly_scheme.pdb_ins_code    . 
# 
_pdbx_struct_assembly.id                   1 
_pdbx_struct_assembly.details              author_and_software_defined_assembly 
_pdbx_struct_assembly.method_details       PISA 
_pdbx_struct_assembly.oligomeric_details   tetrameric 
_pdbx_struct_assembly.oligomeric_count     4 
# 
_pdbx_struct_assembly_gen.assembly_id       1 
_pdbx_struct_assembly_gen.oper_expression   1 
_pdbx_struct_assembly_gen.asym_id_list      A,B,C,D,E 
# 
loop_
_pdbx_struct_assembly_prop.biol_id 
_pdbx_struct_assembly_prop.type 
_pdbx_struct_assembly_prop.value 
_pdbx_struct_assembly_prop.details 
1 'ABSA (A^2)' 2460 ? 
1 MORE         -10  ? 
1 'SSA (A^2)'  7970 ? 
# 
_pdbx_struct_oper_list.id                   1 
_pdbx_struct_oper_list.type                 'identity operation' 
_pdbx_struct_oper_list.name                 1_555 
_pdbx_struct_oper_list.symmetry_operation   x,y,z 
_pdbx_struct_oper_list.matrix[1][1]         1.0000000000 
_pdbx_struct_oper_list.matrix[1][2]         0.0000000000 
_pdbx_struct_oper_list.matrix[1][3]         0.0000000000 
_pdbx_struct_oper_list.vector[1]            0.0000000000 
_pdbx_struct_oper_list.matrix[2][1]         0.0000000000 
_pdbx_struct_oper_list.matrix[2][2]         1.0000000000 
_pdbx_struct_oper_list.matrix[2][3]         0.0000000000 
_pdbx_struct_oper_list.vector[2]            0.0000000000 
_pdbx_struct_oper_list.matrix[3][1]         0.0000000000 
_pdbx_struct_oper_list.matrix[3][2]         0.0000000000 
_pdbx_struct_oper_list.matrix[3][3]         1.0000000000 
_pdbx_struct_oper_list.vector[3]            0.0000000000 
# 
loop_
_pdbx_audit_revision_history.ordinal 
_pdbx_audit_revision_history.data_content_type 
_pdbx_audit_revision_history.major_revision 
_pdbx_audit_revision_history.minor_revision 
_pdbx_audit_revision_history.revision_date 
1 'Structure model' 1 0 2021-07-14 
2 'Structure model' 1 1 2022-07-06 
3 'Structure model' 1 2 2023-10-18 
# 
_pdbx_audit_revision_details.ordinal             1 
_pdbx_audit_revision_details.revision_ordinal    1 
_pdbx_audit_revision_details.data_content_type   'Structure model' 
_pdbx_audit_revision_details.provider            repository 
_pdbx_audit_revision_details.type                'Initial release' 
_pdbx_audit_revision_details.description         ? 
_pdbx_audit_revision_details.details             ? 
# 
loop_
_pdbx_audit_revision_group.ordinal 
_pdbx_audit_revision_group.revision_ordinal 
_pdbx_audit_revision_group.data_content_type 
_pdbx_audit_revision_group.group 
1 2 'Structure model' 'Database references'    
2 3 'Structure model' 'Data collection'        
3 3 'Structure model' 'Refinement description' 
# 
loop_
_pdbx_audit_revision_category.ordinal 
_pdbx_audit_revision_category.revision_ordinal 
_pdbx_audit_revision_category.data_content_type 
_pdbx_audit_revision_category.category 
1 2 'Structure model' citation                      
2 2 'Structure model' citation_author               
3 2 'Structure model' database_2                    
4 3 'Structure model' chem_comp_atom                
5 3 'Structure model' chem_comp_bond                
6 3 'Structure model' pdbx_initial_refinement_model 
# 
loop_
_pdbx_audit_revision_item.ordinal 
_pdbx_audit_revision_item.revision_ordinal 
_pdbx_audit_revision_item.data_content_type 
_pdbx_audit_revision_item.item 
1  2 'Structure model' '_citation.country'                   
2  2 'Structure model' '_citation.journal_abbrev'            
3  2 'Structure model' '_citation.journal_id_CSD'            
4  2 'Structure model' '_citation.journal_id_ISSN'           
5  2 'Structure model' '_citation.journal_volume'            
6  2 'Structure model' '_citation.page_first'                
7  2 'Structure model' '_citation.page_last'                 
8  2 'Structure model' '_citation.pdbx_database_id_DOI'      
9  2 'Structure model' '_citation.pdbx_database_id_PubMed'   
10 2 'Structure model' '_citation.title'                     
11 2 'Structure model' '_citation.year'                      
12 2 'Structure model' '_database_2.pdbx_DOI'                
13 2 'Structure model' '_database_2.pdbx_database_accession' 
# 
loop_
_software.citation_id 
_software.classification 
_software.compiler_name 
_software.compiler_version 
_software.contact_author 
_software.contact_author_email 
_software.date 
_software.description 
_software.dependencies 
_software.hardware 
_software.language 
_software.location 
_software.mods 
_software.name 
_software.os 
_software.os_version 
_software.type 
_software.version 
_software.pdbx_ordinal 
? 'data reduction'  ? ? ? ? ? ? ? ? ? ? ? HKL-2000    ? ? ? .           1 
? 'data scaling'    ? ? ? ? ? ? ? ? ? ? ? HKL-2000    ? ? ? .           2 
? refinement        ? ? ? ? ? ? ? ? ? ? ? PHENIX      ? ? ? 1.11.1_2575 3 
? 'data extraction' ? ? ? ? ? ? ? ? ? ? ? PDB_EXTRACT ? ? ? 3.25        4 
? phasing           ? ? ? ? ? ? ? ? ? ? ? PHASER      ? ? ? .           5 
# 
_pdbx_entry_details.entry_id                 7JI8 
_pdbx_entry_details.has_ligand_of_interest   N 
_pdbx_entry_details.compound_details         ? 
_pdbx_entry_details.source_details           ? 
_pdbx_entry_details.nonpolymer_details       ? 
_pdbx_entry_details.sequence_details         ? 
# 
loop_
_pdbx_unobs_or_zero_occ_atoms.id 
_pdbx_unobs_or_zero_occ_atoms.PDB_model_num 
_pdbx_unobs_or_zero_occ_atoms.polymer_flag 
_pdbx_unobs_or_zero_occ_atoms.occupancy_flag 
_pdbx_unobs_or_zero_occ_atoms.auth_asym_id 
_pdbx_unobs_or_zero_occ_atoms.auth_comp_id 
_pdbx_unobs_or_zero_occ_atoms.auth_seq_id 
_pdbx_unobs_or_zero_occ_atoms.PDB_ins_code 
_pdbx_unobs_or_zero_occ_atoms.auth_atom_id 
_pdbx_unobs_or_zero_occ_atoms.label_alt_id 
_pdbx_unobs_or_zero_occ_atoms.label_asym_id 
_pdbx_unobs_or_zero_occ_atoms.label_comp_id 
_pdbx_unobs_or_zero_occ_atoms.label_seq_id 
_pdbx_unobs_or_zero_occ_atoms.label_atom_id 
1 1 N 1 C CAC 101 ? O1 ? E CAC 1 O1 
2 1 N 1 C CAC 101 ? O2 ? E CAC 1 O2 
3 1 N 1 C CAC 101 ? C1 ? E CAC 1 C1 
4 1 N 1 C CAC 101 ? C2 ? E CAC 1 C2 
# 
loop_
_chem_comp_atom.comp_id 
_chem_comp_atom.atom_id 
_chem_comp_atom.type_symbol 
_chem_comp_atom.pdbx_aromatic_flag 
_chem_comp_atom.pdbx_stereo_config 
_chem_comp_atom.pdbx_ordinal 
CAC AS     AS N N 1   
CAC O1     O  N N 2   
CAC O2     O  N N 3   
CAC C1     C  N N 4   
CAC C2     C  N N 5   
CAC H11    H  N N 6   
CAC H12    H  N N 7   
CAC H13    H  N N 8   
CAC H21    H  N N 9   
CAC H22    H  N N 10  
CAC H23    H  N N 11  
DA  OP3    O  N N 12  
DA  P      P  N N 13  
DA  OP1    O  N N 14  
DA  OP2    O  N N 15  
DA  "O5'"  O  N N 16  
DA  "C5'"  C  N N 17  
DA  "C4'"  C  N R 18  
DA  "O4'"  O  N N 19  
DA  "C3'"  C  N S 20  
DA  "O3'"  O  N N 21  
DA  "C2'"  C  N N 22  
DA  "C1'"  C  N R 23  
DA  N9     N  Y N 24  
DA  C8     C  Y N 25  
DA  N7     N  Y N 26  
DA  C5     C  Y N 27  
DA  C6     C  Y N 28  
DA  N6     N  N N 29  
DA  N1     N  Y N 30  
DA  C2     C  Y N 31  
DA  N3     N  Y N 32  
DA  C4     C  Y N 33  
DA  HOP3   H  N N 34  
DA  HOP2   H  N N 35  
DA  "H5'"  H  N N 36  
DA  "H5''" H  N N 37  
DA  "H4'"  H  N N 38  
DA  "H3'"  H  N N 39  
DA  "HO3'" H  N N 40  
DA  "H2'"  H  N N 41  
DA  "H2''" H  N N 42  
DA  "H1'"  H  N N 43  
DA  H8     H  N N 44  
DA  H61    H  N N 45  
DA  H62    H  N N 46  
DA  H2     H  N N 47  
DC  OP3    O  N N 48  
DC  P      P  N N 49  
DC  OP1    O  N N 50  
DC  OP2    O  N N 51  
DC  "O5'"  O  N N 52  
DC  "C5'"  C  N N 53  
DC  "C4'"  C  N R 54  
DC  "O4'"  O  N N 55  
DC  "C3'"  C  N S 56  
DC  "O3'"  O  N N 57  
DC  "C2'"  C  N N 58  
DC  "C1'"  C  N R 59  
DC  N1     N  N N 60  
DC  C2     C  N N 61  
DC  O2     O  N N 62  
DC  N3     N  N N 63  
DC  C4     C  N N 64  
DC  N4     N  N N 65  
DC  C5     C  N N 66  
DC  C6     C  N N 67  
DC  HOP3   H  N N 68  
DC  HOP2   H  N N 69  
DC  "H5'"  H  N N 70  
DC  "H5''" H  N N 71  
DC  "H4'"  H  N N 72  
DC  "H3'"  H  N N 73  
DC  "HO3'" H  N N 74  
DC  "H2'"  H  N N 75  
DC  "H2''" H  N N 76  
DC  "H1'"  H  N N 77  
DC  H41    H  N N 78  
DC  H42    H  N N 79  
DC  H5     H  N N 80  
DC  H6     H  N N 81  
DG  OP3    O  N N 82  
DG  P      P  N N 83  
DG  OP1    O  N N 84  
DG  OP2    O  N N 85  
DG  "O5'"  O  N N 86  
DG  "C5'"  C  N N 87  
DG  "C4'"  C  N R 88  
DG  "O4'"  O  N N 89  
DG  "C3'"  C  N S 90  
DG  "O3'"  O  N N 91  
DG  "C2'"  C  N N 92  
DG  "C1'"  C  N R 93  
DG  N9     N  Y N 94  
DG  C8     C  Y N 95  
DG  N7     N  Y N 96  
DG  C5     C  Y N 97  
DG  C6     C  N N 98  
DG  O6     O  N N 99  
DG  N1     N  N N 100 
DG  C2     C  N N 101 
DG  N2     N  N N 102 
DG  N3     N  N N 103 
DG  C4     C  Y N 104 
DG  HOP3   H  N N 105 
DG  HOP2   H  N N 106 
DG  "H5'"  H  N N 107 
DG  "H5''" H  N N 108 
DG  "H4'"  H  N N 109 
DG  "H3'"  H  N N 110 
DG  "HO3'" H  N N 111 
DG  "H2'"  H  N N 112 
DG  "H2''" H  N N 113 
DG  "H1'"  H  N N 114 
DG  H8     H  N N 115 
DG  H1     H  N N 116 
DG  H21    H  N N 117 
DG  H22    H  N N 118 
DT  OP3    O  N N 119 
DT  P      P  N N 120 
DT  OP1    O  N N 121 
DT  OP2    O  N N 122 
DT  "O5'"  O  N N 123 
DT  "C5'"  C  N N 124 
DT  "C4'"  C  N R 125 
DT  "O4'"  O  N N 126 
DT  "C3'"  C  N S 127 
DT  "O3'"  O  N N 128 
DT  "C2'"  C  N N 129 
DT  "C1'"  C  N R 130 
DT  N1     N  N N 131 
DT  C2     C  N N 132 
DT  O2     O  N N 133 
DT  N3     N  N N 134 
DT  C4     C  N N 135 
DT  O4     O  N N 136 
DT  C5     C  N N 137 
DT  C7     C  N N 138 
DT  C6     C  N N 139 
DT  HOP3   H  N N 140 
DT  HOP2   H  N N 141 
DT  "H5'"  H  N N 142 
DT  "H5''" H  N N 143 
DT  "H4'"  H  N N 144 
DT  "H3'"  H  N N 145 
DT  "HO3'" H  N N 146 
DT  "H2'"  H  N N 147 
DT  "H2''" H  N N 148 
DT  "H1'"  H  N N 149 
DT  H3     H  N N 150 
DT  H71    H  N N 151 
DT  H72    H  N N 152 
DT  H73    H  N N 153 
DT  H6     H  N N 154 
# 
loop_
_chem_comp_bond.comp_id 
_chem_comp_bond.atom_id_1 
_chem_comp_bond.atom_id_2 
_chem_comp_bond.value_order 
_chem_comp_bond.pdbx_aromatic_flag 
_chem_comp_bond.pdbx_stereo_config 
_chem_comp_bond.pdbx_ordinal 
CAC AS    O1     doub N N 1   
CAC AS    O2     sing N N 2   
CAC AS    C1     sing N N 3   
CAC AS    C2     sing N N 4   
CAC C1    H11    sing N N 5   
CAC C1    H12    sing N N 6   
CAC C1    H13    sing N N 7   
CAC C2    H21    sing N N 8   
CAC C2    H22    sing N N 9   
CAC C2    H23    sing N N 10  
DA  OP3   P      sing N N 11  
DA  OP3   HOP3   sing N N 12  
DA  P     OP1    doub N N 13  
DA  P     OP2    sing N N 14  
DA  P     "O5'"  sing N N 15  
DA  OP2   HOP2   sing N N 16  
DA  "O5'" "C5'"  sing N N 17  
DA  "C5'" "C4'"  sing N N 18  
DA  "C5'" "H5'"  sing N N 19  
DA  "C5'" "H5''" sing N N 20  
DA  "C4'" "O4'"  sing N N 21  
DA  "C4'" "C3'"  sing N N 22  
DA  "C4'" "H4'"  sing N N 23  
DA  "O4'" "C1'"  sing N N 24  
DA  "C3'" "O3'"  sing N N 25  
DA  "C3'" "C2'"  sing N N 26  
DA  "C3'" "H3'"  sing N N 27  
DA  "O3'" "HO3'" sing N N 28  
DA  "C2'" "C1'"  sing N N 29  
DA  "C2'" "H2'"  sing N N 30  
DA  "C2'" "H2''" sing N N 31  
DA  "C1'" N9     sing N N 32  
DA  "C1'" "H1'"  sing N N 33  
DA  N9    C8     sing Y N 34  
DA  N9    C4     sing Y N 35  
DA  C8    N7     doub Y N 36  
DA  C8    H8     sing N N 37  
DA  N7    C5     sing Y N 38  
DA  C5    C6     sing Y N 39  
DA  C5    C4     doub Y N 40  
DA  C6    N6     sing N N 41  
DA  C6    N1     doub Y N 42  
DA  N6    H61    sing N N 43  
DA  N6    H62    sing N N 44  
DA  N1    C2     sing Y N 45  
DA  C2    N3     doub Y N 46  
DA  C2    H2     sing N N 47  
DA  N3    C4     sing Y N 48  
DC  OP3   P      sing N N 49  
DC  OP3   HOP3   sing N N 50  
DC  P     OP1    doub N N 51  
DC  P     OP2    sing N N 52  
DC  P     "O5'"  sing N N 53  
DC  OP2   HOP2   sing N N 54  
DC  "O5'" "C5'"  sing N N 55  
DC  "C5'" "C4'"  sing N N 56  
DC  "C5'" "H5'"  sing N N 57  
DC  "C5'" "H5''" sing N N 58  
DC  "C4'" "O4'"  sing N N 59  
DC  "C4'" "C3'"  sing N N 60  
DC  "C4'" "H4'"  sing N N 61  
DC  "O4'" "C1'"  sing N N 62  
DC  "C3'" "O3'"  sing N N 63  
DC  "C3'" "C2'"  sing N N 64  
DC  "C3'" "H3'"  sing N N 65  
DC  "O3'" "HO3'" sing N N 66  
DC  "C2'" "C1'"  sing N N 67  
DC  "C2'" "H2'"  sing N N 68  
DC  "C2'" "H2''" sing N N 69  
DC  "C1'" N1     sing N N 70  
DC  "C1'" "H1'"  sing N N 71  
DC  N1    C2     sing N N 72  
DC  N1    C6     sing N N 73  
DC  C2    O2     doub N N 74  
DC  C2    N3     sing N N 75  
DC  N3    C4     doub N N 76  
DC  C4    N4     sing N N 77  
DC  C4    C5     sing N N 78  
DC  N4    H41    sing N N 79  
DC  N4    H42    sing N N 80  
DC  C5    C6     doub N N 81  
DC  C5    H5     sing N N 82  
DC  C6    H6     sing N N 83  
DG  OP3   P      sing N N 84  
DG  OP3   HOP3   sing N N 85  
DG  P     OP1    doub N N 86  
DG  P     OP2    sing N N 87  
DG  P     "O5'"  sing N N 88  
DG  OP2   HOP2   sing N N 89  
DG  "O5'" "C5'"  sing N N 90  
DG  "C5'" "C4'"  sing N N 91  
DG  "C5'" "H5'"  sing N N 92  
DG  "C5'" "H5''" sing N N 93  
DG  "C4'" "O4'"  sing N N 94  
DG  "C4'" "C3'"  sing N N 95  
DG  "C4'" "H4'"  sing N N 96  
DG  "O4'" "C1'"  sing N N 97  
DG  "C3'" "O3'"  sing N N 98  
DG  "C3'" "C2'"  sing N N 99  
DG  "C3'" "H3'"  sing N N 100 
DG  "O3'" "HO3'" sing N N 101 
DG  "C2'" "C1'"  sing N N 102 
DG  "C2'" "H2'"  sing N N 103 
DG  "C2'" "H2''" sing N N 104 
DG  "C1'" N9     sing N N 105 
DG  "C1'" "H1'"  sing N N 106 
DG  N9    C8     sing Y N 107 
DG  N9    C4     sing Y N 108 
DG  C8    N7     doub Y N 109 
DG  C8    H8     sing N N 110 
DG  N7    C5     sing Y N 111 
DG  C5    C6     sing N N 112 
DG  C5    C4     doub Y N 113 
DG  C6    O6     doub N N 114 
DG  C6    N1     sing N N 115 
DG  N1    C2     sing N N 116 
DG  N1    H1     sing N N 117 
DG  C2    N2     sing N N 118 
DG  C2    N3     doub N N 119 
DG  N2    H21    sing N N 120 
DG  N2    H22    sing N N 121 
DG  N3    C4     sing N N 122 
DT  OP3   P      sing N N 123 
DT  OP3   HOP3   sing N N 124 
DT  P     OP1    doub N N 125 
DT  P     OP2    sing N N 126 
DT  P     "O5'"  sing N N 127 
DT  OP2   HOP2   sing N N 128 
DT  "O5'" "C5'"  sing N N 129 
DT  "C5'" "C4'"  sing N N 130 
DT  "C5'" "H5'"  sing N N 131 
DT  "C5'" "H5''" sing N N 132 
DT  "C4'" "O4'"  sing N N 133 
DT  "C4'" "C3'"  sing N N 134 
DT  "C4'" "H4'"  sing N N 135 
DT  "O4'" "C1'"  sing N N 136 
DT  "C3'" "O3'"  sing N N 137 
DT  "C3'" "C2'"  sing N N 138 
DT  "C3'" "H3'"  sing N N 139 
DT  "O3'" "HO3'" sing N N 140 
DT  "C2'" "C1'"  sing N N 141 
DT  "C2'" "H2'"  sing N N 142 
DT  "C2'" "H2''" sing N N 143 
DT  "C1'" N1     sing N N 144 
DT  "C1'" "H1'"  sing N N 145 
DT  N1    C2     sing N N 146 
DT  N1    C6     sing N N 147 
DT  C2    O2     doub N N 148 
DT  C2    N3     sing N N 149 
DT  N3    C4     sing N N 150 
DT  N3    H3     sing N N 151 
DT  C4    O4     doub N N 152 
DT  C4    C5     sing N N 153 
DT  C5    C7     sing N N 154 
DT  C5    C6     doub N N 155 
DT  C7    H71    sing N N 156 
DT  C7    H72    sing N N 157 
DT  C7    H73    sing N N 158 
DT  C6    H6     sing N N 159 
# 
loop_
_ndb_struct_conf_na.entry_id 
_ndb_struct_conf_na.feature 
7JI8 'double helix'        
7JI8 'a-form double helix' 
7JI8 'b-form double helix' 
# 
loop_
_ndb_struct_na_base_pair.model_number 
_ndb_struct_na_base_pair.i_label_asym_id 
_ndb_struct_na_base_pair.i_label_comp_id 
_ndb_struct_na_base_pair.i_label_seq_id 
_ndb_struct_na_base_pair.i_symmetry 
_ndb_struct_na_base_pair.j_label_asym_id 
_ndb_struct_na_base_pair.j_label_comp_id 
_ndb_struct_na_base_pair.j_label_seq_id 
_ndb_struct_na_base_pair.j_symmetry 
_ndb_struct_na_base_pair.shear 
_ndb_struct_na_base_pair.stretch 
_ndb_struct_na_base_pair.stagger 
_ndb_struct_na_base_pair.buckle 
_ndb_struct_na_base_pair.propeller 
_ndb_struct_na_base_pair.opening 
_ndb_struct_na_base_pair.pair_number 
_ndb_struct_na_base_pair.pair_name 
_ndb_struct_na_base_pair.i_auth_asym_id 
_ndb_struct_na_base_pair.i_auth_seq_id 
_ndb_struct_na_base_pair.i_PDB_ins_code 
_ndb_struct_na_base_pair.j_auth_asym_id 
_ndb_struct_na_base_pair.j_auth_seq_id 
_ndb_struct_na_base_pair.j_PDB_ins_code 
_ndb_struct_na_base_pair.hbond_type_28 
_ndb_struct_na_base_pair.hbond_type_12 
1 A DA 3  1_555 D DT 15 1_555 1.902  0.075  0.764  2.714  -11.668 -9.398  1  A_DA3:DT16_D A 3  ? D 16 ? 20 1 
1 A DC 4  1_555 D DG 14 1_555 -0.652 0.114  0.402  -3.178 -11.515 6.580   2  A_DC4:DG15_D A 4  ? D 15 ? 19 1 
1 A DG 5  1_555 D DC 13 1_555 0.379  -0.324 -0.105 -3.212 -5.955  -10.704 3  A_DG5:DC14_D A 5  ? D 14 ? 19 1 
1 A DA 6  1_555 D DT 12 1_555 -0.129 -0.126 -0.217 -2.279 -5.503  1.291   4  A_DA6:DT13_D A 6  ? D 13 ? 20 1 
1 A DC 7  1_555 D DG 11 1_555 0.458  -0.544 0.230  1.033  -3.941  -1.598  5  A_DC7:DG12_D A 7  ? D 12 ? 19 1 
1 A DA 8  1_555 D DT 10 1_555 0.410  -0.486 0.253  -3.189 -9.897  -6.332  6  A_DA8:DT11_D A 8  ? D 11 ? 20 1 
1 A DC 9  1_555 D DG 9  1_555 0.126  -0.139 0.583  -3.245 -8.635  -5.292  7  A_DC9:DG10_D A 9  ? D 10 ? 19 1 
1 A DA 10 1_555 C DT 3  1_555 -0.422 -0.154 0.308  3.169  0.263   6.453   8  A_DA10:DT2_C A 10 ? C 2  ? 20 1 
1 A DG 11 1_555 C DC 2  1_555 -0.290 -0.327 0.248  7.724  1.628   1.063   9  A_DG11:DC1_C A 11 ? C 1  ? 19 1 
1 A DA 12 1_555 C DT 1  1_555 1.135  -0.020 0.116  7.110  -9.817  -18.022 10 A_DA12:DT0_C A 12 ? C 0  ? 20 1 
1 B DC 1  1_555 C DG 6  1_555 -0.563 -0.194 0.362  -2.386 -10.132 -15.388 11 B_DC12:DG5_C B 12 ? C 5  ? 19 1 
1 B DG 2  1_555 C DC 5  1_555 -0.041 -0.598 1.616  12.885 -13.196 -12.455 12 B_DG13:DC4_C B 13 ? C 4  ? 19 1 
1 B DG 3  1_555 C DC 4  1_555 -0.039 0.028  1.104  5.922  -8.436  -8.348  13 B_DG14:DC3_C B 14 ? C 3  ? 19 1 
1 B DC 4  1_555 D DG 8  1_555 -0.305 -0.284 0.504  4.106  -3.071  -6.923  14 B_DC15:DG9_D B 15 ? D 9  ? 19 1 
1 B DG 5  1_555 D DC 7  1_555 0.237  -0.218 0.869  7.375  -1.143  -4.672  15 B_DG16:DC8_D B 16 ? D 8  ? 19 1 
1 B DA 6  1_555 D DT 6  1_555 0.751  -0.318 0.747  3.984  -7.467  -5.239  16 B_DA17:DT7_D B 17 ? D 7  ? 20 1 
1 B DC 7  1_555 D DG 5  1_555 0.192  -0.464 0.479  1.435  -9.571  -4.902  17 B_DC18:DG6_D B 18 ? D 6  ? 19 1 
1 B DT 8  1_555 D DA 4  1_555 -0.788 -0.504 0.355  -2.938 -6.008  -6.259  18 B_DT19:DA5_D B 19 ? D 5  ? 20 1 
1 B DC 9  1_555 D DG 3  1_555 0.867  -0.452 0.169  1.757  -7.996  -8.702  19 B_DC20:DG4_D B 20 ? D 4  ? 19 1 
# 
loop_
_ndb_struct_na_base_pair_step.model_number 
_ndb_struct_na_base_pair_step.i_label_asym_id_1 
_ndb_struct_na_base_pair_step.i_label_comp_id_1 
_ndb_struct_na_base_pair_step.i_label_seq_id_1 
_ndb_struct_na_base_pair_step.i_symmetry_1 
_ndb_struct_na_base_pair_step.j_label_asym_id_1 
_ndb_struct_na_base_pair_step.j_label_comp_id_1 
_ndb_struct_na_base_pair_step.j_label_seq_id_1 
_ndb_struct_na_base_pair_step.j_symmetry_1 
_ndb_struct_na_base_pair_step.i_label_asym_id_2 
_ndb_struct_na_base_pair_step.i_label_comp_id_2 
_ndb_struct_na_base_pair_step.i_label_seq_id_2 
_ndb_struct_na_base_pair_step.i_symmetry_2 
_ndb_struct_na_base_pair_step.j_label_asym_id_2 
_ndb_struct_na_base_pair_step.j_label_comp_id_2 
_ndb_struct_na_base_pair_step.j_label_seq_id_2 
_ndb_struct_na_base_pair_step.j_symmetry_2 
_ndb_struct_na_base_pair_step.shift 
_ndb_struct_na_base_pair_step.slide 
_ndb_struct_na_base_pair_step.rise 
_ndb_struct_na_base_pair_step.tilt 
_ndb_struct_na_base_pair_step.roll 
_ndb_struct_na_base_pair_step.twist 
_ndb_struct_na_base_pair_step.x_displacement 
_ndb_struct_na_base_pair_step.y_displacement 
_ndb_struct_na_base_pair_step.helical_rise 
_ndb_struct_na_base_pair_step.inclination 
_ndb_struct_na_base_pair_step.tip 
_ndb_struct_na_base_pair_step.helical_twist 
_ndb_struct_na_base_pair_step.step_number 
_ndb_struct_na_base_pair_step.step_name 
_ndb_struct_na_base_pair_step.i_auth_asym_id_1 
_ndb_struct_na_base_pair_step.i_auth_seq_id_1 
_ndb_struct_na_base_pair_step.i_PDB_ins_code_1 
_ndb_struct_na_base_pair_step.j_auth_asym_id_1 
_ndb_struct_na_base_pair_step.j_auth_seq_id_1 
_ndb_struct_na_base_pair_step.j_PDB_ins_code_1 
_ndb_struct_na_base_pair_step.i_auth_asym_id_2 
_ndb_struct_na_base_pair_step.i_auth_seq_id_2 
_ndb_struct_na_base_pair_step.i_PDB_ins_code_2 
_ndb_struct_na_base_pair_step.j_auth_asym_id_2 
_ndb_struct_na_base_pair_step.j_auth_seq_id_2 
_ndb_struct_na_base_pair_step.j_PDB_ins_code_2 
1 A DA 3  1_555 D DT 15 1_555 A DC 4  1_555 D DG 14 1_555 0.618  -0.615 3.315 3.120  -0.220 22.535 -1.479 -0.413 3.374 -0.559 
-7.933 22.748 1  AA_DA3DC4:DG15DT16_DD A 3  ? D 16 ? A 4  ? D 15 ? 
1 A DC 4  1_555 D DG 14 1_555 A DG 5  1_555 D DC 13 1_555 -0.389 0.745  3.579 -0.003 0.941  47.283 0.845  0.485  3.592 1.173  
0.003  47.292 2  AA_DC4DG5:DC14DG15_DD A 4  ? D 15 ? A 5  ? D 14 ? 
1 A DG 5  1_555 D DC 13 1_555 A DA 6  1_555 D DT 12 1_555 -0.234 -0.088 3.284 0.894  3.805  30.951 -0.888 0.606  3.242 7.095  
-1.667 31.191 3  AA_DG5DA6:DT13DC14_DD A 5  ? D 14 ? A 6  ? D 13 ? 
1 A DA 6  1_555 D DT 12 1_555 A DC 7  1_555 D DG 11 1_555 0.517  -0.830 3.269 -3.641 0.104  35.471 -1.371 -1.367 3.199 0.170  
5.956  35.651 4  AA_DA6DC7:DG12DT13_DD A 6  ? D 13 ? A 7  ? D 12 ? 
1 A DC 7  1_555 D DG 11 1_555 A DA 8  1_555 D DT 10 1_555 -0.496 -0.678 3.282 0.395  -3.285 38.597 -0.615 0.796  3.321 -4.959 
-0.596 38.733 5  AA_DC7DA8:DT11DG12_DD A 7  ? D 12 ? A 8  ? D 11 ? 
1 A DA 8  1_555 D DT 10 1_555 A DC 9  1_555 D DG 9  1_555 0.230  -1.048 3.276 -3.272 -1.539 33.102 -1.572 -0.950 3.282 -2.691 
5.721  33.293 6  AA_DA8DC9:DG10DT11_DD A 8  ? D 11 ? A 9  ? D 10 ? 
1 A DC 9  1_555 D DG 9  1_555 A DA 10 1_555 C DT 3  1_555 -0.898 -1.696 2.769 -4.139 5.340  25.245 -4.940 1.068  2.477 11.947 
9.259  26.119 7  AA_DC9DA10:DT2DG10_CD A 9  ? D 10 ? A 10 ? C 2  ? 
1 A DA 10 1_555 C DT 3  1_555 A DG 11 1_555 C DC 2  1_555 -0.239 0.213  3.416 -0.297 5.959  30.025 -0.835 0.391  3.396 11.362 
0.566  30.598 8  AA_DA10DG11:DC1DT2_CC A 10 ? C 2  ? A 11 ? C 1  ? 
1 A DG 11 1_555 C DC 2  1_555 A DA 12 1_555 C DT 1  1_555 -1.304 0.239  3.482 -1.308 2.938  43.729 0.020  1.613  3.525 3.938  
1.753  43.841 9  AA_DG11DA12:DT0DC1_CC A 11 ? C 1  ? A 12 ? C 0  ? 
1 B DC 1  1_555 C DG 6  1_555 B DG 2  1_555 C DC 5  1_555 0.507  -0.898 2.968 -7.887 2.856  34.495 -1.842 -1.850 2.710 4.730  
13.062 35.470 10 BB_DC12DG13:DC4DG5_CC B 12 ? C 5  ? B 13 ? C 4  ? 
1 B DG 2  1_555 C DC 5  1_555 B DG 3  1_555 C DC 4  1_555 0.627  -1.246 3.378 4.273  0.030  38.948 -1.862 -0.402 3.424 0.044  
-6.385 39.173 11 BB_DG13DG14:DC3DC4_CC B 13 ? C 4  ? B 14 ? C 3  ? 
1 B DG 3  1_555 C DC 4  1_555 B DC 4  1_555 D DG 8  1_555 -0.769 -1.349 3.225 1.430  -2.658 28.672 -2.117 1.864  3.293 -5.349 
-2.877 28.827 12 BB_DG14DC15:DG9DC3_DC B 14 ? C 3  ? B 15 ? D 9  ? 
1 B DC 4  1_555 D DG 8  1_555 B DG 5  1_555 D DC 7  1_555 -0.282 0.272  3.300 -2.597 7.049  39.498 -0.420 0.109  3.309 10.317 
3.801  40.178 13 BB_DC15DG16:DC8DG9_DD B 15 ? D 9  ? B 16 ? D 8  ? 
1 B DG 5  1_555 D DC 7  1_555 B DA 6  1_555 D DT 6  1_555 -0.071 -0.673 3.307 0.422  4.436  36.180 -1.691 0.172  3.203 7.110  
-0.676 36.444 14 BB_DG16DA17:DT7DC8_DD B 16 ? D 8  ? B 17 ? D 7  ? 
1 B DA 6  1_555 D DT 6  1_555 B DC 7  1_555 D DG 5  1_555 0.453  -1.116 3.290 0.124  2.230  32.934 -2.341 -0.777 3.212 3.928  
-0.219 33.007 15 BB_DA17DC18:DG6DT7_DD B 17 ? D 7  ? B 18 ? D 6  ? 
1 B DC 7  1_555 D DG 5  1_555 B DT 8  1_555 D DA 4  1_555 -0.358 -0.503 3.445 3.994  -0.088 28.826 -0.980 1.627  3.367 -0.176 
-7.973 29.096 16 BB_DC18DT19:DA5DG6_DD B 18 ? D 6  ? B 19 ? D 5  ? 
1 B DT 8  1_555 D DA 4  1_555 B DC 9  1_555 D DG 3  1_555 -0.508 0.009  3.468 1.296  1.905  43.128 -0.185 0.825  3.449 2.589  
-1.761 43.186 17 BB_DT19DC20:DG4DA5_DD B 19 ? D 5  ? B 20 ? D 4  ? 
# 
loop_
_pdbx_audit_support.funding_organization 
_pdbx_audit_support.country 
_pdbx_audit_support.grant_number 
_pdbx_audit_support.ordinal 
'National Science Foundation (NSF, United States)'                                         'United States' 1360635     1 
'National Institutes of Health/National Institute of General Medical Sciences (NIH/NIGMS)' 'United States' R01GM104960 2 
'National Science Foundation (NSF, United States)'                                         'United States' NSF2004250  3 
# 
_pdbx_entity_nonpoly.entity_id   5 
_pdbx_entity_nonpoly.name        'CACODYLATE ION' 
_pdbx_entity_nonpoly.comp_id     CAC 
# 
_pdbx_initial_refinement_model.id               1 
_pdbx_initial_refinement_model.entity_id_list   ? 
_pdbx_initial_refinement_model.type             'experimental model' 
_pdbx_initial_refinement_model.source_name      PDB 
_pdbx_initial_refinement_model.accession_code   6XNA 
_pdbx_initial_refinement_model.details          ? 
# 
_pdbx_struct_assembly_auth_evidence.id                     1 
_pdbx_struct_assembly_auth_evidence.assembly_id            1 
_pdbx_struct_assembly_auth_evidence.experimental_support   none 
_pdbx_struct_assembly_auth_evidence.details                ? 
# 
